data_6E8U
# 
_entry.id   6E8U 
# 
_audit_conform.dict_name       mmcif_pdbx.dic 
_audit_conform.dict_version    5.379 
_audit_conform.dict_location   http://mmcif.pdb.org/dictionaries/ascii/mmcif_pdbx.dic 
# 
loop_
_database_2.database_id 
_database_2.database_code 
_database_2.pdbx_database_accession 
_database_2.pdbx_DOI 
PDB   6E8U         pdb_00006e8u 10.2210/pdb6e8u/pdb 
WWPDB D_1000235919 ?            ?                   
# 
_pdbx_database_status.status_code                     REL 
_pdbx_database_status.status_code_sf                  REL 
_pdbx_database_status.status_code_mr                  ? 
_pdbx_database_status.entry_id                        6E8U 
_pdbx_database_status.recvd_initial_deposition_date   2018-07-31 
_pdbx_database_status.SG_entry                        N 
_pdbx_database_status.deposit_site                    RCSB 
_pdbx_database_status.process_site                    RCSB 
_pdbx_database_status.status_code_cs                  ? 
_pdbx_database_status.methods_development_category    ? 
_pdbx_database_status.pdb_format_compatible           Y 
_pdbx_database_status.status_code_nmr_data            ? 
# 
loop_
_audit_author.name 
_audit_author.pdbx_ordinal 
_audit_author.identifier_ORCID 
'Trachman, R.J.'      1 0000-0001-7459-2457 
;Ferre-D'Amare, A.R.
;
2 ?                   
# 
_citation.abstract                  ? 
_citation.abstract_id_CAS           ? 
_citation.book_id_ISBN              ? 
_citation.book_publisher            ? 
_citation.book_publisher_city       ? 
_citation.book_title                ? 
_citation.coordinate_linkage        ? 
_citation.country                   US 
_citation.database_id_Medline       ? 
_citation.details                   ? 
_citation.id                        primary 
_citation.journal_abbrev            'Nat. Chem. Biol.' 
_citation.journal_id_ASTM           ? 
_citation.journal_id_CSD            ? 
_citation.journal_id_ISSN           1552-4469 
_citation.journal_full              ? 
_citation.journal_issue             ? 
_citation.journal_volume            15 
_citation.language                  ? 
_citation.page_first                472 
_citation.page_last                 479 
_citation.title                     'Structure and functional reselection of the Mango-III fluorogenic RNA aptamer.' 
_citation.year                      2019 
_citation.database_id_CSD           ? 
_citation.pdbx_database_id_DOI      10.1038/s41589-019-0267-9 
_citation.pdbx_database_id_PubMed   30992561 
_citation.unpublished_flag          ? 
# 
loop_
_citation_author.citation_id 
_citation_author.name 
_citation_author.ordinal 
_citation_author.identifier_ORCID 
primary 'Trachman 3rd., R.J.' 1  ?                   
primary 'Autour, A.'          2  ?                   
primary 'Jeng, S.C.Y.'        3  ?                   
primary 'Abdolahzadeh, A.'    4  ?                   
primary 'Andreoni, A.'        5  0000-0003-4415-2770 
primary 'Cojocaru, R.'        6  ?                   
primary 'Garipov, R.'         7  ?                   
primary 'Dolgosheina, E.V.'   8  ?                   
primary 'Knutson, J.R.'       9  ?                   
primary 'Ryckelynck, M.'      10 0000-0002-2225-3733 
primary 'Unrau, P.J.'         11 ?                   
primary 
;Ferre-D'Amare, A.R.
;
12 0000-0003-4549-1619 
# 
_cell.angle_alpha                  90.000 
_cell.angle_alpha_esd              ? 
_cell.angle_beta                   90.000 
_cell.angle_beta_esd               ? 
_cell.angle_gamma                  90.000 
_cell.angle_gamma_esd              ? 
_cell.entry_id                     6E8U 
_cell.details                      ? 
_cell.formula_units_Z              ? 
_cell.length_a                     53.270 
_cell.length_a_esd                 ? 
_cell.length_b                     53.270 
_cell.length_b_esd                 ? 
_cell.length_c                     188.036 
_cell.length_c_esd                 ? 
_cell.volume                       533588.422 
_cell.volume_esd                   ? 
_cell.Z_PDB                        16 
_cell.reciprocal_angle_alpha       ? 
_cell.reciprocal_angle_beta        ? 
_cell.reciprocal_angle_gamma       ? 
_cell.reciprocal_angle_alpha_esd   ? 
_cell.reciprocal_angle_beta_esd    ? 
_cell.reciprocal_angle_gamma_esd   ? 
_cell.reciprocal_length_a          ? 
_cell.reciprocal_length_b          ? 
_cell.reciprocal_length_c          ? 
_cell.reciprocal_length_a_esd      ? 
_cell.reciprocal_length_b_esd      ? 
_cell.reciprocal_length_c_esd      ? 
_cell.pdbx_unique_axis             ? 
# 
_symmetry.entry_id                         6E8U 
_symmetry.cell_setting                     ? 
_symmetry.Int_Tables_number                98 
_symmetry.space_group_name_Hall            'I 4bw 2bw' 
_symmetry.space_group_name_H-M             'I 41 2 2' 
_symmetry.pdbx_full_space_group_name_H-M   ? 
# 
loop_
_entity.id 
_entity.type 
_entity.src_method 
_entity.pdbx_description 
_entity.formula_weight 
_entity.pdbx_number_of_molecules 
_entity.pdbx_ec 
_entity.pdbx_mutation 
_entity.pdbx_fragment 
_entity.details 
1 polymer     syn 'RNA (37-MER)' 12050.145 1   ? ? ? ? 
2 non-polymer syn 'MAGNESIUM ION' 24.305    5   ? ? ? ? 
3 non-polymer syn 
;4-[(3-{2,16-dioxo-20-[(3aR,4R,6aS)-2-oxohexahydro-1H-thieno[3,4-d]imidazol-4-yl]-6,9,12-trioxa-3,15-diazaicosan-1-yl}-1,3-benzothiazol-3-ium-2-yl)methyl]-1-methylquinolin-1-ium
;
750.970   1   ? ? ? ? 
4 non-polymer syn 'SODIUM ION' 22.990    2   ? ? ? ? 
5 non-polymer syn 'POTASSIUM ION' 39.098    1   ? ? ? ? 
6 water       nat water 18.015    143 ? ? ? ? 
# 
_entity_name_com.entity_id   1 
_entity_name_com.name        'Mango-III (A10U) aptamer' 
# 
_entity_poly.entity_id                      1 
_entity_poly.type                           polyribonucleotide 
_entity_poly.nstd_linkage                   no 
_entity_poly.nstd_monomer                   no 
_entity_poly.pdbx_seq_one_letter_code       GUACGAAGGAAGGUUUGGUAUGGGGUAGUUGUCGUAC 
_entity_poly.pdbx_seq_one_letter_code_can   GUACGAAGGAAGGUUUGGUAUGGGGUAGUUGUCGUAC 
_entity_poly.pdbx_strand_id                 B 
_entity_poly.pdbx_target_identifier         ? 
# 
loop_
_entity_poly_seq.entity_id 
_entity_poly_seq.num 
_entity_poly_seq.mon_id 
_entity_poly_seq.hetero 
1 1  G n 
1 2  U n 
1 3  A n 
1 4  C n 
1 5  G n 
1 6  A n 
1 7  A n 
1 8  G n 
1 9  G n 
1 10 A n 
1 11 A n 
1 12 G n 
1 13 G n 
1 14 U n 
1 15 U n 
1 16 U n 
1 17 G n 
1 18 G n 
1 19 U n 
1 20 A n 
1 21 U n 
1 22 G n 
1 23 G n 
1 24 G n 
1 25 G n 
1 26 U n 
1 27 A n 
1 28 G n 
1 29 U n 
1 30 U n 
1 31 G n 
1 32 U n 
1 33 C n 
1 34 G n 
1 35 U n 
1 36 A n 
1 37 C n 
# 
_pdbx_entity_src_syn.entity_id              1 
_pdbx_entity_src_syn.pdbx_src_id            1 
_pdbx_entity_src_syn.pdbx_alt_source_flag   sample 
_pdbx_entity_src_syn.pdbx_beg_seq_num       1 
_pdbx_entity_src_syn.pdbx_end_seq_num       37 
_pdbx_entity_src_syn.organism_scientific    'synthetic construct' 
_pdbx_entity_src_syn.organism_common_name   ? 
_pdbx_entity_src_syn.ncbi_taxonomy_id       32630 
_pdbx_entity_src_syn.details                synthetic 
# 
_struct_ref.id                         1 
_struct_ref.db_name                    PDB 
_struct_ref.db_code                    6E8U 
_struct_ref.pdbx_db_accession          6E8U 
_struct_ref.pdbx_db_isoform            ? 
_struct_ref.entity_id                  1 
_struct_ref.pdbx_seq_one_letter_code   ? 
_struct_ref.pdbx_align_begin           1 
# 
_struct_ref_seq.align_id                      1 
_struct_ref_seq.ref_id                        1 
_struct_ref_seq.pdbx_PDB_id_code              6E8U 
_struct_ref_seq.pdbx_strand_id                B 
_struct_ref_seq.seq_align_beg                 1 
_struct_ref_seq.pdbx_seq_align_beg_ins_code   ? 
_struct_ref_seq.seq_align_end                 37 
_struct_ref_seq.pdbx_seq_align_end_ins_code   ? 
_struct_ref_seq.pdbx_db_accession             6E8U 
_struct_ref_seq.db_align_beg                  1 
_struct_ref_seq.pdbx_db_align_beg_ins_code    ? 
_struct_ref_seq.db_align_end                  37 
_struct_ref_seq.pdbx_db_align_end_ins_code    ? 
_struct_ref_seq.pdbx_auth_seq_align_beg       1 
_struct_ref_seq.pdbx_auth_seq_align_end       37 
# 
loop_
_chem_comp.id 
_chem_comp.type 
_chem_comp.mon_nstd_flag 
_chem_comp.name 
_chem_comp.pdbx_synonyms 
_chem_comp.formula 
_chem_comp.formula_weight 
A   'RNA linking' y "ADENOSINE-5'-MONOPHOSPHATE" ? 'C10 H14 N5 O7 P'    347.221 
C   'RNA linking' y "CYTIDINE-5'-MONOPHOSPHATE" ? 'C9 H14 N3 O8 P'     323.197 
G   'RNA linking' y "GUANOSINE-5'-MONOPHOSPHATE" ? 'C10 H14 N5 O8 P'    363.221 
HOH non-polymer   . WATER ? 'H2 O'               18.015  
HZD non-polymer   . 
;4-[(3-{2,16-dioxo-20-[(3aR,4R,6aS)-2-oxohexahydro-1H-thieno[3,4-d]imidazol-4-yl]-6,9,12-trioxa-3,15-diazaicosan-1-yl}-1,3-benzothiazol-3-ium-2-yl)methyl]-1-methylquinolin-1-ium
;
? 'C38 H50 N6 O6 S2 2' 750.970 
K   non-polymer   . 'POTASSIUM ION' ? 'K 1'                39.098  
MG  non-polymer   . 'MAGNESIUM ION' ? 'Mg 2'               24.305  
NA  non-polymer   . 'SODIUM ION' ? 'Na 1'               22.990  
U   'RNA linking' y "URIDINE-5'-MONOPHOSPHATE" ? 'C9 H13 N2 O9 P'     324.181 
# 
_exptl.absorpt_coefficient_mu     ? 
_exptl.absorpt_correction_T_max   ? 
_exptl.absorpt_correction_T_min   ? 
_exptl.absorpt_correction_type    ? 
_exptl.absorpt_process_details    ? 
_exptl.entry_id                   6E8U 
_exptl.crystals_number            1 
_exptl.details                    ? 
_exptl.method                     'X-RAY DIFFRACTION' 
_exptl.method_details             ? 
# 
_exptl_crystal.colour                      ? 
_exptl_crystal.density_diffrn              ? 
_exptl_crystal.density_Matthews            2.77 
_exptl_crystal.density_method              ? 
_exptl_crystal.density_percent_sol         55.56 
_exptl_crystal.description                 ? 
_exptl_crystal.F_000                       ? 
_exptl_crystal.id                          1 
_exptl_crystal.preparation                 ? 
_exptl_crystal.size_max                    ? 
_exptl_crystal.size_mid                    ? 
_exptl_crystal.size_min                    ? 
_exptl_crystal.size_rad                    ? 
_exptl_crystal.colour_lustre               ? 
_exptl_crystal.colour_modifier             ? 
_exptl_crystal.colour_primary              ? 
_exptl_crystal.density_meas                ? 
_exptl_crystal.density_meas_esd            ? 
_exptl_crystal.density_meas_gt             ? 
_exptl_crystal.density_meas_lt             ? 
_exptl_crystal.density_meas_temp           ? 
_exptl_crystal.density_meas_temp_esd       ? 
_exptl_crystal.density_meas_temp_gt        ? 
_exptl_crystal.density_meas_temp_lt        ? 
_exptl_crystal.pdbx_crystal_image_url      ? 
_exptl_crystal.pdbx_crystal_image_format   ? 
_exptl_crystal.pdbx_mosaicity              ? 
_exptl_crystal.pdbx_mosaicity_esd          ? 
# 
_exptl_crystal_grow.apparatus       ? 
_exptl_crystal_grow.atmosphere      ? 
_exptl_crystal_grow.crystal_id      1 
_exptl_crystal_grow.details         ? 
_exptl_crystal_grow.method          'VAPOR DIFFUSION, SITTING DROP' 
_exptl_crystal_grow.method_ref      ? 
_exptl_crystal_grow.pH              7.1 
_exptl_crystal_grow.pressure        ? 
_exptl_crystal_grow.pressure_esd    ? 
_exptl_crystal_grow.seeding         ? 
_exptl_crystal_grow.seeding_ref     ? 
_exptl_crystal_grow.temp            ? 
_exptl_crystal_grow.temp_details    ? 
_exptl_crystal_grow.temp_esd        ? 
_exptl_crystal_grow.time            ? 
_exptl_crystal_grow.pdbx_details    '0.1 M NaCacodylate pH 7.1, PEG3350 16%, 0.25 M Magnesium Acetate' 
_exptl_crystal_grow.pdbx_pH_range   ? 
# 
_diffrn.ambient_environment              ? 
_diffrn.ambient_temp                     100 
_diffrn.ambient_temp_details             ? 
_diffrn.ambient_temp_esd                 ? 
_diffrn.crystal_id                       1 
_diffrn.crystal_support                  ? 
_diffrn.crystal_treatment                ? 
_diffrn.details                          ? 
_diffrn.id                               1 
_diffrn.ambient_pressure                 ? 
_diffrn.ambient_pressure_esd             ? 
_diffrn.ambient_pressure_gt              ? 
_diffrn.ambient_pressure_lt              ? 
_diffrn.ambient_temp_gt                  ? 
_diffrn.ambient_temp_lt                  ? 
_diffrn.pdbx_serial_crystal_experiment   ? 
# 
_diffrn_detector.details                      ? 
_diffrn_detector.detector                     PIXEL 
_diffrn_detector.diffrn_id                    1 
_diffrn_detector.type                         'DECTRIS PILATUS3 6M' 
_diffrn_detector.area_resol_mean              ? 
_diffrn_detector.dtime                        ? 
_diffrn_detector.pdbx_frames_total            ? 
_diffrn_detector.pdbx_collection_time_total   ? 
_diffrn_detector.pdbx_collection_date         2018-03-17 
_diffrn_detector.pdbx_frequency               ? 
# 
_diffrn_radiation.collimation                      ? 
_diffrn_radiation.diffrn_id                        1 
_diffrn_radiation.filter_edge                      ? 
_diffrn_radiation.inhomogeneity                    ? 
_diffrn_radiation.monochromator                    ? 
_diffrn_radiation.polarisn_norm                    ? 
_diffrn_radiation.polarisn_ratio                   ? 
_diffrn_radiation.probe                            ? 
_diffrn_radiation.type                             ? 
_diffrn_radiation.xray_symbol                      ? 
_diffrn_radiation.wavelength_id                    1 
_diffrn_radiation.pdbx_monochromatic_or_laue_m_l   M 
_diffrn_radiation.pdbx_wavelength_list             ? 
_diffrn_radiation.pdbx_wavelength                  ? 
_diffrn_radiation.pdbx_diffrn_protocol             'SINGLE WAVELENGTH' 
_diffrn_radiation.pdbx_analyzer                    ? 
_diffrn_radiation.pdbx_scattering_type             x-ray 
# 
_diffrn_radiation_wavelength.id           1 
_diffrn_radiation_wavelength.wavelength   0.9792 
_diffrn_radiation_wavelength.wt           1.0 
# 
_diffrn_source.current                     ? 
_diffrn_source.details                     ? 
_diffrn_source.diffrn_id                   1 
_diffrn_source.power                       ? 
_diffrn_source.size                        ? 
_diffrn_source.source                      SYNCHROTRON 
_diffrn_source.target                      ? 
_diffrn_source.type                        'APS BEAMLINE 24-ID-C' 
_diffrn_source.voltage                     ? 
_diffrn_source.take-off_angle              ? 
_diffrn_source.pdbx_wavelength_list        0.9792 
_diffrn_source.pdbx_wavelength             ? 
_diffrn_source.pdbx_synchrotron_beamline   24-ID-C 
_diffrn_source.pdbx_synchrotron_site       APS 
# 
_reflns.B_iso_Wilson_estimate            23.95 
_reflns.entry_id                         6E8U 
_reflns.data_reduction_details           ? 
_reflns.data_reduction_method            ? 
_reflns.d_resolution_high                1.51 
_reflns.d_resolution_low                 40.59 
_reflns.details                          ? 
_reflns.limit_h_max                      ? 
_reflns.limit_h_min                      ? 
_reflns.limit_k_max                      ? 
_reflns.limit_k_min                      ? 
_reflns.limit_l_max                      ? 
_reflns.limit_l_min                      ? 
_reflns.number_all                       ? 
_reflns.number_obs                       20010 
_reflns.observed_criterion               ? 
_reflns.observed_criterion_F_max         ? 
_reflns.observed_criterion_F_min         ? 
_reflns.observed_criterion_I_max         ? 
_reflns.observed_criterion_I_min         ? 
_reflns.observed_criterion_sigma_F       ? 
_reflns.observed_criterion_sigma_I       ? 
_reflns.percent_possible_obs             99.9 
_reflns.R_free_details                   ? 
_reflns.Rmerge_F_all                     ? 
_reflns.Rmerge_F_obs                     ? 
_reflns.Friedel_coverage                 ? 
_reflns.number_gt                        ? 
_reflns.threshold_expression             ? 
_reflns.pdbx_redundancy                  10.2 
_reflns.pdbx_Rmerge_I_obs                0.05 
_reflns.pdbx_Rmerge_I_all                ? 
_reflns.pdbx_Rsym_value                  ? 
_reflns.pdbx_netI_over_av_sigmaI         ? 
_reflns.pdbx_netI_over_sigmaI            20.9 
_reflns.pdbx_res_netI_over_av_sigmaI_2   ? 
_reflns.pdbx_res_netI_over_sigmaI_2      ? 
_reflns.pdbx_chi_squared                 ? 
_reflns.pdbx_scaling_rejects             ? 
_reflns.pdbx_d_res_high_opt              ? 
_reflns.pdbx_d_res_low_opt               ? 
_reflns.pdbx_d_res_opt_method            ? 
_reflns.phase_calculation_details        ? 
_reflns.pdbx_Rrim_I_all                  ? 
_reflns.pdbx_Rpim_I_all                  ? 
_reflns.pdbx_d_opt                       ? 
_reflns.pdbx_number_measured_all         ? 
_reflns.pdbx_diffrn_id                   1 
_reflns.pdbx_ordinal                     1 
_reflns.pdbx_CC_half                     ? 
_reflns.pdbx_R_split                     ? 
# 
_reflns_shell.d_res_high                  1.51 
_reflns_shell.d_res_low                   1.61 
_reflns_shell.meanI_over_sigI_all         ? 
_reflns_shell.meanI_over_sigI_obs         1.5 
_reflns_shell.number_measured_all         ? 
_reflns_shell.number_measured_obs         ? 
_reflns_shell.number_possible             ? 
_reflns_shell.number_unique_all           ? 
_reflns_shell.number_unique_obs           1951 
_reflns_shell.percent_possible_all        98.6 
_reflns_shell.percent_possible_obs        ? 
_reflns_shell.Rmerge_F_all                ? 
_reflns_shell.Rmerge_F_obs                ? 
_reflns_shell.Rmerge_I_all                ? 
_reflns_shell.Rmerge_I_obs                1.0 
_reflns_shell.meanI_over_sigI_gt          ? 
_reflns_shell.meanI_over_uI_all           ? 
_reflns_shell.meanI_over_uI_gt            ? 
_reflns_shell.number_measured_gt          ? 
_reflns_shell.number_unique_gt            ? 
_reflns_shell.percent_possible_gt         ? 
_reflns_shell.Rmerge_F_gt                 ? 
_reflns_shell.Rmerge_I_gt                 ? 
_reflns_shell.pdbx_redundancy             10.6 
_reflns_shell.pdbx_Rsym_value             ? 
_reflns_shell.pdbx_chi_squared            ? 
_reflns_shell.pdbx_netI_over_sigmaI_all   ? 
_reflns_shell.pdbx_netI_over_sigmaI_obs   ? 
_reflns_shell.pdbx_Rrim_I_all             ? 
_reflns_shell.pdbx_Rpim_I_all             ? 
_reflns_shell.pdbx_rejects                ? 
_reflns_shell.pdbx_ordinal                1 
_reflns_shell.pdbx_diffrn_id              1 
_reflns_shell.pdbx_CC_half                ? 
_reflns_shell.pdbx_R_split                ? 
# 
_refine.aniso_B[1][1]                            ? 
_refine.aniso_B[1][2]                            ? 
_refine.aniso_B[1][3]                            ? 
_refine.aniso_B[2][2]                            ? 
_refine.aniso_B[2][3]                            ? 
_refine.aniso_B[3][3]                            ? 
_refine.B_iso_max                                ? 
_refine.B_iso_mean                               32.67 
_refine.B_iso_min                                ? 
_refine.correlation_coeff_Fo_to_Fc               ? 
_refine.correlation_coeff_Fo_to_Fc_free          ? 
_refine.details                                  ? 
_refine.diff_density_max                         ? 
_refine.diff_density_max_esd                     ? 
_refine.diff_density_min                         ? 
_refine.diff_density_min_esd                     ? 
_refine.diff_density_rms                         ? 
_refine.diff_density_rms_esd                     ? 
_refine.entry_id                                 6E8U 
_refine.pdbx_refine_id                           'X-RAY DIFFRACTION' 
_refine.ls_abs_structure_details                 ? 
_refine.ls_abs_structure_Flack                   ? 
_refine.ls_abs_structure_Flack_esd               ? 
_refine.ls_abs_structure_Rogers                  ? 
_refine.ls_abs_structure_Rogers_esd              ? 
_refine.ls_d_res_high                            1.55 
_refine.ls_d_res_low                             40.59 
_refine.ls_extinction_coef                       ? 
_refine.ls_extinction_coef_esd                   ? 
_refine.ls_extinction_expression                 ? 
_refine.ls_extinction_method                     ? 
_refine.ls_goodness_of_fit_all                   ? 
_refine.ls_goodness_of_fit_all_esd               ? 
_refine.ls_goodness_of_fit_obs                   ? 
_refine.ls_goodness_of_fit_obs_esd               ? 
_refine.ls_hydrogen_treatment                    ? 
_refine.ls_matrix_type                           ? 
_refine.ls_number_constraints                    ? 
_refine.ls_number_parameters                     ? 
_refine.ls_number_reflns_all                     ? 
_refine.ls_number_reflns_obs                     20010 
_refine.ls_number_reflns_R_free                  1856 
_refine.ls_number_reflns_R_work                  ? 
_refine.ls_number_restraints                     ? 
_refine.ls_percent_reflns_obs                    98.65 
_refine.ls_percent_reflns_R_free                 9.28 
_refine.ls_R_factor_all                          ? 
_refine.ls_R_factor_obs                          0.1794 
_refine.ls_R_factor_R_free                       0.2064 
_refine.ls_R_factor_R_free_error                 ? 
_refine.ls_R_factor_R_free_error_details         ? 
_refine.ls_R_factor_R_work                       0.1767 
_refine.ls_R_Fsqd_factor_obs                     ? 
_refine.ls_R_I_factor_obs                        ? 
_refine.ls_redundancy_reflns_all                 ? 
_refine.ls_redundancy_reflns_obs                 ? 
_refine.ls_restrained_S_all                      ? 
_refine.ls_restrained_S_obs                      ? 
_refine.ls_shift_over_esd_max                    ? 
_refine.ls_shift_over_esd_mean                   ? 
_refine.ls_structure_factor_coef                 ? 
_refine.ls_weighting_details                     ? 
_refine.ls_weighting_scheme                      ? 
_refine.ls_wR_factor_all                         ? 
_refine.ls_wR_factor_obs                         ? 
_refine.ls_wR_factor_R_free                      ? 
_refine.ls_wR_factor_R_work                      ? 
_refine.occupancy_max                            ? 
_refine.occupancy_min                            ? 
_refine.solvent_model_details                    ? 
_refine.solvent_model_param_bsol                 ? 
_refine.solvent_model_param_ksol                 ? 
_refine.ls_R_factor_gt                           ? 
_refine.ls_goodness_of_fit_gt                    ? 
_refine.ls_goodness_of_fit_ref                   ? 
_refine.ls_shift_over_su_max                     ? 
_refine.ls_shift_over_su_max_lt                  ? 
_refine.ls_shift_over_su_mean                    ? 
_refine.ls_shift_over_su_mean_lt                 ? 
_refine.pdbx_ls_sigma_I                          ? 
_refine.pdbx_ls_sigma_F                          1.36 
_refine.pdbx_ls_sigma_Fsqd                       ? 
_refine.pdbx_data_cutoff_high_absF               ? 
_refine.pdbx_data_cutoff_high_rms_absF           ? 
_refine.pdbx_data_cutoff_low_absF                ? 
_refine.pdbx_isotropic_thermal_model             ? 
_refine.pdbx_ls_cross_valid_method               'FREE R-VALUE' 
_refine.pdbx_method_to_determine_struct          'MOLECULAR REPLACEMENT' 
_refine.pdbx_starting_model                      6E8S 
_refine.pdbx_stereochemistry_target_values       ? 
_refine.pdbx_R_Free_selection_details            ? 
_refine.pdbx_stereochem_target_val_spec_case     ? 
_refine.pdbx_overall_ESU_R                       ? 
_refine.pdbx_overall_ESU_R_Free                  ? 
_refine.pdbx_solvent_vdw_probe_radii             1.1100 
_refine.pdbx_solvent_ion_probe_radii             ? 
_refine.pdbx_solvent_shrinkage_radii             0.9000 
_refine.pdbx_real_space_R                        ? 
_refine.pdbx_density_correlation                 ? 
_refine.pdbx_pd_number_of_powder_patterns        ? 
_refine.pdbx_pd_number_of_points                 ? 
_refine.pdbx_pd_meas_number_of_points            ? 
_refine.pdbx_pd_proc_ls_prof_R_factor            ? 
_refine.pdbx_pd_proc_ls_prof_wR_factor           ? 
_refine.pdbx_pd_Marquardt_correlation_coeff      ? 
_refine.pdbx_pd_Fsqrd_R_factor                   ? 
_refine.pdbx_pd_ls_matrix_band_width             ? 
_refine.pdbx_overall_phase_error                 21.8003 
_refine.pdbx_overall_SU_R_free_Cruickshank_DPI   ? 
_refine.pdbx_overall_SU_R_free_Blow_DPI          ? 
_refine.pdbx_overall_SU_R_Blow_DPI               ? 
_refine.pdbx_TLS_residual_ADP_flag               ? 
_refine.pdbx_diffrn_id                           1 
_refine.overall_SU_B                             ? 
_refine.overall_SU_ML                            0.1540 
_refine.overall_SU_R_Cruickshank_DPI             ? 
_refine.overall_SU_R_free                        ? 
_refine.overall_FOM_free_R_set                   ? 
_refine.overall_FOM_work_R_set                   ? 
_refine.pdbx_average_fsc_overall                 ? 
_refine.pdbx_average_fsc_work                    ? 
_refine.pdbx_average_fsc_free                    ? 
# 
_refine_hist.pdbx_refine_id                   'X-RAY DIFFRACTION' 
_refine_hist.cycle_id                         LAST 
_refine_hist.pdbx_number_atoms_protein        0 
_refine_hist.pdbx_number_atoms_nucleic_acid   788 
_refine_hist.pdbx_number_atoms_ligand         60 
_refine_hist.number_atoms_solvent             143 
_refine_hist.number_atoms_total               991 
_refine_hist.d_res_high                       1.55 
_refine_hist.d_res_low                        40.59 
# 
loop_
_refine_ls_restr.pdbx_refine_id 
_refine_ls_restr.criterion 
_refine_ls_restr.dev_ideal 
_refine_ls_restr.dev_ideal_target 
_refine_ls_restr.number 
_refine_ls_restr.rejects 
_refine_ls_restr.type 
_refine_ls_restr.weight 
_refine_ls_restr.pdbx_restraint_function 
'X-RAY DIFFRACTION' ? 0.0053  ? 967  ? f_bond_d           ? ? 
'X-RAY DIFFRACTION' ? 1.1228  ? 1499 ? f_angle_d          ? ? 
'X-RAY DIFFRACTION' ? 0.0473  ? 190  ? f_chiral_restr     ? ? 
'X-RAY DIFFRACTION' ? 0.0111  ? 42   ? f_plane_restr      ? ? 
'X-RAY DIFFRACTION' ? 22.0348 ? 470  ? f_dihedral_angle_d ? ? 
# 
loop_
_refine_ls_shell.pdbx_refine_id 
_refine_ls_shell.d_res_high 
_refine_ls_shell.d_res_low 
_refine_ls_shell.number_reflns_all 
_refine_ls_shell.number_reflns_obs 
_refine_ls_shell.number_reflns_R_free 
_refine_ls_shell.number_reflns_R_work 
_refine_ls_shell.percent_reflns_obs 
_refine_ls_shell.percent_reflns_R_free 
_refine_ls_shell.R_factor_all 
_refine_ls_shell.R_factor_obs 
_refine_ls_shell.R_factor_R_free 
_refine_ls_shell.R_factor_R_free_error 
_refine_ls_shell.R_factor_R_work 
_refine_ls_shell.redundancy_reflns_all 
_refine_ls_shell.redundancy_reflns_obs 
_refine_ls_shell.wR_factor_all 
_refine_ls_shell.wR_factor_obs 
_refine_ls_shell.wR_factor_R_free 
_refine_ls_shell.wR_factor_R_work 
_refine_ls_shell.pdbx_total_number_of_bins_used 
_refine_ls_shell.pdbx_phase_error 
_refine_ls_shell.pdbx_fsc_work 
_refine_ls_shell.pdbx_fsc_free 
'X-RAY DIFFRACTION' 1.55 1.59  . . 137 1348 97.31 . . . 0.2999 . 0.2515 . . . . . . . . . . 
'X-RAY DIFFRACTION' 1.59 1.64  . . 140 1364 97.73 . . . 0.2176 . 0.2208 . . . . . . . . . . 
'X-RAY DIFFRACTION' 1.64 1.69  . . 137 1337 97.88 . . . 0.2406 . 0.2168 . . . . . . . . . . 
'X-RAY DIFFRACTION' 1.69 1.75  . . 140 1372 98.05 . . . 0.2391 . 0.2073 . . . . . . . . . . 
'X-RAY DIFFRACTION' 1.75 1.82  . . 139 1354 98.16 . . . 0.2201 . 0.1944 . . . . . . . . . . 
'X-RAY DIFFRACTION' 1.82 1.91  . . 141 1383 98.58 . . . 0.2398 . 0.1919 . . . . . . . . . . 
'X-RAY DIFFRACTION' 1.91 2.01  . . 141 1381 98.77 . . . 0.2044 . 0.1993 . . . . . . . . . . 
'X-RAY DIFFRACTION' 2.01 2.13  . . 143 1399 98.91 . . . 0.2267 . 0.1985 . . . . . . . . . . 
'X-RAY DIFFRACTION' 2.13 2.30  . . 143 1395 99.10 . . . 0.2802 . 0.2046 . . . . . . . . . . 
'X-RAY DIFFRACTION' 2.30 2.53  . . 144 1407 99.30 . . . 0.2497 . 0.2130 . . . . . . . . . . 
'X-RAY DIFFRACTION' 2.53 2.89  . . 145 1421 99.55 . . . 0.2160 . 0.2106 . . . . . . . . . . 
'X-RAY DIFFRACTION' 2.89 3.64  . . 148 1445 99.62 . . . 0.2059 . 0.1532 . . . . . . . . . . 
'X-RAY DIFFRACTION' 3.64 40.60 . . 158 1548 99.30 . . . 0.1589 . 0.1446 . . . . . . . . . . 
# 
_struct.entry_id                     6E8U 
_struct.title                        'Structure of the Mango-III (A10U) aptamer bound to TO1-Biotin' 
_struct.pdbx_model_details           ? 
_struct.pdbx_formula_weight          ? 
_struct.pdbx_formula_weight_method   ? 
_struct.pdbx_model_type_details      ? 
_struct.pdbx_CASP_flag               N 
# 
_struct_keywords.entry_id        6E8U 
_struct_keywords.text            'Aptamer, fluorescence, RNA, G-quadruplex' 
_struct_keywords.pdbx_keywords   RNA 
# 
loop_
_struct_asym.id 
_struct_asym.pdbx_blank_PDB_chainid_flag 
_struct_asym.pdbx_modified 
_struct_asym.entity_id 
_struct_asym.details 
A N N 1 ? 
B N N 2 ? 
C N N 2 ? 
D N N 2 ? 
E N N 2 ? 
F N N 2 ? 
G N N 3 ? 
H N N 4 ? 
I N N 4 ? 
J N N 5 ? 
K N N 6 ? 
# 
loop_
_struct_conn.id 
_struct_conn.conn_type_id 
_struct_conn.pdbx_leaving_atom_flag 
_struct_conn.pdbx_PDB_id 
_struct_conn.ptnr1_label_asym_id 
_struct_conn.ptnr1_label_comp_id 
_struct_conn.ptnr1_label_seq_id 
_struct_conn.ptnr1_label_atom_id 
_struct_conn.pdbx_ptnr1_label_alt_id 
_struct_conn.pdbx_ptnr1_PDB_ins_code 
_struct_conn.pdbx_ptnr1_standard_comp_id 
_struct_conn.ptnr1_symmetry 
_struct_conn.ptnr2_label_asym_id 
_struct_conn.ptnr2_label_comp_id 
_struct_conn.ptnr2_label_seq_id 
_struct_conn.ptnr2_label_atom_id 
_struct_conn.pdbx_ptnr2_label_alt_id 
_struct_conn.pdbx_ptnr2_PDB_ins_code 
_struct_conn.ptnr1_auth_asym_id 
_struct_conn.ptnr1_auth_comp_id 
_struct_conn.ptnr1_auth_seq_id 
_struct_conn.ptnr2_auth_asym_id 
_struct_conn.ptnr2_auth_comp_id 
_struct_conn.ptnr2_auth_seq_id 
_struct_conn.ptnr2_symmetry 
_struct_conn.pdbx_ptnr3_label_atom_id 
_struct_conn.pdbx_ptnr3_label_seq_id 
_struct_conn.pdbx_ptnr3_label_comp_id 
_struct_conn.pdbx_ptnr3_label_asym_id 
_struct_conn.pdbx_ptnr3_label_alt_id 
_struct_conn.pdbx_ptnr3_PDB_ins_code 
_struct_conn.details 
_struct_conn.pdbx_dist_value 
_struct_conn.pdbx_value_order 
_struct_conn.pdbx_role 
metalc1  metalc ? ? A G  8  O6  ? ? ? 1_555 J K   .  K  ? ? B G  8   B K   109 1_555  ? ? ? ? ? ? ?             2.802 ? ? 
metalc2  metalc ? ? A G  9  O6  ? ? ? 1_555 J K   .  K  ? ? B G  9   B K   109 1_555  ? ? ? ? ? ? ?             2.774 ? ? 
metalc3  metalc ? ? A G  12 O6  ? ? ? 1_555 J K   .  K  ? ? B G  12  B K   109 1_555  ? ? ? ? ? ? ?             2.731 ? ? 
metalc4  metalc ? ? A G  13 O6  ? ? ? 1_555 J K   .  K  ? ? B G  13  B K   109 1_555  ? ? ? ? ? ? ?             2.802 ? ? 
metalc5  metalc ? ? A U  14 OP1 ? ? ? 1_555 H NA  .  NA ? ? B U  14  B NA  107 1_555  ? ? ? ? ? ? ?             2.209 ? ? 
metalc6  metalc ? ? A U  15 OP1 ? ? ? 1_555 H NA  .  NA ? ? B U  15  B NA  107 1_555  ? ? ? ? ? ? ?             2.206 ? ? 
metalc7  metalc ? ? A G  17 O6  ? ? ? 1_555 J K   .  K  ? ? B G  17  B K   109 1_555  ? ? ? ? ? ? ?             2.747 ? ? 
metalc8  metalc ? ? A G  18 O6  ? ? ? 1_555 J K   .  K  ? ? B G  18  B K   109 1_555  ? ? ? ? ? ? ?             2.709 ? ? 
metalc9  metalc ? ? A U  19 OP1 ? ? ? 1_555 F MG  .  MG ? ? B U  19  B MG  105 1_555  ? ? ? ? ? ? ?             2.034 ? ? 
metalc10 metalc ? ? A U  19 OP1 ? ? ? 1_555 F MG  .  MG ? ? B U  19  B MG  105 10_555 ? ? ? ? ? ? ?             2.034 ? ? 
metalc11 metalc ? ? A G  22 O6  ? ? ? 1_555 J K   .  K  ? ? B G  22  B K   109 1_555  ? ? ? ? ? ? ?             2.742 ? ? 
metalc12 metalc ? ? A G  24 O6  ? ? ? 1_555 J K   .  K  ? ? B G  24  B K   109 1_555  ? ? ? ? ? ? ?             2.757 ? ? 
metalc13 metalc ? ? A G  25 OP1 ? ? ? 1_555 B MG  .  MG ? ? B G  25  B MG  101 1_555  ? ? ? ? ? ? ?             2.211 ? ? 
metalc14 metalc ? ? A G  28 OP2 ? ? ? 1_555 C MG  .  MG ? ? B G  28  B MG  102 1_555  ? ? ? ? ? ? ?             2.026 ? ? 
metalc15 metalc ? ? A U  29 O4  ? ? ? 1_555 C MG  .  MG ? ? B U  29  B MG  102 1_555  ? ? ? ? ? ? ?             2.203 ? ? 
metalc16 metalc ? ? B MG .  MG  ? ? ? 1_555 K HOH .  O  ? ? B MG 101 B HOH 223 1_555  ? ? ? ? ? ? ?             2.211 ? ? 
metalc17 metalc ? ? B MG .  MG  ? ? ? 1_555 K HOH .  O  ? ? B MG 101 B HOH 227 1_555  ? ? ? ? ? ? ?             1.874 ? ? 
metalc18 metalc ? ? B MG .  MG  ? ? ? 1_555 K HOH .  O  ? ? B MG 101 B HOH 267 1_555  ? ? ? ? ? ? ?             2.032 ? ? 
metalc19 metalc ? ? B MG .  MG  ? ? ? 1_555 K HOH .  O  ? ? B MG 101 B HOH 292 1_555  ? ? ? ? ? ? ?             2.245 ? ? 
metalc20 metalc ? ? B MG .  MG  ? ? ? 1_555 K HOH .  O  ? ? B MG 101 B HOH 307 1_555  ? ? ? ? ? ? ?             1.992 ? ? 
metalc21 metalc ? ? C MG .  MG  ? ? ? 1_555 K HOH .  O  ? ? B MG 102 B HOH 275 1_555  ? ? ? ? ? ? ?             2.002 ? ? 
metalc22 metalc ? ? C MG .  MG  ? ? ? 1_555 K HOH .  O  ? ? B MG 102 B HOH 293 1_555  ? ? ? ? ? ? ?             2.170 ? ? 
metalc23 metalc ? ? C MG .  MG  ? ? ? 1_555 K HOH .  O  ? ? B MG 102 B HOH 294 1_555  ? ? ? ? ? ? ?             2.039 ? ? 
metalc24 metalc ? ? C MG .  MG  ? ? ? 1_555 K HOH .  O  ? ? B MG 102 B HOH 312 1_555  ? ? ? ? ? ? ?             2.107 ? ? 
metalc25 metalc ? ? D MG .  MG  ? ? ? 1_555 K HOH .  O  ? ? B MG 103 B HOH 211 1_555  ? ? ? ? ? ? ?             2.049 ? ? 
metalc26 metalc ? ? D MG .  MG  ? ? ? 1_555 K HOH .  O  ? ? B MG 103 B HOH 226 1_555  ? ? ? ? ? ? ?             2.150 ? ? 
metalc27 metalc ? ? D MG .  MG  ? ? ? 1_555 K HOH .  O  ? ? B MG 103 B HOH 250 1_555  ? ? ? ? ? ? ?             2.025 ? ? 
metalc28 metalc ? ? D MG .  MG  ? ? ? 1_555 K HOH .  O  ? ? B MG 103 B HOH 272 1_555  ? ? ? ? ? ? ?             2.090 ? ? 
metalc29 metalc ? ? D MG .  MG  ? ? ? 1_555 K HOH .  O  ? ? B MG 103 B HOH 299 1_555  ? ? ? ? ? ? ?             2.129 ? ? 
metalc30 metalc ? ? D MG .  MG  ? ? ? 1_555 K HOH .  O  ? ? B MG 103 B HOH 327 1_555  ? ? ? ? ? ? ?             2.020 ? ? 
metalc31 metalc ? ? E MG .  MG  ? ? ? 1_555 K HOH .  O  ? ? B MG 104 B HOH 210 1_555  ? ? ? ? ? ? ?             2.104 ? ? 
metalc32 metalc ? ? E MG .  MG  ? ? ? 1_555 K HOH .  O  ? ? B MG 104 B HOH 232 1_555  ? ? ? ? ? ? ?             2.117 ? ? 
metalc33 metalc ? ? E MG .  MG  ? ? ? 1_555 K HOH .  O  ? ? B MG 104 B HOH 258 1_555  ? ? ? ? ? ? ?             2.113 ? ? 
metalc34 metalc ? ? E MG .  MG  ? ? ? 1_555 K HOH .  O  ? ? B MG 104 B HOH 274 1_555  ? ? ? ? ? ? ?             2.231 ? ? 
metalc35 metalc ? ? E MG .  MG  ? ? ? 1_555 K HOH .  O  ? ? B MG 104 B HOH 339 1_555  ? ? ? ? ? ? ?             2.071 ? ? 
metalc36 metalc ? ? E MG .  MG  ? ? ? 1_555 K HOH .  O  ? ? B MG 104 B HOH 342 1_555  ? ? ? ? ? ? ?             2.208 ? ? 
metalc37 metalc ? ? F MG .  MG  ? ? ? 1_555 K HOH .  O  ? ? B MG 105 B HOH 249 1_555  ? ? ? ? ? ? ?             2.058 ? ? 
metalc38 metalc ? ? F MG .  MG  ? ? ? 1_555 K HOH .  O  ? ? B MG 105 B HOH 249 10_555 ? ? ? ? ? ? ?             2.058 ? ? 
metalc39 metalc ? ? F MG .  MG  ? ? ? 1_555 K HOH .  O  ? ? B MG 105 B HOH 260 1_555  ? ? ? ? ? ? ?             2.137 ? ? 
metalc40 metalc ? ? F MG .  MG  ? ? ? 1_555 K HOH .  O  ? ? B MG 105 B HOH 260 10_555 ? ? ? ? ? ? ?             2.137 ? ? 
metalc41 metalc ? ? H NA .  NA  ? ? ? 1_555 K HOH .  O  ? ? B NA 107 B HOH 276 1_555  ? ? ? ? ? ? ?             2.550 ? ? 
metalc42 metalc ? ? H NA .  NA  ? ? ? 1_555 K HOH .  O  ? ? B NA 107 B HOH 303 1_555  ? ? ? ? ? ? ?             2.217 ? ? 
metalc43 metalc ? ? H NA .  NA  ? ? ? 1_555 K HOH .  O  ? ? B NA 107 B HOH 314 1_555  ? ? ? ? ? ? ?             2.225 ? ? 
metalc44 metalc ? ? H NA .  NA  ? ? ? 1_555 K HOH .  O  ? ? B NA 107 B HOH 315 1_555  ? ? ? ? ? ? ?             2.189 ? ? 
metalc45 metalc ? ? I NA .  NA  ? ? ? 1_555 K HOH .  O  ? ? B NA 108 B HOH 218 1_555  ? ? ? ? ? ? ?             2.291 ? ? 
metalc46 metalc ? ? I NA .  NA  ? ? ? 1_555 K HOH .  O  ? ? B NA 108 B HOH 236 1_555  ? ? ? ? ? ? ?             2.391 ? ? 
metalc47 metalc ? ? I NA .  NA  ? ? ? 1_555 K HOH .  O  ? ? B NA 108 B HOH 320 1_555  ? ? ? ? ? ? ?             2.316 ? ? 
metalc48 metalc ? ? I NA .  NA  ? ? ? 1_555 K HOH .  O  ? ? B NA 108 B HOH 325 1_555  ? ? ? ? ? ? ?             2.333 ? ? 
metalc49 metalc ? ? I NA .  NA  ? ? ? 1_555 K HOH .  O  ? ? B NA 108 B HOH 341 1_555  ? ? ? ? ? ? ?             2.387 ? ? 
metalc50 metalc ? ? I NA .  NA  ? ? ? 1_555 K HOH .  O  ? ? B NA 108 B HOH 343 1_555  ? ? ? ? ? ? ?             2.404 ? ? 
hydrog1  hydrog ? ? A G  1  N1  ? ? ? 1_555 A C   37 N3 ? ? B G  1   B C   37  1_555  ? ? ? ? ? ? WATSON-CRICK  ?     ? ? 
hydrog2  hydrog ? ? A G  1  N2  ? ? ? 1_555 A C   37 O2 ? ? B G  1   B C   37  1_555  ? ? ? ? ? ? WATSON-CRICK  ?     ? ? 
hydrog3  hydrog ? ? A G  1  O6  ? ? ? 1_555 A C   37 N4 ? ? B G  1   B C   37  1_555  ? ? ? ? ? ? WATSON-CRICK  ?     ? ? 
hydrog4  hydrog ? ? A U  2  N3  ? ? ? 1_555 A A   36 N1 ? ? B U  2   B A   36  1_555  ? ? ? ? ? ? WATSON-CRICK  ?     ? ? 
hydrog5  hydrog ? ? A U  2  O4  ? ? ? 1_555 A A   36 N6 ? ? B U  2   B A   36  1_555  ? ? ? ? ? ? WATSON-CRICK  ?     ? ? 
hydrog6  hydrog ? ? A A  3  N1  ? ? ? 1_555 A U   35 N3 ? ? B A  3   B U   35  1_555  ? ? ? ? ? ? WATSON-CRICK  ?     ? ? 
hydrog7  hydrog ? ? A A  3  N6  ? ? ? 1_555 A U   35 O4 ? ? B A  3   B U   35  1_555  ? ? ? ? ? ? WATSON-CRICK  ?     ? ? 
hydrog8  hydrog ? ? A C  4  N3  ? ? ? 1_555 A G   34 N1 ? ? B C  4   B G   34  1_555  ? ? ? ? ? ? WATSON-CRICK  ?     ? ? 
hydrog9  hydrog ? ? A C  4  N4  ? ? ? 1_555 A G   34 O6 ? ? B C  4   B G   34  1_555  ? ? ? ? ? ? WATSON-CRICK  ?     ? ? 
hydrog10 hydrog ? ? A C  4  O2  ? ? ? 1_555 A G   34 N2 ? ? B C  4   B G   34  1_555  ? ? ? ? ? ? WATSON-CRICK  ?     ? ? 
hydrog11 hydrog ? ? A G  5  N1  A ? ? 1_555 A C   33 N3 ? ? B G  5   B C   33  1_555  ? ? ? ? ? ? WATSON-CRICK  ?     ? ? 
hydrog12 hydrog ? ? A G  5  N1  B ? ? 1_555 A C   33 N3 ? ? B G  5   B C   33  1_555  ? ? ? ? ? ? WATSON-CRICK  ?     ? ? 
hydrog13 hydrog ? ? A G  5  N2  A ? ? 1_555 A C   33 O2 ? ? B G  5   B C   33  1_555  ? ? ? ? ? ? WATSON-CRICK  ?     ? ? 
hydrog14 hydrog ? ? A G  5  N2  B ? ? 1_555 A C   33 O2 ? ? B G  5   B C   33  1_555  ? ? ? ? ? ? WATSON-CRICK  ?     ? ? 
hydrog15 hydrog ? ? A G  5  O6  A ? ? 1_555 A C   33 N4 ? ? B G  5   B C   33  1_555  ? ? ? ? ? ? WATSON-CRICK  ?     ? ? 
hydrog16 hydrog ? ? A G  5  O6  B ? ? 1_555 A C   33 N4 ? ? B G  5   B C   33  1_555  ? ? ? ? ? ? WATSON-CRICK  ?     ? ? 
hydrog17 hydrog ? ? A A  6  N1  ? ? ? 1_555 A U   32 N3 ? ? B A  6   B U   32  1_555  ? ? ? ? ? ? WATSON-CRICK  ?     ? ? 
hydrog18 hydrog ? ? A A  6  N6  ? ? ? 1_555 A U   32 O4 ? ? B A  6   B U   32  1_555  ? ? ? ? ? ? WATSON-CRICK  ?     ? ? 
hydrog19 hydrog ? ? A A  7  N1  ? ? ? 1_555 A G   31 N1 ? ? B A  7   B G   31  1_555  ? ? ? ? ? ? TYPE_8_PAIR   ?     ? ? 
hydrog20 hydrog ? ? A A  7  N6  ? ? ? 1_555 A G   31 O6 ? ? B A  7   B G   31  1_555  ? ? ? ? ? ? TYPE_8_PAIR   ?     ? ? 
hydrog21 hydrog ? ? A G  8  N1  ? ? ? 1_555 A G   12 O6 ? ? B G  8   B G   12  1_555  ? ? ? ? ? ? TYPE_6_PAIR   ?     ? ? 
hydrog22 hydrog ? ? A G  8  N2  ? ? ? 1_555 A G   12 N7 ? ? B G  8   B G   12  1_555  ? ? ? ? ? ? TYPE_6_PAIR   ?     ? ? 
hydrog23 hydrog ? ? A G  8  N7  ? ? ? 1_555 A G   24 N2 ? ? B G  8   B G   24  1_555  ? ? ? ? ? ? TYPE_6_PAIR   ?     ? ? 
hydrog24 hydrog ? ? A G  8  O6  ? ? ? 1_555 A G   24 N1 ? ? B G  8   B G   24  1_555  ? ? ? ? ? ? TYPE_6_PAIR   ?     ? ? 
hydrog25 hydrog ? ? A G  9  N1  ? ? ? 1_555 A G   13 O6 ? ? B G  9   B G   13  1_555  ? ? ? ? ? ? TYPE_6_PAIR   ?     ? ? 
hydrog26 hydrog ? ? A G  9  N2  ? ? ? 1_555 A G   13 N7 ? ? B G  9   B G   13  1_555  ? ? ? ? ? ? TYPE_6_PAIR   ?     ? ? 
hydrog27 hydrog ? ? A G  9  N7  ? ? ? 1_555 A G   22 N2 ? ? B G  9   B G   22  1_555  ? ? ? ? ? ? TYPE_6_PAIR   ?     ? ? 
hydrog28 hydrog ? ? A G  9  O6  ? ? ? 1_555 A G   22 N1 ? ? B G  9   B G   22  1_555  ? ? ? ? ? ? TYPE_6_PAIR   ?     ? ? 
hydrog29 hydrog ? ? A A  11 N6  ? ? ? 1_555 A G   23 O6 ? ? B A  11  B G   23  1_555  ? ? ? ? ? ? 'A-G MISPAIR' ?     ? ? 
hydrog30 hydrog ? ? A A  11 N1  ? ? ? 1_555 A U   30 N3 ? ? B A  11  B U   30  1_555  ? ? ? ? ? ? WATSON-CRICK  ?     ? ? 
hydrog31 hydrog ? ? A A  11 N6  ? ? ? 1_555 A U   30 O4 ? ? B A  11  B U   30  1_555  ? ? ? ? ? ? WATSON-CRICK  ?     ? ? 
hydrog32 hydrog ? ? A G  12 N1  ? ? ? 1_555 A G   17 O6 ? ? B G  12  B G   17  1_555  ? ? ? ? ? ? TYPE_6_PAIR   ?     ? ? 
hydrog33 hydrog ? ? A G  12 N2  ? ? ? 1_555 A G   17 N7 ? ? B G  12  B G   17  1_555  ? ? ? ? ? ? TYPE_6_PAIR   ?     ? ? 
hydrog34 hydrog ? ? A G  13 N1  ? ? ? 1_555 A G   18 O6 ? ? B G  13  B G   18  1_555  ? ? ? ? ? ? TYPE_6_PAIR   ?     ? ? 
hydrog35 hydrog ? ? A G  13 N2  ? ? ? 1_555 A G   18 N7 ? ? B G  13  B G   18  1_555  ? ? ? ? ? ? TYPE_6_PAIR   ?     ? ? 
hydrog36 hydrog ? ? A U  14 N3  ? ? ? 1_555 A U   21 O4 ? ? B U  14  B U   21  1_555  ? ? ? ? ? ? TYPE_12_PAIR  ?     ? ? 
hydrog37 hydrog ? ? A U  14 O4  ? ? ? 1_555 A U   21 N3 ? ? B U  14  B U   21  1_555  ? ? ? ? ? ? TYPE_12_PAIR  ?     ? ? 
hydrog38 hydrog ? ? A G  17 N1  ? ? ? 1_555 A G   24 O6 ? ? B G  17  B G   24  1_555  ? ? ? ? ? ? TYPE_6_PAIR   ?     ? ? 
hydrog39 hydrog ? ? A G  17 N2  ? ? ? 1_555 A G   24 N7 ? ? B G  17  B G   24  1_555  ? ? ? ? ? ? TYPE_6_PAIR   ?     ? ? 
hydrog40 hydrog ? ? A G  17 N2  ? ? ? 1_555 A U   29 O2 ? ? B G  17  B U   29  1_555  ? ? ? ? ? ? 'G-U MISPAIR' ?     ? ? 
hydrog41 hydrog ? ? A G  18 N1  ? ? ? 1_555 A G   22 O6 ? ? B G  18  B G   22  1_555  ? ? ? ? ? ? TYPE_6_PAIR   ?     ? ? 
hydrog42 hydrog ? ? A G  18 N2  ? ? ? 1_555 A G   22 N7 ? ? B G  18  B G   22  1_555  ? ? ? ? ? ? TYPE_6_PAIR   ?     ? ? 
hydrog43 hydrog ? ? A G  18 N1  ? ? ? 1_555 A G   24 O6 ? ? B G  18  B G   24  1_555  ? ? ? ? ? ? TYPE_6_PAIR   ?     ? ? 
hydrog44 hydrog ? ? A G  18 N2  ? ? ? 1_555 A G   24 N7 ? ? B G  18  B G   24  1_555  ? ? ? ? ? ? TYPE_6_PAIR   ?     ? ? 
hydrog45 hydrog ? ? A A  20 N6  ? ? ? 1_555 A A   27 N7 ? ? B A  20  B A   27  1_555  ? ? ? ? ? ? TYPE_2_PAIR   ?     ? ? 
hydrog46 hydrog ? ? A A  20 N7  ? ? ? 1_555 A A   27 N6 ? ? B A  20  B A   27  1_555  ? ? ? ? ? ? TYPE_2_PAIR   ?     ? ? 
hydrog47 hydrog ? ? A G  23 N1  ? ? ? 1_555 A U   30 O4 ? ? B G  23  B U   30  1_555  ? ? ? ? ? ? 'G-U MISPAIR' ?     ? ? 
hydrog48 hydrog ? ? A G  25 N1  ? ? ? 1_555 A G   28 O6 ? ? B G  25  B G   28  1_555  ? ? ? ? ? ? 'G-G MISPAIR' ?     ? ? 
# 
loop_
_struct_conn_type.id 
_struct_conn_type.criteria 
_struct_conn_type.reference 
metalc ? ? 
hydrog ? ? 
# 
loop_
_struct_site.id 
_struct_site.pdbx_evidence_code 
_struct_site.pdbx_auth_asym_id 
_struct_site.pdbx_auth_comp_id 
_struct_site.pdbx_auth_seq_id 
_struct_site.pdbx_auth_ins_code 
_struct_site.pdbx_num_residues 
_struct_site.details 
AC1 Software B MG  101 ? 6  'binding site for residue MG B 101'  
AC2 Software B MG  102 ? 6  'binding site for residue MG B 102'  
AC3 Software B MG  103 ? 6  'binding site for residue MG B 103'  
AC4 Software B MG  104 ? 6  'binding site for residue MG B 104'  
AC5 Software B MG  105 ? 6  'binding site for residue MG B 105'  
AC6 Software B HZD 106 ? 19 'binding site for residue HZD B 106' 
AC7 Software B NA  107 ? 6  'binding site for residue NA B 107'  
AC8 Software B NA  108 ? 6  'binding site for residue NA B 108'  
AC9 Software B K   109 ? 8  'binding site for residue K B 109'   
# 
loop_
_struct_site_gen.id 
_struct_site_gen.site_id 
_struct_site_gen.pdbx_num_res 
_struct_site_gen.label_comp_id 
_struct_site_gen.label_asym_id 
_struct_site_gen.label_seq_id 
_struct_site_gen.pdbx_auth_ins_code 
_struct_site_gen.auth_comp_id 
_struct_site_gen.auth_asym_id 
_struct_site_gen.auth_seq_id 
_struct_site_gen.label_atom_id 
_struct_site_gen.label_alt_id 
_struct_site_gen.symmetry 
_struct_site_gen.details 
1  AC1 6  G   A 25 ? G   B 25  . ? 1_555  ? 
2  AC1 6  HOH K .  ? HOH B 223 . ? 1_555  ? 
3  AC1 6  HOH K .  ? HOH B 227 . ? 1_555  ? 
4  AC1 6  HOH K .  ? HOH B 267 . ? 1_555  ? 
5  AC1 6  HOH K .  ? HOH B 292 . ? 1_555  ? 
6  AC1 6  HOH K .  ? HOH B 307 . ? 1_555  ? 
7  AC2 6  G   A 28 ? G   B 28  . ? 1_555  ? 
8  AC2 6  U   A 29 ? U   B 29  . ? 1_555  ? 
9  AC2 6  HOH K .  ? HOH B 275 . ? 1_555  ? 
10 AC2 6  HOH K .  ? HOH B 293 . ? 1_555  ? 
11 AC2 6  HOH K .  ? HOH B 294 . ? 1_555  ? 
12 AC2 6  HOH K .  ? HOH B 312 . ? 1_555  ? 
13 AC3 6  HOH K .  ? HOH B 211 . ? 1_555  ? 
14 AC3 6  HOH K .  ? HOH B 226 . ? 1_555  ? 
15 AC3 6  HOH K .  ? HOH B 250 . ? 1_555  ? 
16 AC3 6  HOH K .  ? HOH B 272 . ? 1_555  ? 
17 AC3 6  HOH K .  ? HOH B 299 . ? 1_555  ? 
18 AC3 6  HOH K .  ? HOH B 327 . ? 1_555  ? 
19 AC4 6  HOH K .  ? HOH B 210 . ? 1_555  ? 
20 AC4 6  HOH K .  ? HOH B 232 . ? 1_555  ? 
21 AC4 6  HOH K .  ? HOH B 258 . ? 1_555  ? 
22 AC4 6  HOH K .  ? HOH B 274 . ? 1_555  ? 
23 AC4 6  HOH K .  ? HOH B 339 . ? 1_555  ? 
24 AC4 6  HOH K .  ? HOH B 342 . ? 1_555  ? 
25 AC5 6  U   A 19 ? U   B 19  . ? 10_555 ? 
26 AC5 6  U   A 19 ? U   B 19  . ? 1_555  ? 
27 AC5 6  HOH K .  ? HOH B 249 . ? 10_555 ? 
28 AC5 6  HOH K .  ? HOH B 249 . ? 1_555  ? 
29 AC5 6  HOH K .  ? HOH B 260 . ? 10_555 ? 
30 AC5 6  HOH K .  ? HOH B 260 . ? 1_555  ? 
31 AC6 19 G   A 9  ? G   B 9   . ? 1_555  ? 
32 AC6 19 G   A 13 ? G   B 13  . ? 1_555  ? 
33 AC6 19 U   A 14 ? U   B 14  . ? 1_555  ? 
34 AC6 19 U   A 14 ? U   B 14  . ? 5_554  ? 
35 AC6 19 U   A 15 ? U   B 15  . ? 5_554  ? 
36 AC6 19 U   A 16 ? U   B 16  . ? 5_554  ? 
37 AC6 19 U   A 16 ? U   B 16  . ? 1_555  ? 
38 AC6 19 G   A 18 ? G   B 18  . ? 1_555  ? 
39 AC6 19 U   A 19 ? U   B 19  . ? 1_555  ? 
40 AC6 19 A   A 20 ? A   B 20  . ? 10_555 ? 
41 AC6 19 U   A 21 ? U   B 21  . ? 1_555  ? 
42 AC6 19 G   A 22 ? G   B 22  . ? 1_555  ? 
43 AC6 19 A   A 27 ? A   B 27  . ? 10_555 ? 
44 AC6 19 HOH K .  ? HOH B 201 . ? 1_555  ? 
45 AC6 19 HOH K .  ? HOH B 217 . ? 5_554  ? 
46 AC6 19 HOH K .  ? HOH B 228 . ? 1_555  ? 
47 AC6 19 HOH K .  ? HOH B 241 . ? 1_555  ? 
48 AC6 19 HOH K .  ? HOH B 279 . ? 1_555  ? 
49 AC6 19 HOH K .  ? HOH B 309 . ? 1_555  ? 
50 AC7 6  U   A 14 ? U   B 14  . ? 1_555  ? 
51 AC7 6  U   A 15 ? U   B 15  . ? 1_555  ? 
52 AC7 6  HOH K .  ? HOH B 276 . ? 1_555  ? 
53 AC7 6  HOH K .  ? HOH B 303 . ? 1_555  ? 
54 AC7 6  HOH K .  ? HOH B 314 . ? 1_555  ? 
55 AC7 6  HOH K .  ? HOH B 315 . ? 1_555  ? 
56 AC8 6  HOH K .  ? HOH B 218 . ? 1_555  ? 
57 AC8 6  HOH K .  ? HOH B 236 . ? 1_555  ? 
58 AC8 6  HOH K .  ? HOH B 320 . ? 1_555  ? 
59 AC8 6  HOH K .  ? HOH B 325 . ? 1_555  ? 
60 AC8 6  HOH K .  ? HOH B 341 . ? 1_555  ? 
61 AC8 6  HOH K .  ? HOH B 343 . ? 1_555  ? 
62 AC9 8  G   A 8  ? G   B 8   . ? 1_555  ? 
63 AC9 8  G   A 9  ? G   B 9   . ? 1_555  ? 
64 AC9 8  G   A 12 ? G   B 12  . ? 1_555  ? 
65 AC9 8  G   A 13 ? G   B 13  . ? 1_555  ? 
66 AC9 8  G   A 17 ? G   B 17  . ? 1_555  ? 
67 AC9 8  G   A 18 ? G   B 18  . ? 1_555  ? 
68 AC9 8  G   A 22 ? G   B 22  . ? 1_555  ? 
69 AC9 8  G   A 24 ? G   B 24  . ? 1_555  ? 
# 
_atom_sites.entry_id                    6E8U 
_atom_sites.fract_transf_matrix[1][1]   -0.00080809 
_atom_sites.fract_transf_matrix[1][2]   -0.01037425 
_atom_sites.fract_transf_matrix[1][3]   0.01562402 
_atom_sites.fract_transf_matrix[2][1]   -0.00468210 
_atom_sites.fract_transf_matrix[2][2]   0.01525493 
_atom_sites.fract_transf_matrix[2][3]   0.00988701 
_atom_sites.fract_transf_matrix[3][1]   -0.00514484 
_atom_sites.fract_transf_matrix[3][2]   -0.00098340 
_atom_sites.fract_transf_matrix[3][3]   -0.00091907 
_atom_sites.fract_transf_vector[1]      0.007138 
_atom_sites.fract_transf_vector[2]      -0.255727 
_atom_sites.fract_transf_vector[3]      -0.165538 
# 
loop_
_atom_type.symbol 
_atom_type.scat_dispersion_real 
_atom_type.scat_dispersion_imag 
_atom_type.scat_Cromer_Mann_a1 
_atom_type.scat_Cromer_Mann_a2 
_atom_type.scat_Cromer_Mann_a3 
_atom_type.scat_Cromer_Mann_b1 
_atom_type.scat_Cromer_Mann_b2 
_atom_type.scat_Cromer_Mann_b3 
_atom_type.scat_Cromer_Mann_c 
_atom_type.scat_source 
_atom_type.scat_dispersion_source 
C  ? ? 3.54356 2.42580 ?       25.62398 1.50364  ?         0.0 
;2-Gaussian fit: Grosse-Kunstleve RW, Sauter NK, Adams PD: Newsletter of the IUCr Commission on Crystallographic Computing 2004, 3, 22-31.
;
? 
K  ? ? 8.66788 8.58341 1.68052 12.31593 0.56275  110.00227 0.0 
;3-Gaussian fit: Grosse-Kunstleve RW, Sauter NK, Adams PD: Newsletter of the IUCr Commission on Crystallographic Computing 2004, 3, 22-31.
;
? 
MG ? ? 9.41153 2.53737 ?       2.59044  63.03566 ?         0.0 
;2-Gaussian fit: Grosse-Kunstleve RW, Sauter NK, Adams PD: Newsletter of the IUCr Commission on Crystallographic Computing 2004, 3, 22-31.
;
? 
N  ? ? 4.01032 2.96436 ?       19.97189 1.75589  ?         0.0 
;2-Gaussian fit: Grosse-Kunstleve RW, Sauter NK, Adams PD: Newsletter of the IUCr Commission on Crystallographic Computing 2004, 3, 22-31.
;
? 
NA ? ? 9.38062 1.54875 ?       3.38349  72.32734 ?         0.0 
;2-Gaussian fit: Grosse-Kunstleve RW, Sauter NK, Adams PD: Newsletter of the IUCr Commission on Crystallographic Computing 2004, 3, 22-31.
;
? 
O  ? ? 4.49882 3.47563 ?       15.80542 1.70748  ?         0.0 
;2-Gaussian fit: Grosse-Kunstleve RW, Sauter NK, Adams PD: Newsletter of the IUCr Commission on Crystallographic Computing 2004, 3, 22-31.
;
? 
P  ? ? 9.51135 5.44231 ?       1.42069  35.72801 ?         0.0 
;2-Gaussian fit: Grosse-Kunstleve RW, Sauter NK, Adams PD: Newsletter of the IUCr Commission on Crystallographic Computing 2004, 3, 22-31.
;
? 
S  ? ? 9.55732 6.39887 ?       1.23737  29.19336 ?         0.0 
;2-Gaussian fit: Grosse-Kunstleve RW, Sauter NK, Adams PD: Newsletter of the IUCr Commission on Crystallographic Computing 2004, 3, 22-31.
;
? 
# 
loop_
_atom_site.group_PDB 
_atom_site.id 
_atom_site.type_symbol 
_atom_site.label_atom_id 
_atom_site.label_alt_id 
_atom_site.label_comp_id 
_atom_site.label_asym_id 
_atom_site.label_entity_id 
_atom_site.label_seq_id 
_atom_site.pdbx_PDB_ins_code 
_atom_site.Cartn_x 
_atom_site.Cartn_y 
_atom_site.Cartn_z 
_atom_site.occupancy 
_atom_site.B_iso_or_equiv 
_atom_site.pdbx_formal_charge 
_atom_site.auth_seq_id 
_atom_site.auth_comp_id 
_atom_site.auth_asym_id 
_atom_site.auth_atom_id 
_atom_site.pdbx_PDB_model_num 
ATOM   1    C  "C4'" . G   A 1 1  ? 12.47817  10.99719  -3.06281  1.000 48.35329 ? 1   G   B "C4'" 1 
ATOM   2    O  "O4'" . G   A 1 1  ? 13.73384  10.77547  -3.74671  1.000 49.17166 ? 1   G   B "O4'" 1 
ATOM   3    C  "C3'" . G   A 1 1  ? 11.43480  10.97776  -4.16901  1.000 53.10594 ? 1   G   B "C3'" 1 
ATOM   4    O  "O3'" . G   A 1 1  ? 10.27594  11.70370  -3.80108  1.000 59.42157 ? 1   G   B "O3'" 1 
ATOM   5    C  "C2'" . G   A 1 1  ? 12.18533  11.60350  -5.33995  1.000 46.04632 ? 1   G   B "C2'" 1 
ATOM   6    O  "O2'" . G   A 1 1  ? 12.22307  13.01113  -5.16627  1.000 48.51410 ? 1   G   B "O2'" 1 
ATOM   7    C  "C1'" . G   A 1 1  ? 13.59822  11.06548  -5.12287  1.000 48.74904 ? 1   G   B "C1'" 1 
ATOM   8    N  N9    . G   A 1 1  ? 13.89344  9.83003   -5.88476  1.000 40.51173 ? 1   G   B N9    1 
ATOM   9    C  C8    . G   A 1 1  ? 14.02289  8.56971   -5.35170  1.000 43.53788 ? 1   G   B C8    1 
ATOM   10   N  N7    . G   A 1 1  ? 14.30034  7.66028   -6.24368  1.000 40.16258 ? 1   G   B N7    1 
ATOM   11   C  C5    . G   A 1 1  ? 14.36458  8.36330   -7.44041  1.000 38.81689 ? 1   G   B C5    1 
ATOM   12   C  C6    . G   A 1 1  ? 14.63318  7.90840   -8.75825  1.000 41.38823 ? 1   G   B C6    1 
ATOM   13   O  O6    . G   A 1 1  ? 14.87764  6.75839   -9.14479  1.000 40.84770 ? 1   G   B O6    1 
ATOM   14   N  N1    . G   A 1 1  ? 14.60370  8.94898   -9.68014  1.000 41.55260 ? 1   G   B N1    1 
ATOM   15   C  C2    . G   A 1 1  ? 14.34872  10.26113  -9.37033  1.000 40.60864 ? 1   G   B C2    1 
ATOM   16   N  N2    . G   A 1 1  ? 14.36463  11.11359  -10.40462 1.000 39.09390 ? 1   G   B N2    1 
ATOM   17   N  N3    . G   A 1 1  ? 14.09709  10.69942  -8.14944  1.000 41.67922 ? 1   G   B N3    1 
ATOM   18   C  C4    . G   A 1 1  ? 14.12232  9.70747   -7.23603  1.000 40.29055 ? 1   G   B C4    1 
ATOM   19   P  P     . U   A 1 2  ? 8.81980   11.25243  -4.31527  1.000 54.64833 ? 2   U   B P     1 
ATOM   20   O  OP1   . U   A 1 2  ? 7.84676   12.20809  -3.73015  1.000 59.69119 ? 2   U   B OP1   1 
ATOM   21   O  OP2   . U   A 1 2  ? 8.64945   9.79526   -4.09129  1.000 48.94290 ? 2   U   B OP2   1 
ATOM   22   O  "O5'" . U   A 1 2  ? 8.85458   11.53099  -5.87965  1.000 48.08074 ? 2   U   B "O5'" 1 
ATOM   23   C  "C5'" . U   A 1 2  ? 8.87093   12.85699  -6.37568  1.000 47.62866 ? 2   U   B "C5'" 1 
ATOM   24   C  "C4'" . U   A 1 2  ? 9.01344   12.87375  -7.87190  1.000 45.70846 ? 2   U   B "C4'" 1 
ATOM   25   O  "O4'" . U   A 1 2  ? 10.31834  12.35974  -8.24423  1.000 45.85785 ? 2   U   B "O4'" 1 
ATOM   26   C  "C3'" . U   A 1 2  ? 8.04559   11.99168  -8.64039  1.000 48.02775 ? 2   U   B "C3'" 1 
ATOM   27   O  "O3'" . U   A 1 2  ? 6.75983   12.56626  -8.79204  1.000 52.25990 ? 2   U   B "O3'" 1 
ATOM   28   C  "C2'" . U   A 1 2  ? 8.78081   11.77511  -9.95287  1.000 46.93910 ? 2   U   B "C2'" 1 
ATOM   29   O  "O2'" . U   A 1 2  ? 8.68076   12.93177  -10.76802 1.000 48.66131 ? 2   U   B "O2'" 1 
ATOM   30   C  "C1'" . U   A 1 2  ? 10.22489  11.65558  -9.46417  1.000 41.98881 ? 2   U   B "C1'" 1 
ATOM   31   N  N1    . U   A 1 2  ? 10.61850  10.24660  -9.22572  1.000 40.03625 ? 2   U   B N1    1 
ATOM   32   C  C2    . U   A 1 2  ? 11.04911  9.50997   -10.31081 1.000 41.34261 ? 2   U   B C2    1 
ATOM   33   O  O2    . U   A 1 2  ? 11.11429  9.97196   -11.43489 1.000 41.31594 ? 2   U   B O2    1 
ATOM   34   N  N3    . U   A 1 2  ? 11.40190  8.21069   -10.03049 1.000 39.98689 ? 2   U   B N3    1 
ATOM   35   C  C4    . U   A 1 2  ? 11.36133  7.58571   -8.80148  1.000 40.27440 ? 2   U   B C4    1 
ATOM   36   O  O4    . U   A 1 2  ? 11.71317  6.40575   -8.70560  1.000 39.32494 ? 2   U   B O4    1 
ATOM   37   C  C5    . U   A 1 2  ? 10.90460  8.41373   -7.72860  1.000 43.18627 ? 2   U   B C5    1 
ATOM   38   C  C6    . U   A 1 2  ? 10.55639  9.68371   -7.97229  1.000 40.18487 ? 2   U   B C6    1 
ATOM   39   P  P     . A   A 1 3  ? 5.45328   11.62733  -8.81466  1.000 50.09446 ? 3   A   B P     1 
ATOM   40   O  OP1   . A   A 1 3  ? 4.25974   12.50619  -8.74099  1.000 60.63943 ? 3   A   B OP1   1 
ATOM   41   O  OP2   . A   A 1 3  ? 5.60633   10.55309  -7.80170  1.000 49.43218 ? 3   A   B OP2   1 
ATOM   42   O  "O5'" . A   A 1 3  ? 5.49088   10.97273  -10.26677 1.000 47.91247 ? 3   A   B "O5'" 1 
ATOM   43   C  "C5'" . A   A 1 3  ? 5.40059   11.78634  -11.42327 1.000 44.25135 ? 3   A   B "C5'" 1 
ATOM   44   C  "C4'" . A   A 1 3  ? 5.66452   11.00546  -12.68613 1.000 48.26288 ? 3   A   B "C4'" 1 
ATOM   45   O  "O4'" . A   A 1 3  ? 7.06112   10.61633  -12.75547 1.000 46.86920 ? 3   A   B "O4'" 1 
ATOM   46   C  "C3'" . A   A 1 3  ? 4.91633   9.69157   -12.84358 1.000 43.77007 ? 3   A   B "C3'" 1 
ATOM   47   O  "O3'" . A   A 1 3  ? 3.57427   9.86536   -13.25438 1.000 39.06547 ? 3   A   B "O3'" 1 
ATOM   48   C  "C2'" . A   A 1 3  ? 5.77602   8.95561   -13.85918 1.000 45.17961 ? 3   A   B "C2'" 1 
ATOM   49   O  "O2'" . A   A 1 3  ? 5.56301   9.47891   -15.16384 1.000 44.98113 ? 3   A   B "O2'" 1 
ATOM   50   C  "C1'" . A   A 1 3  ? 7.17607   9.36666   -13.40622 1.000 46.19156 ? 3   A   B "C1'" 1 
ATOM   51   N  N9    . A   A 1 3  ? 7.74732   8.39584   -12.45487 1.000 40.03900 ? 3   A   B N9    1 
ATOM   52   C  C8    . A   A 1 3  ? 7.75788   8.46725   -11.08463 1.000 39.38509 ? 3   A   B C8    1 
ATOM   53   N  N7    . A   A 1 3  ? 8.33730   7.43957   -10.51036 1.000 41.58462 ? 3   A   B N7    1 
ATOM   54   C  C5    . A   A 1 3  ? 8.73311   6.64391   -11.57652 1.000 35.27502 ? 3   A   B C5    1 
ATOM   55   C  C6    . A   A 1 3  ? 9.40566   5.40993   -11.63592 1.000 34.17440 ? 3   A   B C6    1 
ATOM   56   N  N6    . A   A 1 3  ? 9.81186   4.74693   -10.55572 1.000 33.82760 ? 3   A   B N6    1 
ATOM   57   N  N1    . A   A 1 3  ? 9.64654   4.88524   -12.85380 1.000 34.45586 ? 3   A   B N1    1 
ATOM   58   C  C2    . A   A 1 3  ? 9.23443   5.55023   -13.93861 1.000 35.75440 ? 3   A   B C2    1 
ATOM   59   N  N3    . A   A 1 3  ? 8.59858   6.72040   -14.00811 1.000 36.63441 ? 3   A   B N3    1 
ATOM   60   C  C4    . A   A 1 3  ? 8.37504   7.21563   -12.77999 1.000 36.62762 ? 3   A   B C4    1 
ATOM   61   P  P     . C   A 1 4  ? 2.42314   8.88532   -12.71382 1.000 44.48517 ? 4   C   B P     1 
ATOM   62   O  OP1   . C   A 1 4  ? 1.12481   9.44452   -13.17615 1.000 51.39849 ? 4   C   B OP1   1 
ATOM   63   O  OP2   . C   A 1 4  ? 2.63700   8.58919   -11.27329 1.000 41.51857 ? 4   C   B OP2   1 
ATOM   64   O  "O5'" . C   A 1 4  ? 2.66803   7.54099   -13.52733 1.000 41.86955 ? 4   C   B "O5'" 1 
ATOM   65   C  "C5'" . C   A 1 4  ? 2.59571   7.54113   -14.94255 1.000 36.92317 ? 4   C   B "C5'" 1 
ATOM   66   C  "C4'" . C   A 1 4  ? 3.15575   6.27091   -15.52596 1.000 39.95469 ? 4   C   B "C4'" 1 
ATOM   67   O  "O4'" . C   A 1 4  ? 4.59471   6.21575   -15.30068 1.000 38.56808 ? 4   C   B "O4'" 1 
ATOM   68   C  "C3'" . C   A 1 4  ? 2.66712   4.96969   -14.91541 1.000 38.68884 ? 4   C   B "C3'" 1 
ATOM   69   O  "O3'" . C   A 1 4  ? 1.30490   4.62614   -15.18930 1.000 36.25648 ? 4   C   B "O3'" 1 
ATOM   70   C  "C2'" . C   A 1 4  ? 3.75993   4.00130   -15.35710 1.000 35.39946 ? 4   C   B "C2'" 1 
ATOM   71   O  "O2'" . C   A 1 4  ? 3.70385   3.75975   -16.75464 1.000 35.62858 ? 4   C   B "O2'" 1 
ATOM   72   C  "C1'" . C   A 1 4  ? 4.99353   4.86484   -15.10883 1.000 34.14414 ? 4   C   B "C1'" 1 
ATOM   73   N  N1    . C   A 1 4  ? 5.48293   4.69045   -13.72272 1.000 30.64195 ? 4   C   B N1    1 
ATOM   74   C  C2    . C   A 1 4  ? 6.32853   3.59851   -13.47137 1.000 31.47282 ? 4   C   B C2    1 
ATOM   75   O  O2    . C   A 1 4  ? 6.64343   2.86900   -14.42506 1.000 32.81056 ? 4   C   B O2    1 
ATOM   76   N  N3    . C   A 1 4  ? 6.78346   3.38273   -12.21603 1.000 31.61933 ? 4   C   B N3    1 
ATOM   77   C  C4    . C   A 1 4  ? 6.41900   4.20028   -11.22509 1.000 32.88522 ? 4   C   B C4    1 
ATOM   78   N  N4    . C   A 1 4  ? 6.88536   3.95378   -10.00067 1.000 33.29561 ? 4   C   B N4    1 
ATOM   79   C  C5    . C   A 1 4  ? 5.54831   5.31102   -11.44325 1.000 34.04883 ? 4   C   B C5    1 
ATOM   80   C  C6    . C   A 1 4  ? 5.10969   5.50979   -12.69060 1.000 33.42447 ? 4   C   B C6    1 
ATOM   81   P  P     A G   A 1 5  ? 0.42591   3.82818   -14.10680 0.745 35.87203 ? 5   G   B P     1 
ATOM   82   P  P     B G   A 1 5  ? 0.82655   3.81915   -16.49200 0.255 40.27461 ? 5   G   B P     1 
ATOM   83   O  OP1   A G   A 1 5  ? -0.92138  3.65755   -14.69752 0.745 41.84620 ? 5   G   B OP1   1 
ATOM   84   O  OP1   B G   A 1 5  ? 1.53391   4.35556   -17.68272 0.255 38.26221 ? 5   G   B OP1   1 
ATOM   85   O  OP2   A G   A 1 5  ? 0.59318   4.41534   -12.75763 0.745 33.52663 ? 5   G   B OP2   1 
ATOM   86   O  OP2   B G   A 1 5  ? -0.65809  3.81168   -16.47235 0.255 38.46674 ? 5   G   B OP2   1 
ATOM   87   O  "O5'" A G   A 1 5  ? 1.11236   2.39621   -14.02668 0.745 34.57987 ? 5   G   B "O5'" 1 
ATOM   88   O  "O5'" B G   A 1 5  ? 1.31219   2.32641   -16.22342 0.255 33.76114 ? 5   G   B "O5'" 1 
ATOM   89   C  "C5'" A G   A 1 5  ? 1.19177   1.58031   -15.17732 0.745 35.19573 ? 5   G   B "C5'" 1 
ATOM   90   C  "C5'" B G   A 1 5  ? 1.13408   1.71352   -14.95452 0.255 34.70405 ? 5   G   B "C5'" 1 
ATOM   91   C  "C4'" A G   A 1 5  ? 2.05069   0.36756   -14.93769 0.745 32.39071 ? 5   G   B "C4'" 1 
ATOM   92   C  "C4'" B G   A 1 5  ? 2.00014   0.48733   -14.82577 0.255 32.63860 ? 5   G   B "C4'" 1 
ATOM   93   O  "O4'" A G   A 1 5  ? 3.41745   0.75591   -14.62048 0.745 32.49264 ? 5   G   B "O4'" 1 
ATOM   94   O  "O4'" B G   A 1 5  ? 3.37539   0.86299   -14.53650 0.255 32.63517 ? 5   G   B "O4'" 1 
ATOM   95   C  "C3'" A G   A 1 5  ? 1.67532   -0.51651  -13.76751 0.745 33.43084 ? 5   G   B "C3'" 1 
ATOM   96   C  "C3'" B G   A 1 5  ? 1.66012   -0.46545  -13.69883 0.255 33.35833 ? 5   G   B "C3'" 1 
ATOM   97   O  "O3'" A G   A 1 5  ? 0.50506   -1.28669  -13.96853 0.745 33.62407 ? 5   G   B "O3'" 1 
ATOM   98   O  "O3'" B G   A 1 5  ? 0.51714   -1.25879  -13.94358 0.255 33.61575 ? 5   G   B "O3'" 1 
ATOM   99   C  "C2'" A G   A 1 5  ? 2.95192   -1.32132  -13.59366 0.745 32.55264 ? 5   G   B "C2'" 1 
ATOM   100  C  "C2'" B G   A 1 5  ? 2.95307   -1.25117  -13.56164 0.255 32.55285 ? 5   G   B "C2'" 1 
ATOM   101  O  "O2'" A G   A 1 5  ? 3.11755   -2.23185  -14.67202 0.745 33.70463 ? 5   G   B "O2'" 1 
ATOM   102  O  "O2'" B G   A 1 5  ? 3.10994   -2.15127  -14.64924 0.255 33.71932 ? 5   G   B "O2'" 1 
ATOM   103  C  "C1'" A G   A 1 5  ? 3.98633   -0.21288  -13.75521 0.745 30.98749 ? 5   G   B "C1'" 1 
ATOM   104  C  "C1'" B G   A 1 5  ? 3.97315   -0.12906  -13.72026 0.255 31.05361 ? 5   G   B "C1'" 1 
ATOM   105  N  N9    A G   A 1 5  ? 4.24800   0.40467   -12.44627 0.745 31.76750 ? 5   G   B N9    1 
ATOM   106  N  N9    B G   A 1 5  ? 4.28439   0.45986   -12.40704 0.255 31.72305 ? 5   G   B N9    1 
ATOM   107  C  C8    A G   A 1 5  ? 3.78860   1.59662   -11.94282 0.745 30.82773 ? 5   G   B C8    1 
ATOM   108  C  C8    B G   A 1 5  ? 3.87803   1.67071   -11.90318 0.255 30.91717 ? 5   G   B C8    1 
ATOM   109  N  N7    A G   A 1 5  ? 4.18677   1.81400   -10.71624 0.745 31.68073 ? 5   G   B N7    1 
ATOM   110  N  N7    B G   A 1 5  ? 4.30676   1.88485   -10.68794 0.255 31.67827 ? 5   G   B N7    1 
ATOM   111  C  C5    A G   A 1 5  ? 4.93741   0.69283   -10.38948 0.745 31.14055 ? 5   G   B C5    1 
ATOM   112  C  C5    B G   A 1 5  ? 5.02795   0.74243   -10.36815 0.255 31.19148 ? 5   G   B C5    1 
ATOM   113  C  C6    A G   A 1 5  ? 5.62179   0.35443   -9.19390  0.745 30.59166 ? 5   G   B C6    1 
ATOM   114  C  C6    B G   A 1 5  ? 5.72666   0.39445   -9.18344  0.255 30.63290 ? 5   G   B C6    1 
ATOM   115  O  O6    A G   A 1 5  ? 5.71146   1.00072   -8.14707  0.745 31.11152 ? 5   G   B O6    1 
ATOM   116  O  O6    B G   A 1 5  ? 5.85477   1.05072   -8.14401  0.255 31.24383 ? 5   G   B O6    1 
ATOM   117  N  N1    A G   A 1 5  ? 6.25053   -0.88316  -9.30293  0.745 30.02576 ? 5   G   B N1    1 
ATOM   118  N  N1    B G   A 1 5  ? 6.31634   -0.86194  -9.28939  0.255 30.04943 ? 5   G   B N1    1 
ATOM   119  C  C2    A G   A 1 5  ? 6.21959   -1.68914  -10.41590 0.745 31.25079 ? 5   G   B C2    1 
ATOM   120  C  C2    B G   A 1 5  ? 6.24265   -1.67913  -10.39116 0.255 31.14297 ? 5   G   B C2    1 
ATOM   121  N  N2    A G   A 1 5  ? 6.87862   -2.86306  -10.34126 0.745 29.62521 ? 5   G   B N2    1 
ATOM   122  N  N2    B G   A 1 5  ? 6.87556   -2.86156  -10.30524 0.255 29.63306 ? 5   G   B N2    1 
ATOM   123  N  N3    A G   A 1 5  ? 5.58356   -1.38245  -11.52849 0.745 30.60591 ? 5   G   B N3    1 
ATOM   124  N  N3    B G   A 1 5  ? 5.59413   -1.36512  -11.49837 0.255 30.60466 ? 5   G   B N3    1 
ATOM   125  C  C4    A G   A 1 5  ? 4.96896   -0.18555  -11.44097 0.745 30.06259 ? 5   G   B C4    1 
ATOM   126  C  C4    B G   A 1 5  ? 5.01492   -0.14863  -11.41575 0.255 30.19172 ? 5   G   B C4    1 
ATOM   127  P  P     . A   A 1 6  ? -0.40941  -1.69090  -12.70630 1.000 36.26848 ? 6   A   B P     1 
ATOM   128  O  OP1   . A   A 1 6  ? -1.63757  -2.33383  -13.23748 1.000 37.90908 ? 6   A   B OP1   1 
ATOM   129  O  OP2   . A   A 1 6  ? -0.52845  -0.53068  -11.78489 1.000 34.98970 ? 6   A   B OP2   1 
ATOM   130  O  "O5'" . A   A 1 6  ? 0.46972   -2.77469  -11.94100 1.000 34.12376 ? 6   A   B "O5'" 1 
ATOM   131  C  "C5'" . A   A 1 6  ? 0.92819   -3.93451  -12.61670 1.000 31.27993 ? 6   A   B "C5'" 1 
ATOM   132  C  "C4'" . A   A 1 6  ? 1.77030   -4.79854  -11.72201 1.000 30.05186 ? 6   A   B "C4'" 1 
ATOM   133  O  "O4'" . A   A 1 6  ? 3.01032   -4.13267  -11.36672 1.000 31.55595 ? 6   A   B "O4'" 1 
ATOM   134  C  "C3'" . A   A 1 6  ? 1.16228   -5.14465  -10.37758 1.000 26.91930 ? 6   A   B "C3'" 1 
ATOM   135  O  "O3'" . A   A 1 6  ? 0.14493   -6.11692  -10.47768 1.000 29.65208 ? 6   A   B "O3'" 1 
ATOM   136  C  "C2'" . A   A 1 6  ? 2.38718   -5.57226  -9.58619  1.000 29.70947 ? 6   A   B "C2'" 1 
ATOM   137  O  "O2'" . A   A 1 6  ? 2.83469   -6.85810  -10.00526 1.000 31.54989 ? 6   A   B "O2'" 1 
ATOM   138  C  "C1'" . A   A 1 6  ? 3.40509   -4.53611  -10.06773 1.000 29.35726 ? 6   A   B "C1'" 1 
ATOM   139  N  N9    . A   A 1 6  ? 3.41553   -3.35338  -9.18507  1.000 28.92958 ? 6   A   B N9    1 
ATOM   140  C  C8    . A   A 1 6  ? 2.84562   -2.13157  -9.43267  1.000 32.26245 ? 6   A   B C8    1 
ATOM   141  N  N7    . A   A 1 6  ? 3.00170   -1.27573  -8.45324  1.000 30.32049 ? 6   A   B N7    1 
ATOM   142  C  C5    . A   A 1 6  ? 3.71940   -1.96848  -7.49779  1.000 28.85268 ? 6   A   B C5    1 
ATOM   143  C  C6    . A   A 1 6  ? 4.20413   -1.60295  -6.23326  1.000 32.48274 ? 6   A   B C6    1 
ATOM   144  N  N6    . A   A 1 6  ? 4.00975   -0.38430  -5.71220  1.000 32.49724 ? 6   A   B N6    1 
ATOM   145  N  N1    . A   A 1 6  ? 4.88246   -2.53585  -5.51455  1.000 28.69717 ? 6   A   B N1    1 
ATOM   146  C  C2    . A   A 1 6  ? 5.05724   -3.75034  -6.06256  1.000 29.71043 ? 6   A   B C2    1 
ATOM   147  N  N3    . A   A 1 6  ? 4.65186   -4.20386  -7.24613  1.000 28.79210 ? 6   A   B N3    1 
ATOM   148  C  C4    . A   A 1 6  ? 3.98047   -3.25943  -7.93004  1.000 29.23064 ? 6   A   B C4    1 
ATOM   149  P  P     . A   A 1 7  ? -1.05962  -6.16244  -9.42003  1.000 27.96436 ? 7   A   B P     1 
ATOM   150  O  OP1   . A   A 1 7  ? -2.16746  -6.89220  -10.08554 1.000 28.54433 ? 7   A   B OP1   1 
ATOM   151  O  OP2   . A   A 1 7  ? -1.32901  -4.79570  -8.87602  1.000 29.15210 ? 7   A   B OP2   1 
ATOM   152  O  "O5'" . A   A 1 7  ? -0.47568  -7.07073  -8.26126  1.000 28.65998 ? 7   A   B "O5'" 1 
ATOM   153  C  "C5'" . A   A 1 7  ? 0.04883   -8.35470  -8.56637  1.000 28.62116 ? 7   A   B "C5'" 1 
ATOM   154  C  "C4'" . A   A 1 7  ? 0.92289   -8.86299  -7.45696  1.000 24.24664 ? 7   A   B "C4'" 1 
ATOM   155  O  "O4'" . A   A 1 7  ? 2.01746   -7.94672  -7.22571  1.000 27.94698 ? 7   A   B "O4'" 1 
ATOM   156  C  "C3'" . A   A 1 7  ? 0.23635   -8.98617  -6.11121  1.000 25.08355 ? 7   A   B "C3'" 1 
ATOM   157  O  "O3'" . A   A 1 7  ? -0.44481  -10.21476 -6.00558  1.000 30.84518 ? 7   A   B "O3'" 1 
ATOM   158  C  "C2'" . A   A 1 7  ? 1.38102   -8.84321  -5.12045  1.000 25.46071 ? 7   A   B "C2'" 1 
ATOM   159  O  "O2'" . A   A 1 7  ? 2.05863   -10.08541 -4.94783  1.000 31.07754 ? 7   A   B "O2'" 1 
ATOM   160  C  "C1'" . A   A 1 7  ? 2.30427   -7.86983  -5.84878  1.000 28.58550 ? 7   A   B "C1'" 1 
ATOM   161  N  N9    . A   A 1 7  ? 2.10647   -6.46578  -5.42849  1.000 25.72798 ? 7   A   B N9    1 
ATOM   162  C  C8    . A   A 1 7  ? 1.34612   -5.50310  -6.04642  1.000 30.18178 ? 7   A   B C8    1 
ATOM   163  N  N7    . A   A 1 7  ? 1.39500   -4.33505  -5.44692  1.000 28.33656 ? 7   A   B N7    1 
ATOM   164  C  C5    . A   A 1 7  ? 2.25022   -4.54449  -4.37907  1.000 26.10345 ? 7   A   B C5    1 
ATOM   165  C  C6    . A   A 1 7  ? 2.72448   -3.69405  -3.35869  1.000 25.95866 ? 7   A   B C6    1 
ATOM   166  N  N6    . A   A 1 7  ? 2.37656   -2.39964  -3.23925  1.000 25.34374 ? 7   A   B N6    1 
ATOM   167  N  N1    . A   A 1 7  ? 3.57389   -4.21474  -2.44579  1.000 26.09585 ? 7   A   B N1    1 
ATOM   168  C  C2    . A   A 1 7  ? 3.91548   -5.50784  -2.55755  1.000 31.50000 ? 7   A   B C2    1 
ATOM   169  N  N3    . A   A 1 7  ? 3.53875   -6.39973  -3.47028  1.000 30.09977 ? 7   A   B N3    1 
ATOM   170  C  C4    . A   A 1 7  ? 2.70444   -5.85148  -4.36561  1.000 26.11016 ? 7   A   B C4    1 
ATOM   171  P  P     . G   A 1 8  ? -1.97065  -10.25228 -5.54154  1.000 29.70944 ? 8   G   B P     1 
ATOM   172  O  OP1   . G   A 1 8  ? -2.55304  -11.58530 -5.85761  1.000 31.97092 ? 8   G   B OP1   1 
ATOM   173  O  OP2   . G   A 1 8  ? -2.64415  -9.01425  -6.00987  1.000 36.57063 ? 8   G   B OP2   1 
ATOM   174  O  "O5'" . G   A 1 8  ? -1.83065  -10.17663 -3.97017  1.000 28.19586 ? 8   G   B "O5'" 1 
ATOM   175  C  "C5'" . G   A 1 8  ? -2.85028  -10.70520 -3.15654  1.000 31.49105 ? 8   G   B "C5'" 1 
ATOM   176  C  "C4'" . G   A 1 8  ? -2.27792  -11.16380 -1.85377  1.000 28.61683 ? 8   G   B "C4'" 1 
ATOM   177  O  "O4'" . G   A 1 8  ? -1.57454  -10.04351 -1.22853  1.000 28.54843 ? 8   G   B "O4'" 1 
ATOM   178  C  "C3'" . G   A 1 8  ? -3.31902  -11.61603 -0.84740  1.000 26.80907 ? 8   G   B "C3'" 1 
ATOM   179  O  "O3'" . G   A 1 8  ? -2.65756  -12.51533 0.02907   1.000 29.53647 ? 8   G   B "O3'" 1 
ATOM   180  C  "C2'" . G   A 1 8  ? -3.60093  -10.31716 -0.11006  1.000 22.40253 ? 8   G   B "C2'" 1 
ATOM   181  O  "O2'" . G   A 1 8  ? -4.25496  -10.46430 1.13400   1.000 27.31089 ? 8   G   B "O2'" 1 
ATOM   182  C  "C1'" . G   A 1 8  ? -2.18649  -9.75617  0.00912   1.000 25.36005 ? 8   G   B "C1'" 1 
ATOM   183  N  N9    . G   A 1 8  ? -2.16082  -8.31662  0.26709   1.000 23.01961 ? 8   G   B N9    1 
ATOM   184  C  C8    . G   A 1 8  ? -2.95970  -7.35599  -0.31694  1.000 23.91046 ? 8   G   B C8    1 
ATOM   185  N  N7    . G   A 1 8  ? -2.75220  -6.16437  0.18284   1.000 23.03114 ? 8   G   B N7    1 
ATOM   186  C  C5    . G   A 1 8  ? -1.78347  -6.35928  1.16787   1.000 24.40981 ? 8   G   B C5    1 
ATOM   187  C  C6    . G   A 1 8  ? -1.16436  -5.43050  2.05169   1.000 23.64024 ? 8   G   B C6    1 
ATOM   188  O  O6    . G   A 1 8  ? -1.35689  -4.21092  2.15697   1.000 23.07976 ? 8   G   B O6    1 
ATOM   189  N  N1    . G   A 1 8  ? -0.23582  -6.01988  2.88713   1.000 20.13657 ? 8   G   B N1    1 
ATOM   190  C  C2    . G   A 1 8  ? 0.06436   -7.37060  2.87955   1.000 22.12096 ? 8   G   B C2    1 
ATOM   191  N  N2    . G   A 1 8  ? 0.98828   -7.74885  3.76150   1.000 22.12606 ? 8   G   B N2    1 
ATOM   192  N  N3    . G   A 1 8  ? -0.49890  -8.25044  2.05657   1.000 23.85441 ? 8   G   B N3    1 
ATOM   193  C  C4    . G   A 1 8  ? -1.41048  -7.68545  1.23745   1.000 24.92694 ? 8   G   B C4    1 
ATOM   194  P  P     . G   A 1 9  ? -3.44559  -13.63166 0.86953   1.000 32.73492 ? 9   G   B P     1 
ATOM   195  O  OP1   . G   A 1 9  ? -3.02221  -14.93466 0.28828   1.000 34.89846 ? 9   G   B OP1   1 
ATOM   196  O  OP2   . G   A 1 9  ? -4.88610  -13.32902 1.00893   1.000 32.07220 ? 9   G   B OP2   1 
ATOM   197  O  "O5'" . G   A 1 9  ? -2.75649  -13.51263 2.29419   1.000 28.66510 ? 9   G   B "O5'" 1 
ATOM   198  C  "C5'" . G   A 1 9  ? -1.35055  -13.68837 2.42784   1.000 27.78740 ? 9   G   B "C5'" 1 
ATOM   199  C  "C4'" . G   A 1 9  ? -0.84273  -13.22871 3.77375   1.000 29.47952 ? 9   G   B "C4'" 1 
ATOM   200  O  "O4'" . G   A 1 9  ? -0.77644  -11.77102 3.80512   1.000 25.25273 ? 9   G   B "O4'" 1 
ATOM   201  C  "C3'" . G   A 1 9  ? -1.69396  -13.63404 4.97888   1.000 27.63090 ? 9   G   B "C3'" 1 
ATOM   202  O  "O3'" . G   A 1 9  ? -0.84034  -13.79901 6.10690   1.000 27.74161 ? 9   G   B "O3'" 1 
ATOM   203  C  "C2'" . G   A 1 9  ? -2.51418  -12.37914 5.22401   1.000 25.88531 ? 9   G   B "C2'" 1 
ATOM   204  O  "O2'" . G   A 1 9  ? -3.02869  -12.26425 6.53204   1.000 28.82238 ? 9   G   B "O2'" 1 
ATOM   205  C  "C1'" . G   A 1 9  ? -1.47177  -11.31107 4.94410   1.000 24.50846 ? 9   G   B "C1'" 1 
ATOM   206  N  N9    . G   A 1 9  ? -2.02549  -9.98993  4.66101   1.000 21.79050 ? 9   G   B N9    1 
ATOM   207  C  C8    . G   A 1 9  ? -2.88932  -9.64400  3.65651   1.000 23.24333 ? 9   G   B C8    1 
ATOM   208  N  N7    . G   A 1 9  ? -3.20225  -8.37619  3.67272   1.000 24.21374 ? 9   G   B N7    1 
ATOM   209  C  C5    . G   A 1 9  ? -2.49917  -7.86108  4.74694   1.000 20.16389 ? 9   G   B C5    1 
ATOM   210  C  C6    . G   A 1 9  ? -2.43974  -6.54551  5.25471   1.000 20.07149 ? 9   G   B C6    1 
ATOM   211  O  O6    . G   A 1 9  ? -3.02767  -5.55134  4.83614   1.000 21.74528 ? 9   G   B O6    1 
ATOM   212  N  N1    . G   A 1 9  ? -1.60951  -6.44556  6.35635   1.000 21.46255 ? 9   G   B N1    1 
ATOM   213  C  C2    . G   A 1 9  ? -0.92061  -7.49356  6.90879   1.000 22.00671 ? 9   G   B C2    1 
ATOM   214  N  N2    . G   A 1 9  ? -0.17185  -7.21339  7.98045   1.000 23.35795 ? 9   G   B N2    1 
ATOM   215  N  N3    . G   A 1 9  ? -0.96690  -8.73051  6.43951   1.000 22.10011 ? 9   G   B N3    1 
ATOM   216  C  C4    . G   A 1 9  ? -1.76676  -8.83762  5.36992   1.000 21.16224 ? 9   G   B C4    1 
ATOM   217  P  P     . A   A 1 10 ? -0.11583  -15.20119 6.40112   1.000 31.11699 ? 10  A   B P     1 
ATOM   218  O  OP1   . A   A 1 10 ? -0.85837  -16.27804 5.70009   1.000 34.12619 ? 10  A   B OP1   1 
ATOM   219  O  OP2   . A   A 1 10 ? 0.11395   -15.21768 7.86569   1.000 31.67371 ? 10  A   B OP2   1 
ATOM   220  O  "O5'" . A   A 1 10 ? 1.27629   -15.08302 5.65091   1.000 28.62370 ? 10  A   B "O5'" 1 
ATOM   221  C  "C5'" . A   A 1 10 ? 2.32066   -14.24913 6.14033   1.000 35.28999 ? 10  A   B "C5'" 1 
ATOM   222  C  "C4'" . A   A 1 10 ? 3.59669   -14.47206 5.36537   1.000 40.06742 ? 10  A   B "C4'" 1 
ATOM   223  O  "O4'" . A   A 1 10 ? 3.96879   -15.87154 5.48325   1.000 37.92072 ? 10  A   B "O4'" 1 
ATOM   224  C  "C3'" . A   A 1 10 ? 3.51043   -14.19233 3.86773   1.000 38.49088 ? 10  A   B "C3'" 1 
ATOM   225  O  "O3'" . A   A 1 10 ? 4.80327   -13.83716 3.39582   1.000 46.16463 ? 10  A   B "O3'" 1 
ATOM   226  C  "C2'" . A   A 1 10 ? 3.16147   -15.55972 3.30149   1.000 36.48151 ? 10  A   B "C2'" 1 
ATOM   227  O  "O2'" . A   A 1 10 ? 3.49030   -15.73987 1.94235   1.000 40.75448 ? 10  A   B "O2'" 1 
ATOM   228  C  "C1'" . A   A 1 10 ? 3.98367   -16.47230 4.20038   1.000 39.04866 ? 10  A   B "C1'" 1 
ATOM   229  N  N9    . A   A 1 10 ? 3.41971   -17.81316 4.32339   1.000 35.23906 ? 10  A   B N9    1 
ATOM   230  C  C8    . A   A 1 10 ? 2.15207   -18.14735 4.73019   1.000 35.81193 ? 10  A   B C8    1 
ATOM   231  N  N7    . A   A 1 10 ? 1.92778   -19.43965 4.74413   1.000 36.93197 ? 10  A   B N7    1 
ATOM   232  C  C5    . A   A 1 10 ? 3.13091   -19.98423 4.31780   1.000 34.40580 ? 10  A   B C5    1 
ATOM   233  C  C6    . A   A 1 10 ? 3.54372   -21.30898 4.11635   1.000 34.20482 ? 10  A   B C6    1 
ATOM   234  N  N6    . A   A 1 10 ? 2.75567   -22.36297 4.33256   1.000 37.05187 ? 10  A   B N6    1 
ATOM   235  N  N1    . A   A 1 10 ? 4.80733   -21.50534 3.67903   1.000 32.03395 ? 10  A   B N1    1 
ATOM   236  C  C2    . A   A 1 10 ? 5.60186   -20.44814 3.47984   1.000 32.81891 ? 10  A   B C2    1 
ATOM   237  N  N3    . A   A 1 10 ? 5.32656   -19.15199 3.62859   1.000 30.68066 ? 10  A   B N3    1 
ATOM   238  C  C4    . A   A 1 10 ? 4.06248   -18.99489 4.05673   1.000 29.43248 ? 10  A   B C4    1 
ATOM   239  P  P     . A   A 1 11 ? 5.00808   -12.58113 2.42222   1.000 44.90651 ? 11  A   B P     1 
ATOM   240  O  OP1   . A   A 1 11 ? 3.71496   -12.06559 1.92144   1.000 35.60926 ? 11  A   B OP1   1 
ATOM   241  O  OP2   . A   A 1 11 ? 6.08166   -12.94860 1.46553   1.000 50.36593 ? 11  A   B OP2   1 
ATOM   242  O  "O5'" . A   A 1 11 ? 5.58927   -11.47816 3.39302   1.000 35.20086 ? 11  A   B "O5'" 1 
ATOM   243  C  "C5'" . A   A 1 11 ? 6.85015   -11.65155 4.00252   1.000 34.82632 ? 11  A   B "C5'" 1 
ATOM   244  C  "C4'" . A   A 1 11 ? 7.18472   -10.46576 4.84930   1.000 28.40846 ? 11  A   B "C4'" 1 
ATOM   245  O  "O4'" . A   A 1 11 ? 7.40223   -9.29513  4.01396   1.000 30.98718 ? 11  A   B "O4'" 1 
ATOM   246  C  "C3'" . A   A 1 11 ? 6.09232   -10.01395 5.79867   1.000 33.01443 ? 11  A   B "C3'" 1 
ATOM   247  O  "O3'" . A   A 1 11 ? 5.95676   -10.84107 6.94097   1.000 39.63376 ? 11  A   B "O3'" 1 
ATOM   248  C  "C2'" . A   A 1 11 ? 6.51731   -8.58674  6.09665   1.000 29.68730 ? 11  A   B "C2'" 1 
ATOM   249  O  "O2'" . A   A 1 11 ? 7.64112   -8.58654  6.96089   1.000 37.20536 ? 11  A   B "O2'" 1 
ATOM   250  C  "C1'" . A   A 1 11 ? 6.98589   -8.13599  4.71385   1.000 31.60264 ? 11  A   B "C1'" 1 
ATOM   251  N  N9    . A   A 1 11 ? 5.89258   -7.49902  3.96025   1.000 25.68228 ? 11  A   B N9    1 
ATOM   252  C  C8    . A   A 1 11 ? 5.19075   -8.02175  2.90440   1.000 27.13413 ? 11  A   B C8    1 
ATOM   253  N  N7    . A   A 1 11 ? 4.26580   -7.21161  2.43925   1.000 28.81325 ? 11  A   B N7    1 
ATOM   254  C  C5    . A   A 1 11 ? 4.36090   -6.09364  3.25478   1.000 25.36134 ? 11  A   B C5    1 
ATOM   255  C  C6    . A   A 1 11 ? 3.65573   -4.87046  3.27569   1.000 24.79417 ? 11  A   B C6    1 
ATOM   256  N  N6    . A   A 1 11 ? 2.66643   -4.57040  2.43429   1.000 25.22832 ? 11  A   B N6    1 
ATOM   257  N  N1    . A   A 1 11 ? 4.00304   -3.96972  4.22633   1.000 24.54524 ? 11  A   B N1    1 
ATOM   258  C  C2    . A   A 1 11 ? 4.98987   -4.26263  5.08017   1.000 23.86340 ? 11  A   B C2    1 
ATOM   259  N  N3    . A   A 1 11 ? 5.72297   -5.37566  5.14781   1.000 26.81972 ? 11  A   B N3    1 
ATOM   260  C  C4    . A   A 1 11 ? 5.35650   -6.25179  4.19816   1.000 24.25449 ? 11  A   B C4    1 
ATOM   261  P  P     . G   A 1 12 ? 4.52563   -11.00153 7.66732   1.000 36.34148 ? 12  G   B P     1 
ATOM   262  O  OP1   . G   A 1 12 ? 4.60500   -12.15851 8.58912   1.000 37.42514 ? 12  G   B OP1   1 
ATOM   263  O  OP2   . G   A 1 12 ? 3.40684   -10.90497 6.69139   1.000 33.35452 ? 12  G   B OP2   1 
ATOM   264  O  "O5'" . G   A 1 12 ? 4.42296   -9.68552  8.56111   1.000 32.48878 ? 12  G   B "O5'" 1 
ATOM   265  C  "C5'" . G   A 1 12 ? 5.46522   -9.31926  9.44897   1.000 29.02784 ? 12  G   B "C5'" 1 
ATOM   266  C  "C4'" . G   A 1 12 ? 5.33387   -7.87859  9.86950   1.000 29.91114 ? 12  G   B "C4'" 1 
ATOM   267  O  "O4'" . G   A 1 12 ? 5.32781   -7.03822  8.69202   1.000 30.75500 ? 12  G   B "O4'" 1 
ATOM   268  C  "C3'" . G   A 1 12 ? 4.04645   -7.50244  10.58468  1.000 32.05031 ? 12  G   B "C3'" 1 
ATOM   269  O  "O3'" . G   A 1 12 ? 4.08947   -7.79820  11.96237  1.000 32.39201 ? 12  G   B "O3'" 1 
ATOM   270  C  "C2'" . G   A 1 12 ? 3.94547   -6.01053  10.32049  1.000 30.23633 ? 12  G   B "C2'" 1 
ATOM   271  O  "O2'" . G   A 1 12 ? 4.85232   -5.30810  11.16348  1.000 31.17294 ? 12  G   B "O2'" 1 
ATOM   272  C  "C1'" . G   A 1 12 ? 4.49539   -5.91910  8.91057   1.000 28.63640 ? 12  G   B "C1'" 1 
ATOM   273  N  N9    . G   A 1 12 ? 3.48082   -5.84460  7.84422   1.000 23.41578 ? 12  G   B N9    1 
ATOM   274  C  C8    . G   A 1 12 ? 3.16481   -6.79171  6.88928   1.000 24.21782 ? 12  G   B C8    1 
ATOM   275  N  N7    . G   A 1 12 ? 2.28101   -6.35990  6.02298   1.000 22.67497 ? 12  G   B N7    1 
ATOM   276  C  C5    . G   A 1 12 ? 2.01974   -5.05103  6.41456   1.000 22.51213 ? 12  G   B C5    1 
ATOM   277  C  C6    . G   A 1 12 ? 1.16168   -4.06590  5.85663   1.000 19.95040 ? 12  G   B C6    1 
ATOM   278  O  O6    . G   A 1 12 ? 0.41852   -4.14547  4.87414   1.000 22.40547 ? 12  G   B O6    1 
ATOM   279  N  N1    . G   A 1 12 ? 1.22135   -2.86758  6.56890   1.000 21.45180 ? 12  G   B N1    1 
ATOM   280  C  C2    . G   A 1 12 ? 1.99724   -2.64807  7.68677   1.000 21.73304 ? 12  G   B C2    1 
ATOM   281  N  N2    . G   A 1 12 ? 1.90245   -1.42274  8.25156   1.000 22.78944 ? 12  G   B N2    1 
ATOM   282  N  N3    . G   A 1 12 ? 2.80757   -3.55335  8.21175   1.000 24.04463 ? 12  G   B N3    1 
ATOM   283  C  C4    . G   A 1 12 ? 2.76405   -4.71612  7.52886   1.000 22.45720 ? 12  G   B C4    1 
ATOM   284  P  P     . G   A 1 13 ? 2.73460   -7.95532  12.80601  1.000 33.73218 ? 13  G   B P     1 
ATOM   285  O  OP1   . G   A 1 13 ? 3.13469   -8.54430  14.11388  1.000 37.35144 ? 13  G   B OP1   1 
ATOM   286  O  OP2   . G   A 1 13 ? 1.70038   -8.60351  11.96412  1.000 34.87249 ? 13  G   B OP2   1 
ATOM   287  O  "O5'" . G   A 1 13 ? 2.25952   -6.45852  13.05016  1.000 28.83043 ? 13  G   B "O5'" 1 
ATOM   288  C  "C5'" . G   A 1 13 ? 3.00141   -5.57313  13.87193  1.000 25.54134 ? 13  G   B "C5'" 1 
ATOM   289  C  "C4'" . G   A 1 13 ? 2.32040   -4.23532  13.92401  1.000 24.65390 ? 13  G   B "C4'" 1 
ATOM   290  O  "O4'" . G   A 1 13 ? 2.28575   -3.65453  12.59271  1.000 25.67350 ? 13  G   B "O4'" 1 
ATOM   291  C  "C3'" . G   A 1 13 ? 0.86450   -4.28296  14.34414  1.000 23.70029 ? 13  G   B "C3'" 1 
ATOM   292  O  "O3'" . G   A 1 13 ? 0.72511   -4.31496  15.75453  1.000 28.12919 ? 13  G   B "O3'" 1 
ATOM   293  C  "C2'" . G   A 1 13 ? 0.29032   -3.02209  13.71436  1.000 22.53441 ? 13  G   B "C2'" 1 
ATOM   294  O  "O2'" . G   A 1 13 ? 0.63335   -1.89224  14.50186  1.000 29.06359 ? 13  G   B "O2'" 1 
ATOM   295  C  "C1'" . G   A 1 13 ? 1.09168   -2.92956  12.41833  1.000 25.68529 ? 13  G   B "C1'" 1 
ATOM   296  N  N9    . G   A 1 13 ? 0.42040   -3.43920  11.20929  1.000 23.45475 ? 13  G   B N9    1 
ATOM   297  C  C8    . G   A 1 13 ? 0.57821   -4.68857  10.65110  1.000 22.14404 ? 13  G   B C8    1 
ATOM   298  N  N7    . G   A 1 13 ? -0.07630  -4.82158  9.53150   1.000 22.46866 ? 13  G   B N7    1 
ATOM   299  C  C5    . G   A 1 13 ? -0.66941  -3.58920  9.31494   1.000 20.85174 ? 13  G   B C5    1 
ATOM   300  C  C6    . G   A 1 13 ? -1.49480  -3.14934  8.25671   1.000 21.16987 ? 13  G   B C6    1 
ATOM   301  O  O6    . G   A 1 13 ? -1.86523  -3.78602  7.25558   1.000 21.38890 ? 13  G   B O6    1 
ATOM   302  N  N1    . G   A 1 13 ? -1.89258  -1.82202  8.44357   1.000 20.68759 ? 13  G   B N1    1 
ATOM   303  C  C2    . G   A 1 13 ? -1.52780  -1.03066  9.51195   1.000 23.83275 ? 13  G   B C2    1 
ATOM   304  N  N2    . G   A 1 13 ? -1.99211  0.23144   9.54335   1.000 22.54291 ? 13  G   B N2    1 
ATOM   305  N  N3    . G   A 1 13 ? -0.75357  -1.43950  10.49577  1.000 22.19422 ? 13  G   B N3    1 
ATOM   306  C  C4    . G   A 1 13 ? -0.36104  -2.72010  10.33705  1.000 20.54357 ? 13  G   B C4    1 
ATOM   307  P  P     . U   A 1 14 ? -0.39987  -5.22682  16.43259  1.000 27.47102 ? 14  U   B P     1 
ATOM   308  O  OP1   . U   A 1 14 ? -0.38242  -4.90230  17.88263  1.000 29.02559 ? 14  U   B OP1   1 
ATOM   309  O  OP2   . U   A 1 14 ? -0.27736  -6.62658  15.98647  1.000 27.18193 ? 14  U   B OP2   1 
ATOM   310  O  "O5'" . U   A 1 14 ? -1.73950  -4.73611  15.75988  1.000 24.94638 ? 14  U   B "O5'" 1 
ATOM   311  C  "C5'" . U   A 1 14 ? -2.36033  -3.52777  16.14128  1.000 26.29713 ? 14  U   B "C5'" 1 
ATOM   312  C  "C4'" . U   A 1 14 ? -3.82108  -3.78209  16.33504  1.000 24.06526 ? 14  U   B "C4'" 1 
ATOM   313  O  "O4'" . U   A 1 14 ? -4.41828  -4.07798  15.03999  1.000 22.46297 ? 14  U   B "O4'" 1 
ATOM   314  C  "C3'" . U   A 1 14 ? -4.13561  -4.98167  17.24370  1.000 27.38410 ? 14  U   B "C3'" 1 
ATOM   315  O  "O3'" . U   A 1 14 ? -4.98551  -4.60737  18.32258  1.000 30.40631 ? 14  U   B "O3'" 1 
ATOM   316  C  "C2'" . U   A 1 14 ? -4.85657  -5.97398  16.32158  1.000 24.91976 ? 14  U   B "C2'" 1 
ATOM   317  O  "O2'" . U   A 1 14 ? -5.90571  -6.68369  16.94469  1.000 25.07003 ? 14  U   B "O2'" 1 
ATOM   318  C  "C1'" . U   A 1 14 ? -5.38861  -5.07551  15.21178  1.000 22.40527 ? 14  U   B "C1'" 1 
ATOM   319  N  N1    . U   A 1 14 ? -5.60278  -5.76505  13.93172  1.000 21.66862 ? 14  U   B N1    1 
ATOM   320  C  C2    . U   A 1 14 ? -6.40601  -5.12117  13.01820  1.000 21.28365 ? 14  U   B C2    1 
ATOM   321  O  O2    . U   A 1 14 ? -6.89177  -4.01556  13.21593  1.000 22.52017 ? 14  U   B O2    1 
ATOM   322  N  N3    . U   A 1 14 ? -6.60037  -5.77340  11.83479  1.000 20.59562 ? 14  U   B N3    1 
ATOM   323  C  C4    . U   A 1 14 ? -6.09610  -7.02043  11.50439  1.000 22.46088 ? 14  U   B C4    1 
ATOM   324  O  O4    . U   A 1 14 ? -6.37032  -7.48729  10.39864  1.000 21.51630 ? 14  U   B O4    1 
ATOM   325  C  C5    . U   A 1 14 ? -5.28921  -7.62590  12.51234  1.000 22.24371 ? 14  U   B C5    1 
ATOM   326  C  C6    . U   A 1 14 ? -5.06686  -7.00934  13.67470  1.000 22.15766 ? 14  U   B C6    1 
ATOM   327  P  P     . U   A 1 15 ? -4.34421  -3.88038  19.60723  1.000 30.05053 ? 15  U   B P     1 
ATOM   328  O  OP1   . U   A 1 15 ? -2.86943  -3.92342  19.49687  1.000 36.93275 ? 15  U   B OP1   1 
ATOM   329  O  OP2   . U   A 1 15 ? -4.95913  -4.40135  20.85805  1.000 38.46485 ? 15  U   B OP2   1 
ATOM   330  O  "O5'" . U   A 1 15 ? -4.83492  -2.39546  19.38843  1.000 31.76474 ? 15  U   B "O5'" 1 
ATOM   331  C  "C5'" . U   A 1 15 ? -3.98315  -1.26961  19.49368  1.000 39.51974 ? 15  U   B "C5'" 1 
ATOM   332  C  "C4'" . U   A 1 15 ? -4.81751  -0.02620  19.33587  1.000 41.26113 ? 15  U   B "C4'" 1 
ATOM   333  O  "O4'" . U   A 1 15 ? -5.75346  0.09808   20.43293  1.000 41.17400 ? 15  U   B "O4'" 1 
ATOM   334  C  "C3'" . U   A 1 15 ? -4.10119  1.30415   19.31577  1.000 43.62009 ? 15  U   B "C3'" 1 
ATOM   335  O  "O3'" . U   A 1 15 ? -3.54503  1.54101   18.04481  1.000 45.59400 ? 15  U   B "O3'" 1 
ATOM   336  C  "C2'" . U   A 1 15 ? -5.21660  2.28824   19.66716  1.000 47.96570 ? 15  U   B "C2'" 1 
ATOM   337  O  "O2'" . U   A 1 15 ? -5.98884  2.59418   18.51126  1.000 41.16866 ? 15  U   B "O2'" 1 
ATOM   338  C  "C1'" . U   A 1 15 ? -6.08537  1.45636   20.61999  1.000 49.04873 ? 15  U   B "C1'" 1 
ATOM   339  N  N1    . U   A 1 15 ? -5.91515  1.81172   22.04910  1.000 45.44781 ? 15  U   B N1    1 
ATOM   340  C  C2    . U   A 1 15 ? -6.61372  2.91552   22.50844  1.000 51.81795 ? 15  U   B C2    1 
ATOM   341  O  O2    . U   A 1 15 ? -7.32408  3.59161   21.78391  1.000 48.35044 ? 15  U   B O2    1 
ATOM   342  N  N3    . U   A 1 15 ? -6.44457  3.20237   23.84157  1.000 46.73031 ? 15  U   B N3    1 
ATOM   343  C  C4    . U   A 1 15 ? -5.66819  2.50687   24.74666  1.000 56.29013 ? 15  U   B C4    1 
ATOM   344  O  O4    . U   A 1 15 ? -5.61603  2.89151   25.91714  1.000 56.94761 ? 15  U   B O4    1 
ATOM   345  C  C5    . U   A 1 15 ? -4.98488  1.37213   24.20097  1.000 50.14618 ? 15  U   B C5    1 
ATOM   346  C  C6    . U   A 1 15 ? -5.13274  1.06856   22.90458  1.000 53.48812 ? 15  U   B C6    1 
ATOM   347  P  P     . U   A 1 16 ? -2.45645  2.68747   17.82141  1.000 34.13982 ? 16  U   B P     1 
ATOM   348  O  OP1   . U   A 1 16 ? -1.39654  2.48581   18.84309  1.000 46.09006 ? 16  U   B OP1   1 
ATOM   349  O  OP2   . U   A 1 16 ? -3.15212  3.99474   17.70442  1.000 45.69083 ? 16  U   B OP2   1 
ATOM   350  O  "O5'" . U   A 1 16 ? -1.86004  2.33204   16.38525  1.000 30.01831 ? 16  U   B "O5'" 1 
ATOM   351  C  "C5'" . U   A 1 16 ? -0.71044  1.51764   16.24853  1.000 28.65979 ? 16  U   B "C5'" 1 
ATOM   352  C  "C4'" . U   A 1 16 ? -0.59988  0.96220   14.85093  1.000 27.14091 ? 16  U   B "C4'" 1 
ATOM   353  O  "O4'" . U   A 1 16 ? -1.59779  -0.06881  14.67154  1.000 27.48934 ? 16  U   B "O4'" 1 
ATOM   354  C  "C3'" . U   A 1 16 ? -0.79118  1.95802   13.71480  1.000 25.20884 ? 16  U   B "C3'" 1 
ATOM   355  O  "O3'" . U   A 1 16 ? 0.15356   1.65734   12.69400  1.000 28.09691 ? 16  U   B "O3'" 1 
ATOM   356  C  "C2'" . U   A 1 16 ? -2.21977  1.68627   13.22042  1.000 22.84175 ? 16  U   B "C2'" 1 
ATOM   357  O  "O2'" . U   A 1 16 ? -2.42808  1.95332   11.83879  1.000 23.72874 ? 16  U   B "O2'" 1 
ATOM   358  C  "C1'" . U   A 1 16 ? -2.40266  0.20293   13.53535  1.000 23.98057 ? 16  U   B "C1'" 1 
ATOM   359  N  N1    . U   A 1 16 ? -3.76407  -0.16398  13.94044  1.000 24.20239 ? 16  U   B N1    1 
ATOM   360  C  C2    . U   A 1 16 ? -4.38103  -1.25857  13.36541  1.000 24.23202 ? 16  U   B C2    1 
ATOM   361  O  O2    . U   A 1 16 ? -3.86909  -1.90087  12.46462  1.000 22.56996 ? 16  U   B O2    1 
ATOM   362  N  N3    . U   A 1 16 ? -5.62810  -1.55318  13.85401  1.000 23.62943 ? 16  U   B N3    1 
ATOM   363  C  C4    . U   A 1 16 ? -6.29607  -0.88816  14.86036  1.000 27.15054 ? 16  U   B C4    1 
ATOM   364  O  O4    . U   A 1 16 ? -7.41527  -1.25445  15.20094  1.000 24.52790 ? 16  U   B O4    1 
ATOM   365  C  C5    . U   A 1 16 ? -5.58874  0.22162   15.41742  1.000 24.27994 ? 16  U   B C5    1 
ATOM   366  C  C6    . U   A 1 16 ? -4.37009  0.52182   14.97125  1.000 24.00467 ? 16  U   B C6    1 
ATOM   367  P  P     . G   A 1 17 ? 1.18673   2.78929   12.24174  1.000 31.13437 ? 17  G   B P     1 
ATOM   368  O  OP1   . G   A 1 17 ? 2.11540   2.21986   11.23528  1.000 32.45905 ? 17  G   B OP1   1 
ATOM   369  O  OP2   . G   A 1 17 ? 1.72916   3.47941   13.43831  1.000 30.63146 ? 17  G   B OP2   1 
ATOM   370  O  "O5'" . G   A 1 17 ? 0.22193   3.83742   11.53577  1.000 28.53898 ? 17  G   B "O5'" 1 
ATOM   371  C  "C5'" . G   A 1 17 ? 0.65115   5.13590   11.17389  1.000 27.01856 ? 17  G   B "C5'" 1 
ATOM   372  C  "C4'" . G   A 1 17 ? 0.01967   5.52426   9.86717   1.000 27.81449 ? 17  G   B "C4'" 1 
ATOM   373  O  "O4'" . G   A 1 17 ? 0.70016   4.85920   8.78349   1.000 25.80268 ? 17  G   B "O4'" 1 
ATOM   374  C  "C3'" . G   A 1 17 ? -1.42713  5.10480   9.69520   1.000 23.33842 ? 17  G   B "C3'" 1 
ATOM   375  O  "O3'" . G   A 1 17 ? -2.30037  6.01225   10.33250  1.000 23.78922 ? 17  G   B "O3'" 1 
ATOM   376  C  "C2'" . G   A 1 17 ? -1.58662  5.07434   8.18351   1.000 22.72259 ? 17  G   B "C2'" 1 
ATOM   377  O  "O2'" . G   A 1 17 ? -1.74876  6.40282   7.69499   1.000 24.95771 ? 17  G   B "O2'" 1 
ATOM   378  C  "C1'" . G   A 1 17 ? -0.20789  4.58472   7.74507   1.000 23.45900 ? 17  G   B "C1'" 1 
ATOM   379  N  N9    . G   A 1 17 ? -0.11884  3.14035   7.43977   1.000 23.42100 ? 17  G   B N9    1 
ATOM   380  C  C8    . G   A 1 17 ? 0.60072   2.19394   8.13609   1.000 24.64281 ? 17  G   B C8    1 
ATOM   381  N  N7    . G   A 1 17 ? 0.54178   1.00688   7.56858   1.000 24.51260 ? 17  G   B N7    1 
ATOM   382  C  C5    . G   A 1 17 ? -0.24063  1.19204   6.44631   1.000 21.69904 ? 17  G   B C5    1 
ATOM   383  C  C6    . G   A 1 17 ? -0.65014  0.27819   5.44011   1.000 23.47011 ? 17  G   B C6    1 
ATOM   384  O  O6    . G   A 1 17 ? -0.37823  -0.92512  5.36104   1.000 22.34344 ? 17  G   B O6    1 
ATOM   385  N  N1    . G   A 1 17 ? -1.43583  0.86995   4.45958   1.000 20.04663 ? 17  G   B N1    1 
ATOM   386  C  C2    . G   A 1 17 ? -1.78489  2.20312   4.44712   1.000 21.48767 ? 17  G   B C2    1 
ATOM   387  N  N2    . G   A 1 17 ? -2.55369  2.61226   3.42994   1.000 22.68354 ? 17  G   B N2    1 
ATOM   388  N  N3    . G   A 1 17 ? -1.40217  3.05908   5.38304   1.000 22.52597 ? 17  G   B N3    1 
ATOM   389  C  C4    . G   A 1 17 ? -0.64003  2.50213   6.33690   1.000 22.28470 ? 17  G   B C4    1 
ATOM   390  P  P     . G   A 1 18 ? -3.75428  5.56473   10.81289  1.000 25.05071 ? 18  G   B P     1 
ATOM   391  O  OP1   . G   A 1 18 ? -4.26589  6.65936   11.67692  1.000 26.77149 ? 18  G   B OP1   1 
ATOM   392  O  OP2   . G   A 1 18 ? -3.71925  4.17094   11.32145  1.000 28.02163 ? 18  G   B OP2   1 
ATOM   393  O  "O5'" . G   A 1 18 ? -4.60222  5.50147   9.48049   1.000 22.60770 ? 18  G   B "O5'" 1 
ATOM   394  C  "C5'" . G   A 1 18 ? -4.87816  6.65843   8.70472   1.000 22.18644 ? 18  G   B "C5'" 1 
ATOM   395  C  "C4'" . G   A 1 18 ? -5.88744  6.33056   7.64002   1.000 21.90016 ? 18  G   B "C4'" 1 
ATOM   396  O  "O4'" . G   A 1 18 ? -5.29972  5.31845   6.76348   1.000 21.60823 ? 18  G   B "O4'" 1 
ATOM   397  C  "C3'" . G   A 1 18 ? -7.18904  5.73570   8.18394   1.000 21.95284 ? 18  G   B "C3'" 1 
ATOM   398  O  "O3'" . G   A 1 18 ? -8.30274  6.14272   7.40346   1.000 21.24275 ? 18  G   B "O3'" 1 
ATOM   399  C  "C2'" . G   A 1 18 ? -6.97634  4.23551   8.02399   1.000 22.85939 ? 18  G   B "C2'" 1 
ATOM   400  O  "O2'" . G   A 1 18 ? -8.16737  3.48057   7.91101   1.000 21.71639 ? 18  G   B "O2'" 1 
ATOM   401  C  "C1'" . G   A 1 18 ? -6.10685  4.15759   6.76649   1.000 20.49836 ? 18  G   B "C1'" 1 
ATOM   402  N  N9    . G   A 1 18 ? -5.26025  2.96139   6.80176   1.000 21.15401 ? 18  G   B N9    1 
ATOM   403  C  C8    . G   A 1 18 ? -4.45813  2.57519   7.85413   1.000 24.08507 ? 18  G   B C8    1 
ATOM   404  N  N7    . G   A 1 18 ? -3.87956  1.41747   7.66386   1.000 21.52953 ? 18  G   B N7    1 
ATOM   405  C  C5    . G   A 1 18 ? -4.34298  1.01626   6.41263   1.000 20.34166 ? 18  G   B C5    1 
ATOM   406  C  C6    . G   A 1 18 ? -4.06871  -0.17328  5.69871   1.000 19.60665 ? 18  G   B C6    1 
ATOM   407  O  O6    . G   A 1 18 ? -3.33415  -1.10772  6.04703   1.000 21.48891 ? 18  G   B O6    1 
ATOM   408  N  N1    . G   A 1 18 ? -4.74474  -0.21016  4.47900   1.000 19.21998 ? 18  G   B N1    1 
ATOM   409  C  C2    . G   A 1 18 ? -5.58978  0.77107   4.01588   1.000 19.69867 ? 18  G   B C2    1 
ATOM   410  N  N2    . G   A 1 18 ? -6.16142  0.57032   2.82336   1.000 20.22694 ? 18  G   B N2    1 
ATOM   411  N  N3    . G   A 1 18 ? -5.86747  1.88579   4.67792   1.000 20.40131 ? 18  G   B N3    1 
ATOM   412  C  C4    . G   A 1 18 ? -5.20946  1.94017   5.86056   1.000 19.71515 ? 18  G   B C4    1 
ATOM   413  P  P     . U   A 1 19 ? -9.19577  7.41519   7.85414   1.000 21.61522 ? 19  U   B P     1 
ATOM   414  O  OP1   . U   A 1 19 ? -9.34313  8.30205   6.68168   1.000 23.10295 ? 19  U   B OP1   1 
ATOM   415  O  OP2   . U   A 1 19 ? -8.69038  7.94183   9.14523   1.000 23.65356 ? 19  U   B OP2   1 
ATOM   416  O  "O5'" . U   A 1 19 ? -10.63069 6.79366   8.11185   1.000 20.26636 ? 19  U   B "O5'" 1 
ATOM   417  C  "C5'" . U   A 1 19 ? -10.82118 5.75285   9.06802   1.000 24.53771 ? 19  U   B "C5'" 1 
ATOM   418  C  "C4'" . U   A 1 19 ? -12.13441 5.05933   8.83289   1.000 26.92761 ? 19  U   B "C4'" 1 
ATOM   419  O  "O4'" . U   A 1 19 ? -13.22239 5.94747   9.17423   1.000 27.79668 ? 19  U   B "O4'" 1 
ATOM   420  C  "C3'" . U   A 1 19 ? -12.40047 4.68427   7.38895   1.000 23.31609 ? 19  U   B "C3'" 1 
ATOM   421  O  "O3'" . U   A 1 19 ? -11.79096 3.46123   7.04211   1.000 23.83594 ? 19  U   B "O3'" 1 
ATOM   422  C  "C2'" . U   A 1 19 ? -13.91889 4.65379   7.30236   1.000 30.10248 ? 19  U   B "C2'" 1 
ATOM   423  O  "O2'" . U   A 1 19 ? -14.41697 3.41187   7.77281   1.000 45.81217 ? 19  U   B "O2'" 1 
ATOM   424  C  "C1'" . U   A 1 19 ? -14.31280 5.74086   8.30216   1.000 25.75424 ? 19  U   B "C1'" 1 
ATOM   425  N  N1    . U   A 1 19 ? -14.65828 7.01511   7.64212   1.000 29.49812 ? 19  U   B N1    1 
ATOM   426  C  C2    . U   A 1 19 ? -16.00043 7.23976   7.38245   1.000 31.99613 ? 19  U   B C2    1 
ATOM   427  O  O2    . U   A 1 19 ? -16.86184 6.43919   7.70010   1.000 42.01831 ? 19  U   B O2    1 
ATOM   428  N  N3    . U   A 1 19 ? -16.29132 8.42698   6.76484   1.000 28.57811 ? 19  U   B N3    1 
ATOM   429  C  C4    . U   A 1 19 ? -15.38706 9.39235   6.37767   1.000 28.60060 ? 19  U   B C4    1 
ATOM   430  O  O4    . U   A 1 19 ? -15.78548 10.42555  5.83362   1.000 33.73749 ? 19  U   B O4    1 
ATOM   431  C  C5    . U   A 1 19 ? -14.02041 9.07542   6.66297   1.000 26.93018 ? 19  U   B C5    1 
ATOM   432  C  C6    . U   A 1 19 ? -13.70271 7.92975   7.27330   1.000 26.83425 ? 19  U   B C6    1 
ATOM   433  P  P     . A   A 1 20 ? -11.11938 3.28484   5.60778   1.000 22.31184 ? 20  A   B P     1 
ATOM   434  O  OP1   . A   A 1 20 ? -9.68982  3.61572   5.70435   1.000 22.75756 ? 20  A   B OP1   1 
ATOM   435  O  OP2   . A   A 1 20 ? -11.94196 3.97517   4.59831   1.000 23.94327 ? 20  A   B OP2   1 
ATOM   436  O  "O5'" . A   A 1 20 ? -11.19860 1.70693   5.37697   1.000 23.28753 ? 20  A   B "O5'" 1 
ATOM   437  C  "C5'" . A   A 1 20 ? -12.46302 1.04626   5.33337   1.000 23.96553 ? 20  A   B "C5'" 1 
ATOM   438  C  "C4'" . A   A 1 20 ? -12.68375 0.32784   4.01876   1.000 20.30953 ? 20  A   B "C4'" 1 
ATOM   439  O  "O4'" . A   A 1 20 ? -12.76052 1.28188   2.91879   1.000 23.04419 ? 20  A   B "O4'" 1 
ATOM   440  C  "C3'" . A   A 1 20 ? -11.58809 -0.66725  3.62313   1.000 21.68986 ? 20  A   B "C3'" 1 
ATOM   441  O  "O3'" . A   A 1 20 ? -12.17407 -1.71799  2.85964   1.000 24.46168 ? 20  A   B "O3'" 1 
ATOM   442  C  "C2'" . A   A 1 20 ? -10.75561 0.14490   2.64839   1.000 23.45604 ? 20  A   B "C2'" 1 
ATOM   443  O  "O2'" . A   A 1 20 ? -9.95345  -0.64602  1.79664   1.000 23.42159 ? 20  A   B "O2'" 1 
ATOM   444  C  "C1'" . A   A 1 20 ? -11.86318 0.87379   1.90236   1.000 23.18064 ? 20  A   B "C1'" 1 
ATOM   445  N  N9    . A   A 1 20 ? -11.45109 2.03034   1.10736   1.000 22.17789 ? 20  A   B N9    1 
ATOM   446  C  C8    . A   A 1 20 ? -10.68607 3.10931   1.46630   1.000 22.65009 ? 20  A   B C8    1 
ATOM   447  N  N7    . A   A 1 20 ? -10.51943 3.97554   0.48787   1.000 21.55872 ? 20  A   B N7    1 
ATOM   448  C  C5    . A   A 1 20 ? -11.22566 3.42856   -0.56578  1.000 20.24541 ? 20  A   B C5    1 
ATOM   449  C  C6    . A   A 1 20 ? -11.42974 3.86160   -1.88339  1.000 25.24949 ? 20  A   B C6    1 
ATOM   450  N  N6    . A   A 1 20 ? -10.92390 4.99691   -2.36363  1.000 26.63088 ? 20  A   B N6    1 
ATOM   451  N  N1    . A   A 1 20 ? -12.18296 3.07000   -2.67872  1.000 26.62822 ? 20  A   B N1    1 
ATOM   452  C  C2    . A   A 1 20 ? -12.68220 1.92993   -2.18931  1.000 27.53029 ? 20  A   B C2    1 
ATOM   453  N  N3    . A   A 1 20 ? -12.55990 1.41925   -0.96675  1.000 26.01467 ? 20  A   B N3    1 
ATOM   454  C  C4    . A   A 1 20 ? -11.80509 2.23098   -0.20547  1.000 23.90036 ? 20  A   B C4    1 
ATOM   455  P  P     . U   A 1 21 ? -12.30181 -3.18933  3.45858   1.000 24.41251 ? 21  U   B P     1 
ATOM   456  O  OP1   . U   A 1 21 ? -12.90441 -4.00676  2.38025   1.000 29.30374 ? 21  U   B OP1   1 
ATOM   457  O  OP2   . U   A 1 21 ? -13.00524 -3.10115  4.75551   1.000 24.81662 ? 21  U   B OP2   1 
ATOM   458  O  "O5'" . U   A 1 21 ? -10.80938 -3.64820  3.72757   1.000 21.14833 ? 21  U   B "O5'" 1 
ATOM   459  C  "C5'" . U   A 1 21 ? -9.95516  -3.98519  2.63156   1.000 22.87835 ? 21  U   B "C5'" 1 
ATOM   460  C  "C4'" . U   A 1 21 ? -9.33063  -5.34410  2.81850   1.000 21.56450 ? 21  U   B "C4'" 1 
ATOM   461  O  "O4'" . U   A 1 21 ? -8.44323  -5.31100  3.97159   1.000 22.50250 ? 21  U   B "O4'" 1 
ATOM   462  C  "C3'" . U   A 1 21 ? -10.32493 -6.47551  3.08390   1.000 23.33680 ? 21  U   B "C3'" 1 
ATOM   463  O  "O3'" . U   A 1 21 ? -9.79196  -7.70207  2.59445   1.000 24.73903 ? 21  U   B "O3'" 1 
ATOM   464  C  "C2'" . U   A 1 21 ? -10.32354 -6.56223  4.59704   1.000 21.05290 ? 21  U   B "C2'" 1 
ATOM   465  O  "O2'" . U   A 1 21 ? -10.75819 -7.80806  5.08808   1.000 21.64973 ? 21  U   B "O2'" 1 
ATOM   466  C  "C1'" . U   A 1 21 ? -8.85280  -6.29346  4.90466   1.000 21.02824 ? 21  U   B "C1'" 1 
ATOM   467  N  N1    . U   A 1 21 ? -8.63853  -5.76643  6.25298   1.000 21.88970 ? 21  U   B N1    1 
ATOM   468  C  C2    . U   A 1 21 ? -7.86467  -6.49595  7.14447   1.000 22.20001 ? 21  U   B C2    1 
ATOM   469  O  O2    . U   A 1 21 ? -7.32852  -7.55189  6.85081   1.000 22.57074 ? 21  U   B O2    1 
ATOM   470  N  N3    . U   A 1 21 ? -7.72717  -5.95274  8.39463   1.000 19.43665 ? 21  U   B N3    1 
ATOM   471  C  C4    . U   A 1 21 ? -8.29439  -4.74783  8.78496   1.000 19.78167 ? 21  U   B C4    1 
ATOM   472  O  O4    . U   A 1 21 ? -8.11371  -4.35277  9.93120   1.000 19.31548 ? 21  U   B O4    1 
ATOM   473  C  C5    . U   A 1 21 ? -9.08973  -4.07505  7.81681   1.000 19.71671 ? 21  U   B C5    1 
ATOM   474  C  C6    . U   A 1 21 ? -9.23328  -4.57188  6.58938   1.000 20.29556 ? 21  U   B C6    1 
ATOM   475  P  P     . G   A 1 22 ? -10.52368 -8.48046  1.39765   1.000 27.11236 ? 22  G   B P     1 
ATOM   476  O  OP1   . G   A 1 22 ? -11.98316 -8.53943  1.64577   1.000 29.02878 ? 22  G   B OP1   1 
ATOM   477  O  OP2   . G   A 1 22 ? -9.74210  -9.72702  1.17316   1.000 30.57597 ? 22  G   B OP2   1 
ATOM   478  O  "O5'" . G   A 1 22 ? -10.32945 -7.52223  0.16253   1.000 25.03631 ? 22  G   B "O5'" 1 
ATOM   479  C  "C5'" . G   A 1 22 ? -9.04874  -7.40448  -0.42314  1.000 23.12909 ? 22  G   B "C5'" 1 
ATOM   480  C  "C4'" . G   A 1 22 ? -8.96297  -6.21279  -1.33191  1.000 23.43034 ? 22  G   B "C4'" 1 
ATOM   481  O  "O4'" . G   A 1 22 ? -9.16382  -5.00704  -0.54900  1.000 23.20172 ? 22  G   B "O4'" 1 
ATOM   482  C  "C3'" . G   A 1 22 ? -7.61211  -6.01715  -1.99134  1.000 24.75136 ? 22  G   B "C3'" 1 
ATOM   483  O  "O3'" . G   A 1 22 ? -7.47881  -6.78803  -3.17877  1.000 24.84327 ? 22  G   B "O3'" 1 
ATOM   484  C  "C2'" . G   A 1 22 ? -7.56665  -4.51254  -2.23295  1.000 22.13987 ? 22  G   B "C2'" 1 
ATOM   485  O  "O2'" . G   A 1 22 ? -8.31015  -4.17711  -3.38921  1.000 23.97799 ? 22  G   B "O2'" 1 
ATOM   486  C  "C1'" . G   A 1 22 ? -8.33237  -3.97723  -1.02611  1.000 20.29052 ? 22  G   B "C1'" 1 
ATOM   487  N  N9    . G   A 1 22 ? -7.45621  -3.50430  0.06595   1.000 20.61505 ? 22  G   B N9    1 
ATOM   488  C  C8    . G   A 1 22 ? -7.32291  -2.17522  0.40277   1.000 23.49575 ? 22  G   B C8    1 
ATOM   489  N  N7    . G   A 1 22 ? -6.50584  -1.98380  1.39362   1.000 19.18184 ? 22  G   B N7    1 
ATOM   490  C  C5    . G   A 1 22 ? -6.07809  -3.24771  1.75310   1.000 20.45177 ? 22  G   B C5    1 
ATOM   491  C  C6    . G   A 1 22 ? -5.17567  -3.63214  2.77400   1.000 22.28411 ? 22  G   B C6    1 
ATOM   492  O  O6    . G   A 1 22 ? -4.58814  -2.92647  3.58963   1.000 21.47420 ? 22  G   B O6    1 
ATOM   493  N  N1    . G   A 1 22 ? -5.00304  -5.00950  2.82063   1.000 21.36372 ? 22  G   B N1    1 
ATOM   494  C  C2    . G   A 1 22 ? -5.63050  -5.88001  1.96102   1.000 19.51106 ? 22  G   B C2    1 
ATOM   495  N  N2    . G   A 1 22 ? -5.35717  -7.18479  2.14886   1.000 20.72764 ? 22  G   B N2    1 
ATOM   496  N  N3    . G   A 1 22 ? -6.46932  -5.53205  1.00610   1.000 21.17964 ? 22  G   B N3    1 
ATOM   497  C  C4    . G   A 1 22 ? -6.65685  -4.20080  0.94623   1.000 19.84129 ? 22  G   B C4    1 
ATOM   498  P  P     . G   A 1 23 ? -6.53480  -8.09495  -3.20296  1.000 24.87727 ? 23  G   B P     1 
ATOM   499  O  OP1   . G   A 1 23 ? -6.92461  -8.79594  -4.46265  1.000 32.89359 ? 23  G   B OP1   1 
ATOM   500  O  OP2   . G   A 1 23 ? -6.55306  -8.83189  -1.92155  1.000 28.85541 ? 23  G   B OP2   1 
ATOM   501  O  "O5'" . G   A 1 23 ? -5.08123  -7.49630  -3.40386  1.000 24.01228 ? 23  G   B "O5'" 1 
ATOM   502  C  "C5'" . G   A 1 23 ? -4.71707  -6.90029  -4.64844  1.000 23.78559 ? 23  G   B "C5'" 1 
ATOM   503  C  "C4'" . G   A 1 23 ? -4.67197  -5.39079  -4.55919  1.000 25.94717 ? 23  G   B "C4'" 1 
ATOM   504  O  "O4'" . G   A 1 23 ? -3.75661  -5.00717  -3.50842  1.000 25.56582 ? 23  G   B "O4'" 1 
ATOM   505  C  "C3'" . G   A 1 23 ? -4.15162  -4.69499  -5.79958  1.000 23.98046 ? 23  G   B "C3'" 1 
ATOM   506  O  "O3'" . G   A 1 23 ? -4.59253  -3.33034  -5.73366  1.000 23.06625 ? 23  G   B "O3'" 1 
ATOM   507  C  "C2'" . G   A 1 23 ? -2.64852  -4.74942  -5.55697  1.000 24.84897 ? 23  G   B "C2'" 1 
ATOM   508  O  "O2'" . G   A 1 23 ? -1.89736  -3.84077  -6.32115  1.000 26.84625 ? 23  G   B "O2'" 1 
ATOM   509  C  "C1'" . G   A 1 23 ? -2.59898  -4.40740  -4.07146  1.000 23.91235 ? 23  G   B "C1'" 1 
ATOM   510  N  N9    . G   A 1 23 ? -1.48295  -4.94687  -3.30019  1.000 24.71056 ? 23  G   B N9    1 
ATOM   511  C  C8    . G   A 1 23 ? -1.02642  -6.25411  -3.25158  1.000 22.94505 ? 23  G   B C8    1 
ATOM   512  N  N7    . G   A 1 23 ? -0.09062  -6.42574  -2.36093  1.000 22.66975 ? 23  G   B N7    1 
ATOM   513  C  C5    . G   A 1 23 ? 0.05296   -5.18198  -1.75482  1.000 22.81364 ? 23  G   B C5    1 
ATOM   514  C  C6    . G   A 1 23 ? 0.91797   -4.76804  -0.70948  1.000 26.00730 ? 23  G   B C6    1 
ATOM   515  O  O6    . G   A 1 23 ? 1.74885   -5.45100  -0.09296  1.000 28.91685 ? 23  G   B O6    1 
ATOM   516  N  N1    . G   A 1 23 ? 0.74079   -3.42600  -0.38128  1.000 23.99946 ? 23  G   B N1    1 
ATOM   517  C  C2    . G   A 1 23 ? -0.15069  -2.59246  -1.00503  1.000 23.77278 ? 23  G   B C2    1 
ATOM   518  N  N2    . G   A 1 23 ? -0.16846  -1.32935  -0.55407  1.000 26.61417 ? 23  G   B N2    1 
ATOM   519  N  N3    . G   A 1 23 ? -0.96747  -2.96441  -1.98657  1.000 24.94522 ? 23  G   B N3    1 
ATOM   520  C  C4    . G   A 1 23 ? -0.81177  -4.27080  -2.31060  1.000 24.82820 ? 23  G   B C4    1 
ATOM   521  P  P     . G   A 1 24 ? -6.08542  -2.92679  -6.17103  1.000 25.53578 ? 24  G   B P     1 
ATOM   522  O  OP1   . G   A 1 24 ? -7.10687  -3.82428  -5.60027  1.000 25.19916 ? 24  G   B OP1   1 
ATOM   523  O  OP2   . G   A 1 24 ? -6.08910  -2.74376  -7.64042  1.000 30.14775 ? 24  G   B OP2   1 
ATOM   524  O  "O5'" . G   A 1 24 ? -6.24995  -1.46057  -5.61809  1.000 25.88827 ? 24  G   B "O5'" 1 
ATOM   525  C  "C5'" . G   A 1 24 ? -6.19206  -1.20338  -4.22641  1.000 24.48929 ? 24  G   B "C5'" 1 
ATOM   526  C  "C4'" . G   A 1 24 ? -5.98162  0.26764   -4.01505  1.000 21.98484 ? 24  G   B "C4'" 1 
ATOM   527  O  "O4'" . G   A 1 24 ? -5.97398  0.54828   -2.58474  1.000 22.69381 ? 24  G   B "O4'" 1 
ATOM   528  C  "C3'" . G   A 1 24 ? -4.65825  0.80691   -4.56793  1.000 23.03581 ? 24  G   B "C3'" 1 
ATOM   529  O  "O3'" . G   A 1 24 ? -4.85095  2.13224   -5.04156  1.000 26.78626 ? 24  G   B "O3'" 1 
ATOM   530  C  "C2'" . G   A 1 24 ? -3.78973  0.87817   -3.32844  1.000 24.26674 ? 24  G   B "C2'" 1 
ATOM   531  O  "O2'" . G   A 1 24 ? -2.71582  1.79782   -3.39514  1.000 28.38860 ? 24  G   B "O2'" 1 
ATOM   532  C  "C1'" . G   A 1 24 ? -4.81480  1.28024   -2.27110  1.000 24.30758 ? 24  G   B "C1'" 1 
ATOM   533  N  N9    . G   A 1 24 ? -4.30883  0.98037   -0.93841  1.000 23.16351 ? 24  G   B N9    1 
ATOM   534  C  C8    . G   A 1 24 ? -3.92988  1.90239   0.01858   1.000 22.43166 ? 24  G   B C8    1 
ATOM   535  N  N7    . G   A 1 24 ? -3.38438  1.34759   1.06215   1.000 23.10821 ? 24  G   B N7    1 
ATOM   536  C  C5    . G   A 1 24 ? -3.36338  -0.00902  0.75371   1.000 21.29485 ? 24  G   B C5    1 
ATOM   537  C  C6    . G   A 1 24 ? -2.87229  -1.09616  1.50337   1.000 20.49124 ? 24  G   B C6    1 
ATOM   538  O  O6    . G   A 1 24 ? -2.34785  -1.06647  2.61404   1.000 20.83808 ? 24  G   B O6    1 
ATOM   539  N  N1    . G   A 1 24 ? -3.04802  -2.30280  0.84205   1.000 21.83472 ? 24  G   B N1    1 
ATOM   540  C  C2    . G   A 1 24 ? -3.61182  -2.42773  -0.40610  1.000 20.06183 ? 24  G   B C2    1 
ATOM   541  N  N2    . G   A 1 24 ? -3.70362  -3.68168  -0.87151  1.000 23.14813 ? 24  G   B N2    1 
ATOM   542  N  N3    . G   A 1 24 ? -4.07647  -1.42363  -1.12501  1.000 20.57683 ? 24  G   B N3    1 
ATOM   543  C  C4    . G   A 1 24 ? -3.90392  -0.24631  -0.49308  1.000 21.93894 ? 24  G   B C4    1 
ATOM   544  P  P     . G   A 1 25 ? -4.82953  2.43475   -6.61792  1.000 28.87096 ? 25  G   B P     1 
ATOM   545  O  OP1   . G   A 1 25 ? -3.93591  1.48582   -7.32907  1.000 32.40742 ? 25  G   B OP1   1 
ATOM   546  O  OP2   . G   A 1 25 ? -4.59304  3.90413   -6.68125  1.000 33.48345 ? 25  G   B OP2   1 
ATOM   547  O  "O5'" . G   A 1 25 ? -6.32346  2.12894   -7.07249  1.000 30.53646 ? 25  G   B "O5'" 1 
ATOM   548  C  "C5'" . G   A 1 25 ? -7.37927  2.94387   -6.59524  1.000 30.91543 ? 25  G   B "C5'" 1 
ATOM   549  C  "C4'" . G   A 1 25 ? -8.71809  2.26738   -6.69270  1.000 31.45458 ? 25  G   B "C4'" 1 
ATOM   550  O  "O4'" . G   A 1 25 ? -8.68918  1.00971   -5.96962  1.000 29.14686 ? 25  G   B "O4'" 1 
ATOM   551  C  "C3'" . G   A 1 25 ? -9.86147  3.05050   -6.06517  1.000 34.77691 ? 25  G   B "C3'" 1 
ATOM   552  O  "O3'" . G   A 1 25 ? -10.41464 3.99831   -6.96470  1.000 41.22458 ? 25  G   B "O3'" 1 
ATOM   553  C  "C2'" . G   A 1 25 ? -10.84932 1.97129   -5.64232  1.000 31.27406 ? 25  G   B "C2'" 1 
ATOM   554  O  "O2'" . G   A 1 25 ? -11.69445 1.61718   -6.72657  1.000 38.94811 ? 25  G   B "O2'" 1 
ATOM   555  C  "C1'" . G   A 1 25 ? -9.92617  0.78779   -5.32932  1.000 29.39849 ? 25  G   B "C1'" 1 
ATOM   556  N  N9    . G   A 1 25 ? -9.68941  0.59494   -3.88161  1.000 27.08093 ? 25  G   B N9    1 
ATOM   557  C  C8    . G   A 1 25 ? -10.09439 -0.50117  -3.16019  1.000 25.32610 ? 25  G   B C8    1 
ATOM   558  N  N7    . G   A 1 25 ? -9.75130  -0.45064  -1.89809  1.000 25.19494 ? 25  G   B N7    1 
ATOM   559  C  C5    . G   A 1 25 ? -9.07037  0.75308   -1.78338  1.000 22.60505 ? 25  G   B C5    1 
ATOM   560  C  C6    . G   A 1 25 ? -8.45292  1.35488   -0.65133  1.000 23.75828 ? 25  G   B C6    1 
ATOM   561  O  O6    . G   A 1 25 ? -8.38314  0.94999   0.51040   1.000 22.71218 ? 25  G   B O6    1 
ATOM   562  N  N1    . G   A 1 25 ? -7.86682  2.57557   -0.95702  1.000 21.34474 ? 25  G   B N1    1 
ATOM   563  C  C2    . G   A 1 25 ? -7.86590  3.13899   -2.20384  1.000 23.39896 ? 25  G   B C2    1 
ATOM   564  N  N2    . G   A 1 25 ? -7.23177  4.31077   -2.31133  1.000 25.01064 ? 25  G   B N2    1 
ATOM   565  N  N3    . G   A 1 25 ? -8.43160  2.58560   -3.27020  1.000 23.62785 ? 25  G   B N3    1 
ATOM   566  C  C4    . G   A 1 25 ? -9.01272  1.40305   -3.00148  1.000 25.97807 ? 25  G   B C4    1 
ATOM   567  P  P     . U   A 1 26 ? -10.42579 5.56214   -6.59574  1.000 44.44701 ? 26  U   B P     1 
ATOM   568  O  OP1   . U   A 1 26 ? -9.01687  6.02891   -6.56792  1.000 57.51102 ? 26  U   B OP1   1 
ATOM   569  O  OP2   . U   A 1 26 ? -11.27148 5.76662   -5.38806  1.000 40.91696 ? 26  U   B OP2   1 
ATOM   570  O  "O5'" . U   A 1 26 ? -11.06614 6.24720   -7.87785  1.000 55.22229 ? 26  U   B "O5'" 1 
ATOM   571  C  "C5'" . U   A 1 26 ? -10.24207 6.63485   -8.96965  1.000 68.40230 ? 26  U   B "C5'" 1 
ATOM   572  C  "C4'" . U   A 1 26 ? -10.12246 8.13623   -9.05043  1.000 71.39507 ? 26  U   B "C4'" 1 
ATOM   573  O  "O4'" . U   A 1 26 ? -11.33600 8.72817   -8.51088  1.000 74.35466 ? 26  U   B "O4'" 1 
ATOM   574  C  "C3'" . U   A 1 26 ? -8.99752  8.77057   -8.23366  1.000 71.03477 ? 26  U   B "C3'" 1 
ATOM   575  O  "O3'" . U   A 1 26 ? -7.73857  8.75972   -8.90221  1.000 70.52906 ? 26  U   B "O3'" 1 
ATOM   576  C  "C2'" . U   A 1 26 ? -9.53677  10.17011  -7.95603  1.000 71.06303 ? 26  U   B "C2'" 1 
ATOM   577  O  "O2'" . U   A 1 26 ? -9.39425  10.99874  -9.10017  1.000 68.29951 ? 26  U   B "O2'" 1 
ATOM   578  C  "C1'" . U   A 1 26 ? -11.02454 9.88662   -7.76655  1.000 75.03244 ? 26  U   B "C1'" 1 
ATOM   579  P  P     . A   A 1 27 ? -6.35837  8.91865   -8.08088  1.000 66.51113 ? 27  A   B P     1 
ATOM   580  O  OP1   . A   A 1 27 ? -5.66990  10.17155  -8.48898  1.000 49.91510 ? 27  A   B OP1   1 
ATOM   581  O  OP2   . A   A 1 27 ? -5.63970  7.62447   -8.17064  1.000 61.41117 ? 27  A   B OP2   1 
ATOM   582  O  "O5'" . A   A 1 27 ? -6.83365  9.11742   -6.57400  1.000 54.29175 ? 27  A   B "O5'" 1 
ATOM   583  C  "C5'" . A   A 1 27 ? -5.92571  9.51262   -5.55813  1.000 37.47872 ? 27  A   B "C5'" 1 
ATOM   584  C  "C4'" . A   A 1 27 ? -6.59342  10.45515  -4.58852  1.000 23.17387 ? 27  A   B "C4'" 1 
ATOM   585  O  "O4'" . A   A 1 27 ? -7.91094  9.96382   -4.26021  1.000 28.75550 ? 27  A   B "O4'" 1 
ATOM   586  C  "C3'" . A   A 1 27 ? -5.92285  10.63332  -3.23791  1.000 25.75714 ? 27  A   B "C3'" 1 
ATOM   587  O  "O3'" . A   A 1 27 ? -4.84641  11.54333  -3.29251  1.000 27.33643 ? 27  A   B "O3'" 1 
ATOM   588  C  "C2'" . A   A 1 27 ? -7.06571  11.12194  -2.35994  1.000 25.22986 ? 27  A   B "C2'" 1 
ATOM   589  O  "O2'" . A   A 1 27 ? -7.27455  12.51862  -2.53969  1.000 28.20103 ? 27  A   B "O2'" 1 
ATOM   590  C  "C1'" . A   A 1 27 ? -8.26142  10.38044  -2.95760  1.000 28.52709 ? 27  A   B "C1'" 1 
ATOM   591  N  N9    . A   A 1 27 ? -8.65828  9.21505   -2.14875  1.000 24.42739 ? 27  A   B N9    1 
ATOM   592  C  C8    . A   A 1 27 ? -8.61473  7.87064   -2.41687  1.000 23.30775 ? 27  A   B C8    1 
ATOM   593  N  N7    . A   A 1 27 ? -9.07671  7.13817   -1.42833  1.000 26.00554 ? 27  A   B N7    1 
ATOM   594  C  C5    . A   A 1 27 ? -9.44206  8.05603   -0.45854  1.000 24.11141 ? 27  A   B C5    1 
ATOM   595  C  C6    . A   A 1 27 ? -9.99414  7.92750   0.82247   1.000 23.28728 ? 27  A   B C6    1 
ATOM   596  N  N6    . A   A 1 27 ? -10.30319 6.76725   1.39406   1.000 23.52053 ? 27  A   B N6    1 
ATOM   597  N  N1    . A   A 1 27 ? -10.24341 9.06690   1.51898   1.000 22.88065 ? 27  A   B N1    1 
ATOM   598  C  C2    . A   A 1 27 ? -9.93453  10.24115  0.96164   1.000 21.51156 ? 27  A   B C2    1 
ATOM   599  N  N3    . A   A 1 27 ? -9.41426  10.48727  -0.23359  1.000 21.30756 ? 27  A   B N3    1 
ATOM   600  C  C4    . A   A 1 27 ? -9.19166  9.33449   -0.89126  1.000 23.16201 ? 27  A   B C4    1 
ATOM   601  P  P     . G   A 1 28 ? -3.48295  11.25343  -2.51134  1.000 27.23689 ? 28  G   B P     1 
ATOM   602  O  OP1   . G   A 1 28 ? -2.57989  12.41225  -2.73374  1.000 29.26428 ? 28  G   B OP1   1 
ATOM   603  O  OP2   . G   A 1 28 ? -3.04066  9.86640   -2.82406  1.000 27.84529 ? 28  G   B OP2   1 
ATOM   604  O  "O5'" . G   A 1 28 ? -3.89722  11.21731  -0.98416  1.000 24.76078 ? 28  G   B "O5'" 1 
ATOM   605  C  "C5'" . G   A 1 28 ? -4.23215  12.41470  -0.29304  1.000 23.92242 ? 28  G   B "C5'" 1 
ATOM   606  C  "C4'" . G   A 1 28 ? -4.94011  12.09016  0.99327   1.000 23.82795 ? 28  G   B "C4'" 1 
ATOM   607  O  "O4'" . G   A 1 28 ? -6.09364  11.26367  0.70930   1.000 24.54735 ? 28  G   B "O4'" 1 
ATOM   608  C  "C3'" . G   A 1 28 ? -4.15574  11.27753  2.00655   1.000 25.69118 ? 28  G   B "C3'" 1 
ATOM   609  O  "O3'" . G   A 1 28 ? -3.27930  12.07164  2.77748   1.000 25.68713 ? 28  G   B "O3'" 1 
ATOM   610  C  "C2'" . G   A 1 28 ? -5.25938  10.65198  2.83793   1.000 22.94818 ? 28  G   B "C2'" 1 
ATOM   611  O  "O2'" . G   A 1 28 ? -5.81253  11.63145  3.70819   1.000 21.97185 ? 28  G   B "O2'" 1 
ATOM   612  C  "C1'" . G   A 1 28 ? -6.29956  10.35321  1.76467   1.000 22.07688 ? 28  G   B "C1'" 1 
ATOM   613  N  N9    . G   A 1 28 ? -6.17326  8.98619   1.22269   1.000 21.42370 ? 28  G   B N9    1 
ATOM   614  C  C8    . G   A 1 28 ? -5.55709  8.64912   0.04523   1.000 23.78316 ? 28  G   B C8    1 
ATOM   615  N  N7    . G   A 1 28 ? -5.60959  7.35887   -0.18569  1.000 23.45530 ? 28  G   B N7    1 
ATOM   616  C  C5    . G   A 1 28 ? -6.30134  6.83437   0.89911   1.000 23.44347 ? 28  G   B C5    1 
ATOM   617  C  C6    . G   A 1 28 ? -6.66803  5.50318   1.21185   1.000 22.76929 ? 28  G   B C6    1 
ATOM   618  O  O6    . G   A 1 28 ? -6.45141  4.47735   0.55064   1.000 22.63060 ? 28  G   B O6    1 
ATOM   619  N  N1    . G   A 1 28 ? -7.36698  5.40362   2.41042   1.000 20.21721 ? 28  G   B N1    1 
ATOM   620  C  C2    . G   A 1 28 ? -7.67369  6.48363   3.21435   1.000 23.08063 ? 28  G   B C2    1 
ATOM   621  N  N2    . G   A 1 28 ? -8.35312  6.25706   4.34883   1.000 21.31299 ? 28  G   B N2    1 
ATOM   622  N  N3    . G   A 1 28 ? -7.32531  7.72497   2.94017   1.000 21.72554 ? 28  G   B N3    1 
ATOM   623  C  C4    . G   A 1 28 ? -6.66008  7.83167   1.77702   1.000 19.96716 ? 28  G   B C4    1 
ATOM   624  P  P     . U   A 1 29 ? -1.69600  11.86414  2.69595   1.000 24.75970 ? 29  U   B P     1 
ATOM   625  O  OP1   . U   A 1 29 ? -1.07800  12.82337  3.64799   1.000 26.01615 ? 29  U   B OP1   1 
ATOM   626  O  OP2   . U   A 1 29 ? -1.28586  11.86438  1.27727   1.000 26.04993 ? 29  U   B OP2   1 
ATOM   627  O  "O5'" . U   A 1 29 ? -1.46497  10.39831  3.27155   1.000 23.32360 ? 29  U   B "O5'" 1 
ATOM   628  C  "C5'" . U   A 1 29 ? -1.95200  10.03111  4.54654   1.000 23.06551 ? 29  U   B "C5'" 1 
ATOM   629  C  "C4'" . U   A 1 29 ? -2.14206  8.54002   4.62071   1.000 25.45435 ? 29  U   B "C4'" 1 
ATOM   630  O  "O4'" . U   A 1 29 ? -3.10673  8.12257   3.61990   1.000 24.31935 ? 29  U   B "O4'" 1 
ATOM   631  C  "C3'" . U   A 1 29 ? -0.91394  7.70654   4.29952   1.000 23.71014 ? 29  U   B "C3'" 1 
ATOM   632  O  "O3'" . U   A 1 29 ? -0.01411  7.62307   5.38605   1.000 27.93712 ? 29  U   B "O3'" 1 
ATOM   633  C  "C2'" . U   A 1 29 ? -1.53131  6.37103   3.90183   1.000 24.46802 ? 29  U   B "C2'" 1 
ATOM   634  O  "O2'" . U   A 1 29 ? -1.99265  5.66386   5.04801   1.000 22.17275 ? 29  U   B "O2'" 1 
ATOM   635  C  "C1'" . U   A 1 29 ? -2.75259  6.84322   3.11798   1.000 23.01966 ? 29  U   B "C1'" 1 
ATOM   636  N  N1    . U   A 1 29 ? -2.47214  6.96389   1.66718   1.000 25.74900 ? 29  U   B N1    1 
ATOM   637  C  C2    . U   A 1 29 ? -2.56498  5.83376   0.89286   1.000 26.46649 ? 29  U   B C2    1 
ATOM   638  O  O2    . U   A 1 29 ? -2.86203  4.75366   1.37258   1.000 26.74252 ? 29  U   B O2    1 
ATOM   639  N  N3    . U   A 1 29 ? -2.31076  6.00422   -0.45012  1.000 26.21878 ? 29  U   B N3    1 
ATOM   640  C  C4    . U   A 1 29 ? -1.96365  7.17545   -1.08467  1.000 29.55789 ? 29  U   B C4    1 
ATOM   641  O  O4    . U   A 1 29 ? -1.75298  7.17215   -2.30372  1.000 31.17105 ? 29  U   B O4    1 
ATOM   642  C  C5    . U   A 1 29 ? -1.88995  8.30894   -0.21283  1.000 27.17750 ? 29  U   B C5    1 
ATOM   643  C  C6    . U   A 1 29 ? -2.13976  8.16571   1.09248   1.000 23.84911 ? 29  U   B C6    1 
ATOM   644  P  P     . U   A 1 30 ? 1.53488   7.30810   5.13895   1.000 28.33220 ? 30  U   B P     1 
ATOM   645  O  OP1   . U   A 1 30 ? 2.21152   7.56511   6.43323   1.000 31.64206 ? 30  U   B OP1   1 
ATOM   646  O  OP2   . U   A 1 30 ? 2.01034   7.95451   3.88846   1.000 29.43507 ? 30  U   B OP2   1 
ATOM   647  O  "O5'" . U   A 1 30 ? 1.53354   5.73686   4.87166   1.000 29.34883 ? 30  U   B "O5'" 1 
ATOM   648  C  "C5'" . U   A 1 30 ? 2.66618   5.09954   4.30743   1.000 27.56802 ? 30  U   B "C5'" 1 
ATOM   649  C  "C4'" . U   A 1 30 ? 3.30204   4.16291   5.29815   1.000 29.59319 ? 30  U   B "C4'" 1 
ATOM   650  O  "O4'" . U   A 1 30 ? 2.39337   3.07186   5.60697   1.000 26.13608 ? 30  U   B "O4'" 1 
ATOM   651  C  "C3'" . U   A 1 30 ? 4.56009   3.46183   4.81925   1.000 29.77316 ? 30  U   B "C3'" 1 
ATOM   652  O  "O3'" . U   A 1 30 ? 5.71177   4.27503   4.90615   1.000 33.36564 ? 30  U   B "O3'" 1 
ATOM   653  C  "C2'" . U   A 1 30 ? 4.60556   2.23339   5.71212   1.000 26.70823 ? 30  U   B "C2'" 1 
ATOM   654  O  "O2'" . U   A 1 30 ? 5.01944   2.58119   7.02859   1.000 29.73676 ? 30  U   B "O2'" 1 
ATOM   655  C  "C1'" . U   A 1 30 ? 3.12614   1.87398   5.77528   1.000 25.09775 ? 30  U   B "C1'" 1 
ATOM   656  N  N1    . U   A 1 30 ? 2.73209   0.91777   4.70814   1.000 24.25064 ? 30  U   B N1    1 
ATOM   657  C  C2    . U   A 1 30 ? 3.19712   -0.38730  4.81763   1.000 23.92774 ? 30  U   B C2    1 
ATOM   658  O  O2    . U   A 1 30 ? 3.92748   -0.75817  5.71488   1.000 25.73321 ? 30  U   B O2    1 
ATOM   659  N  N3    . U   A 1 30 ? 2.79717   -1.25050  3.82351   1.000 25.69533 ? 30  U   B N3    1 
ATOM   660  C  C4    . U   A 1 30 ? 1.97935   -0.95096  2.76137   1.000 25.87720 ? 30  U   B C4    1 
ATOM   661  O  O4    . U   A 1 30 ? 1.70490   -1.82894  1.94841   1.000 24.87274 ? 30  U   B O4    1 
ATOM   662  C  C5    . U   A 1 30 ? 1.52888   0.40744   2.71678   1.000 24.60064 ? 30  U   B C5    1 
ATOM   663  C  C6    . U   A 1 30 ? 1.90715   1.27188   3.67033   1.000 25.49340 ? 30  U   B C6    1 
ATOM   664  P  P     . G   A 1 31 ? 6.73491   4.34396   3.67241   1.000 36.59178 ? 31  G   B P     1 
ATOM   665  O  OP1   . G   A 1 31 ? 7.80749   5.29824   4.04904   1.000 39.49142 ? 31  G   B OP1   1 
ATOM   666  O  OP2   . G   A 1 31 ? 5.97397   4.53179   2.41408   1.000 33.47282 ? 31  G   B OP2   1 
ATOM   667  O  "O5'" . G   A 1 31 ? 7.34338   2.87532   3.60585   1.000 35.23692 ? 31  G   B "O5'" 1 
ATOM   668  C  "C5'" . G   A 1 31 ? 8.15426   2.36023   4.64710   1.000 36.48483 ? 31  G   B "C5'" 1 
ATOM   669  C  "C4'" . G   A 1 31 ? 8.32068   0.86601   4.51758   1.000 35.55439 ? 31  G   B "C4'" 1 
ATOM   670  O  "O4'" . G   A 1 31 ? 7.02562   0.21795   4.64718   1.000 32.80919 ? 31  G   B "O4'" 1 
ATOM   671  C  "C3'" . G   A 1 31 ? 8.85121   0.34880   3.18653   1.000 33.63421 ? 31  G   B "C3'" 1 
ATOM   672  O  "O3'" . G   A 1 31 ? 10.26088  0.44859   3.05951   1.000 41.46020 ? 31  G   B "O3'" 1 
ATOM   673  C  "C2'" . G   A 1 31 ? 8.34911   -1.08323  3.18993   1.000 30.16894 ? 31  G   B "C2'" 1 
ATOM   674  O  "O2'" . G   A 1 31 ? 9.11340   -1.85807  4.09710   1.000 33.52484 ? 31  G   B "O2'" 1 
ATOM   675  C  "C1'" . G   A 1 31 ? 6.95865   -0.89392  3.78459   1.000 31.97774 ? 31  G   B "C1'" 1 
ATOM   676  N  N9    . G   A 1 31 ? 5.99447   -0.58895  2.71734   1.000 29.98730 ? 31  G   B N9    1 
ATOM   677  C  C8    . G   A 1 31 ? 5.39979   0.61064   2.41497   1.000 29.08462 ? 31  G   B C8    1 
ATOM   678  N  N7    . G   A 1 31 ? 4.61169   0.54008   1.37632   1.000 28.20773 ? 31  G   B N7    1 
ATOM   679  C  C5    . G   A 1 31 ? 4.70214   -0.78320  0.97055   1.000 28.75561 ? 31  G   B C5    1 
ATOM   680  C  C6    . G   A 1 31 ? 4.07792   -1.46375  -0.10813  1.000 26.31467 ? 31  G   B C6    1 
ATOM   681  O  O6    . G   A 1 31 ? 3.28615   -1.01848  -0.94157  1.000 29.12629 ? 31  G   B O6    1 
ATOM   682  N  N1    . G   A 1 31 ? 4.45398   -2.81017  -0.15370  1.000 27.96037 ? 31  G   B N1    1 
ATOM   683  C  C2    . G   A 1 31 ? 5.32085   -3.41117  0.72579   1.000 27.59429 ? 31  G   B C2    1 
ATOM   684  N  N2    . G   A 1 31 ? 5.57875   -4.71429  0.52094   1.000 27.47407 ? 31  G   B N2    1 
ATOM   685  N  N3    . G   A 1 31 ? 5.91588   -2.79067  1.72758   1.000 29.44360 ? 31  G   B N3    1 
ATOM   686  C  C4    . G   A 1 31 ? 5.55724   -1.48755  1.78687   1.000 27.71892 ? 31  G   B C4    1 
ATOM   687  P  P     . U   A 1 32 ? 10.94675  0.64932   1.61593   1.000 41.38068 ? 32  U   B P     1 
ATOM   688  O  OP1   . U   A 1 32 ? 12.41316  0.68877   1.83143   1.000 48.61565 ? 32  U   B OP1   1 
ATOM   689  O  OP2   . U   A 1 32 ? 10.27258  1.77963   0.92777   1.000 41.17536 ? 32  U   B OP2   1 
ATOM   690  O  "O5'" . U   A 1 32 ? 10.63114  -0.69279  0.82703   1.000 36.49873 ? 32  U   B "O5'" 1 
ATOM   691  C  "C5'" . U   A 1 32 ? 11.13121  -1.93606  1.29045   1.000 37.74810 ? 32  U   B "C5'" 1 
ATOM   692  C  "C4'" . U   A 1 32 ? 10.61267  -3.08646  0.46653   1.000 38.85101 ? 32  U   B "C4'" 1 
ATOM   693  O  "O4'" . U   A 1 32 ? 9.16119   -3.10923  0.47754   1.000 36.26267 ? 32  U   B "O4'" 1 
ATOM   694  C  "C3'" . U   A 1 32 ? 10.96219  -3.06296  -1.01114  1.000 36.27467 ? 32  U   B "C3'" 1 
ATOM   695  O  "O3'" . U   A 1 32 ? 12.28194  -3.50057  -1.25985  1.000 39.08754 ? 32  U   B "O3'" 1 
ATOM   696  C  "C2'" . U   A 1 32 ? 9.89760   -3.96809  -1.60811  1.000 33.54187 ? 32  U   B "C2'" 1 
ATOM   697  O  "O2'" . U   A 1 32 ? 10.19990  -5.32968  -1.35053  1.000 35.09711 ? 32  U   B "O2'" 1 
ATOM   698  C  "C1'" . U   A 1 32 ? 8.68317   -3.59353  -0.76129  1.000 32.89883 ? 32  U   B "C1'" 1 
ATOM   699  N  N1    . U   A 1 32 ? 7.85481   -2.54818  -1.40776  1.000 31.81971 ? 32  U   B N1    1 
ATOM   700  C  C2    . U   A 1 32 ? 7.09870   -2.93881  -2.49629  1.000 29.53740 ? 32  U   B C2    1 
ATOM   701  O  O2    . U   A 1 32 ? 7.09643   -4.08077  -2.93108  1.000 33.91414 ? 32  U   B O2    1 
ATOM   702  N  N3    . U   A 1 32 ? 6.32973   -1.95050  -3.06233  1.000 31.39856 ? 32  U   B N3    1 
ATOM   703  C  C4    . U   A 1 32 ? 6.25865   -0.63093  -2.65372  1.000 31.41868 ? 32  U   B C4    1 
ATOM   704  O  O4    . U   A 1 32 ? 5.52460   0.14978   -3.26613  1.000 29.83444 ? 32  U   B O4    1 
ATOM   705  C  C5    . U   A 1 32 ? 7.07209   -0.31189  -1.51954  1.000 30.73109 ? 32  U   B C5    1 
ATOM   706  C  C6    . U   A 1 32 ? 7.82560   -1.25471  -0.94588  1.000 30.78196 ? 32  U   B C6    1 
ATOM   707  P  P     . C   A 1 33 ? 13.09071  -2.98920  -2.54816  1.000 36.67635 ? 33  C   B P     1 
ATOM   708  O  OP1   . C   A 1 33 ? 14.44808  -3.57742  -2.41767  1.000 44.42406 ? 33  C   B OP1   1 
ATOM   709  O  OP2   . C   A 1 33 ? 12.91756  -1.52796  -2.70869  1.000 36.03108 ? 33  C   B OP2   1 
ATOM   710  O  "O5'" . C   A 1 33 ? 12.37593  -3.70134  -3.77353  1.000 33.55254 ? 33  C   B "O5'" 1 
ATOM   711  C  "C5'" . C   A 1 33 ? 12.41523  -5.10938  -3.92320  1.000 32.08368 ? 33  C   B "C5'" 1 
ATOM   712  C  "C4'" . C   A 1 33 ? 11.64750  -5.54558  -5.14095  1.000 33.14619 ? 33  C   B "C4'" 1 
ATOM   713  O  "O4'" . C   A 1 33 ? 10.23225  -5.25993  -4.97037  1.000 35.79895 ? 33  C   B "O4'" 1 
ATOM   714  C  "C3'" . C   A 1 33 ? 11.99916  -4.83207  -6.43445  1.000 34.36360 ? 33  C   B "C3'" 1 
ATOM   715  O  "O3'" . C   A 1 33 ? 13.19046  -5.31197  -7.02473  1.000 37.47976 ? 33  C   B "O3'" 1 
ATOM   716  C  "C2'" . C   A 1 33 ? 10.75904  -5.07451  -7.27408  1.000 32.33939 ? 33  C   B "C2'" 1 
ATOM   717  O  "O2'" . C   A 1 33 ? 10.73846  -6.41827  -7.73539  1.000 34.29297 ? 33  C   B "O2'" 1 
ATOM   718  C  "C1'" . C   A 1 33 ? 9.66373   -4.91873  -6.21904  1.000 35.51210 ? 33  C   B "C1'" 1 
ATOM   719  N  N1    . C   A 1 33 ? 9.15752   -3.52555  -6.14961  1.000 31.21407 ? 33  C   B N1    1 
ATOM   720  C  C2    . C   A 1 33 ? 8.26055   -3.09360  -7.13156  1.000 29.30799 ? 33  C   B C2    1 
ATOM   721  O  O2    . C   A 1 33 ? 7.91806   -3.87324  -8.02302  1.000 30.91971 ? 33  C   B O2    1 
ATOM   722  N  N3    . C   A 1 33 ? 7.78257   -1.82526  -7.08976  1.000 28.58896 ? 33  C   B N3    1 
ATOM   723  C  C4    . C   A 1 33 ? 8.17043   -1.00588  -6.11206  1.000 28.14363 ? 33  C   B C4    1 
ATOM   724  N  N4    . C   A 1 33 ? 7.68111   0.23783   -6.11055  1.000 31.88096 ? 33  C   B N4    1 
ATOM   725  C  C5    . C   A 1 33 ? 9.08624   -1.41181  -5.09664  1.000 36.37771 ? 33  C   B C5    1 
ATOM   726  C  C6    . C   A 1 33 ? 9.54556   -2.66831  -5.15744  1.000 31.08473 ? 33  C   B C6    1 
ATOM   727  P  P     . G   A 1 34 ? 14.10258  -4.33886  -7.91929  1.000 35.05106 ? 34  G   B P     1 
ATOM   728  O  OP1   . G   A 1 34 ? 15.34366  -5.11471  -8.19151  1.000 38.20404 ? 34  G   B OP1   1 
ATOM   729  O  OP2   . G   A 1 34 ? 14.17152  -2.97350  -7.35190  1.000 34.47647 ? 34  G   B OP2   1 
ATOM   730  O  "O5'" . G   A 1 34 ? 13.31916  -4.24463  -9.29643  1.000 32.33499 ? 34  G   B "O5'" 1 
ATOM   731  C  "C5'" . G   A 1 34 ? 13.09839  -5.39544  -10.09019 1.000 31.26287 ? 34  G   B "C5'" 1 
ATOM   732  C  "C4'" . G   A 1 34 ? 12.28809  -5.06049  -11.31056 1.000 32.38919 ? 34  G   B "C4'" 1 
ATOM   733  O  "O4'" . G   A 1 34 ? 10.97040  -4.60608  -10.91049 1.000 31.20331 ? 34  G   B "O4'" 1 
ATOM   734  C  "C3'" . G   A 1 34 ? 12.81628  -3.92095  -12.16495 1.000 33.14323 ? 34  G   B "C3'" 1 
ATOM   735  O  "O3'" . G   A 1 34 ? 13.86531  -4.32031  -13.02429 1.000 34.19829 ? 34  G   B "O3'" 1 
ATOM   736  C  "C2'" . G   A 1 34 ? 11.56719  -3.45943  -12.90054 1.000 32.97172 ? 34  G   B "C2'" 1 
ATOM   737  O  "O2'" . G   A 1 34 ? 11.24420  -4.35707  -13.95291 1.000 33.44328 ? 34  G   B "O2'" 1 
ATOM   738  C  "C1'" . G   A 1 34 ? 10.50999  -3.62252  -11.81309 1.000 30.91633 ? 34  G   B "C1'" 1 
ATOM   739  N  N9    . G   A 1 34 ? 10.25997  -2.38345  -11.06076 1.000 28.00381 ? 34  G   B N9    1 
ATOM   740  C  C8    . G   A 1 34 ? 10.65232  -2.11066  -9.77961  1.000 28.25713 ? 34  G   B C8    1 
ATOM   741  N  N7    . G   A 1 34 ? 10.26184  -0.93917  -9.36297  1.000 29.75213 ? 34  G   B N7    1 
ATOM   742  C  C5    . G   A 1 34 ? 9.55517   -0.41656  -10.43484 1.000 28.78078 ? 34  G   B C5    1 
ATOM   743  C  C6    . G   A 1 34 ? 8.89329   0.82786   -10.57317 1.000 28.96663 ? 34  G   B C6    1 
ATOM   744  O  O6    . G   A 1 34 ? 8.79578   1.73457   -9.73069  1.000 31.96042 ? 34  G   B O6    1 
ATOM   745  N  N1    . G   A 1 34 ? 8.30755   0.94795   -11.82923 1.000 29.34747 ? 34  G   B N1    1 
ATOM   746  C  C2    . G   A 1 34 ? 8.35573   0.00499   -12.82569 1.000 29.67000 ? 34  G   B C2    1 
ATOM   747  N  N2    . G   A 1 34 ? 7.73167   0.30519   -13.97421 1.000 31.64188 ? 34  G   B N2    1 
ATOM   748  N  N3    . G   A 1 34 ? 8.97171   -1.16345  -12.70694 1.000 29.37181 ? 34  G   B N3    1 
ATOM   749  C  C4    . G   A 1 34 ? 9.54532   -1.29556  -11.49462 1.000 28.27079 ? 34  G   B C4    1 
ATOM   750  P  P     . U   A 1 35 ? 15.03574  -3.28317  -13.38738 1.000 36.66484 ? 35  U   B P     1 
ATOM   751  O  OP1   . U   A 1 35 ? 16.08202  -4.06231  -14.09454 1.000 40.08416 ? 35  U   B OP1   1 
ATOM   752  O  OP2   . U   A 1 35 ? 15.38202  -2.49668  -12.17780 1.000 39.79986 ? 35  U   B OP2   1 
ATOM   753  O  "O5'" . U   A 1 35 ? 14.37617  -2.29167  -14.44547 1.000 34.83079 ? 35  U   B "O5'" 1 
ATOM   754  C  "C5'" . U   A 1 35 ? 13.91498  -2.76442  -15.70136 1.000 35.59936 ? 35  U   B "C5'" 1 
ATOM   755  C  "C4'" . U   A 1 35 ? 13.13577  -1.70443  -16.43626 1.000 35.24594 ? 35  U   B "C4'" 1 
ATOM   756  O  "O4'" . U   A 1 35 ? 11.91905  -1.38678  -15.70774 1.000 35.59027 ? 35  U   B "O4'" 1 
ATOM   757  C  "C3'" . U   A 1 35 ? 13.82177  -0.35685  -16.59256 1.000 33.94413 ? 35  U   B "C3'" 1 
ATOM   758  O  "O3'" . U   A 1 35 ? 14.78183  -0.33442  -17.63534 1.000 38.69336 ? 35  U   B "O3'" 1 
ATOM   759  C  "C2'" . U   A 1 35 ? 12.64480  0.57605   -16.82393 1.000 33.62206 ? 35  U   B "C2'" 1 
ATOM   760  O  "O2'" . U   A 1 35 ? 12.15954  0.42956   -18.14883 1.000 40.09674 ? 35  U   B "O2'" 1 
ATOM   761  C  "C1'" . U   A 1 35 ? 11.60816  -0.01859  -15.87234 1.000 34.31093 ? 35  U   B "C1'" 1 
ATOM   762  N  N1    . U   A 1 35 ? 11.63833  0.63547   -14.54532 1.000 31.31947 ? 35  U   B N1    1 
ATOM   763  C  C2    . U   A 1 35 ? 11.00837  1.85826   -14.42484 1.000 32.05805 ? 35  U   B C2    1 
ATOM   764  O  O2    . U   A 1 35 ? 10.43645  2.40300   -15.35288 1.000 34.24518 ? 35  U   B O2    1 
ATOM   765  N  N3    . U   A 1 35 ? 11.06441  2.40819   -13.17210 1.000 33.02044 ? 35  U   B N3    1 
ATOM   766  C  C4    . U   A 1 35 ? 11.68046  1.88646   -12.05602 1.000 29.72728 ? 35  U   B C4    1 
ATOM   767  O  O4    . U   A 1 35 ? 11.64544  2.50882   -10.99773 1.000 33.86681 ? 35  U   B O4    1 
ATOM   768  C  C5    . U   A 1 35 ? 12.31834  0.61908   -12.26031 1.000 29.56211 ? 35  U   B C5    1 
ATOM   769  C  C6    . U   A 1 35 ? 12.27087  0.05873   -13.46822 1.000 29.09960 ? 35  U   B C6    1 
ATOM   770  P  P     . A   A 1 36 ? 16.06560  0.62994   -17.53710 1.000 43.63146 ? 36  A   B P     1 
ATOM   771  O  OP1   . A   A 1 36 ? 16.89607  0.34885   -18.73722 1.000 48.02948 ? 36  A   B OP1   1 
ATOM   772  O  OP2   . A   A 1 36 ? 16.68359  0.53787   -16.19153 1.000 42.68598 ? 36  A   B OP2   1 
ATOM   773  O  "O5'" . A   A 1 36 ? 15.45794  2.09209   -17.67744 1.000 43.53293 ? 36  A   B "O5'" 1 
ATOM   774  C  "C5'" . A   A 1 36 ? 14.84922  2.50848   -18.88848 1.000 42.73369 ? 36  A   B "C5'" 1 
ATOM   775  C  "C4'" . A   A 1 36 ? 14.20044  3.85771   -18.73690 1.000 45.03514 ? 36  A   B "C4'" 1 
ATOM   776  O  "O4'" . A   A 1 36 ? 13.14339  3.78999   -17.74617 1.000 44.80859 ? 36  A   B "O4'" 1 
ATOM   777  C  "C3'" . A   A 1 36 ? 15.10006  4.97136   -18.23262 1.000 46.08419 ? 36  A   B "C3'" 1 
ATOM   778  O  "O3'" . A   A 1 36 ? 15.91959  5.51546   -19.25153 1.000 50.96025 ? 36  A   B "O3'" 1 
ATOM   779  C  "C2'" . A   A 1 36 ? 14.10128  5.96079   -17.64779 1.000 47.87456 ? 36  A   B "C2'" 1 
ATOM   780  O  "O2'" . A   A 1 36 ? 13.47445  6.70702   -18.68220 1.000 50.70885 ? 36  A   B "O2'" 1 
ATOM   781  C  "C1'" . A   A 1 36 ? 13.06145  5.01443   -17.04806 1.000 45.13627 ? 36  A   B "C1'" 1 
ATOM   782  N  N9    . A   A 1 36 ? 13.28481  4.75525   -15.61276 1.000 41.26523 ? 36  A   B N9    1 
ATOM   783  C  C8    . A   A 1 36 ? 13.90106  3.68078   -15.01736 1.000 38.63747 ? 36  A   B C8    1 
ATOM   784  N  N7    . A   A 1 36 ? 13.92221  3.74330   -13.70643 1.000 37.74693 ? 36  A   B N7    1 
ATOM   785  C  C5    . A   A 1 36 ? 13.27365  4.93915   -13.42055 1.000 33.98524 ? 36  A   B C5    1 
ATOM   786  C  C6    . A   A 1 36 ? 12.96270  5.59458   -12.21387 1.000 37.85966 ? 36  A   B C6    1 
ATOM   787  N  N6    . A   A 1 36 ? 13.27440  5.12135   -11.00691 1.000 37.98921 ? 36  A   B N6    1 
ATOM   788  N  N1    . A   A 1 36 ? 12.30828  6.77298   -12.28701 1.000 38.04854 ? 36  A   B N1    1 
ATOM   789  C  C2    . A   A 1 36 ? 11.99644  7.25178   -13.49641 1.000 36.54133 ? 36  A   B C2    1 
ATOM   790  N  N3    . A   A 1 36 ? 12.22880  6.72901   -14.69732 1.000 38.40932 ? 36  A   B N3    1 
ATOM   791  C  C4    . A   A 1 36 ? 12.87794  5.56408   -14.58659 1.000 39.50464 ? 36  A   B C4    1 
ATOM   792  P  P     . C   A 1 37 ? 17.38689  6.06968   -18.90090 1.000 49.91025 ? 37  C   B P     1 
ATOM   793  O  OP1   . C   A 1 37 ? 18.03760  6.40856   -20.19361 1.000 58.57946 ? 37  C   B OP1   1 
ATOM   794  O  OP2   . C   A 1 37 ? 18.07097  5.13000   -17.97831 1.000 54.41474 ? 37  C   B OP2   1 
ATOM   795  O  "O5'" . C   A 1 37 ? 17.09041  7.42471   -18.11969 1.000 47.83540 ? 37  C   B "O5'" 1 
ATOM   796  C  "C5'" . C   A 1 37 ? 16.39943  8.48272   -18.76218 1.000 46.94442 ? 37  C   B "C5'" 1 
ATOM   797  C  "C4'" . C   A 1 37 ? 16.03979  9.58183   -17.79900 1.000 49.27568 ? 37  C   B "C4'" 1 
ATOM   798  O  "O4'" . C   A 1 37 ? 15.04102  9.11340   -16.85685 1.000 52.65723 ? 37  C   B "O4'" 1 
ATOM   799  C  "C3'" . C   A 1 37 ? 17.15863  10.09657  -16.91066 1.000 51.69593 ? 37  C   B "C3'" 1 
ATOM   800  O  "O3'" . C   A 1 37 ? 18.03761  10.98367  -17.57983 1.000 57.75233 ? 37  C   B "O3'" 1 
ATOM   801  C  "C2'" . C   A 1 37 ? 16.38715  10.73815  -15.76351 1.000 52.45387 ? 37  C   B "C2'" 1 
ATOM   802  O  "O2'" . C   A 1 37 ? 15.87105  12.00365  -16.15130 1.000 51.26045 ? 37  C   B "O2'" 1 
ATOM   803  C  "C1'" . C   A 1 37 ? 15.21335  9.76586   -15.61413 1.000 48.08912 ? 37  C   B "C1'" 1 
ATOM   804  N  N1    . C   A 1 37 ? 15.47547  8.74779   -14.57169 1.000 42.25904 ? 37  C   B N1    1 
ATOM   805  C  C2    . C   A 1 37 ? 15.14588  9.05285   -13.25282 1.000 44.54090 ? 37  C   B C2    1 
ATOM   806  O  O2    . C   A 1 37 ? 14.63369  10.15407  -13.00365 1.000 45.54070 ? 37  C   B O2    1 
ATOM   807  N  N3    . C   A 1 37 ? 15.38837  8.13986   -12.28363 1.000 43.37328 ? 37  C   B N3    1 
ATOM   808  C  C4    . C   A 1 37 ? 15.93825  6.96533   -12.59488 1.000 41.63143 ? 37  C   B C4    1 
ATOM   809  N  N4    . C   A 1 37 ? 16.15468  6.08943   -11.60763 1.000 42.63964 ? 37  C   B N4    1 
ATOM   810  C  C5    . C   A 1 37 ? 16.28674  6.62865   -13.93251 1.000 42.03770 ? 37  C   B C5    1 
ATOM   811  C  C6    . C   A 1 37 ? 16.04089  7.54080   -14.88011 1.000 44.78354 ? 37  C   B C6    1 
HETATM 812  MG MG    . MG  B 2 .  ? -2.58842  -0.04187  -8.18887  1.000 45.32967 ? 101 MG  B MG    1 
HETATM 813  MG MG    . MG  C 2 .  ? -1.70007  8.74324   -3.84714  1.000 30.75037 ? 102 MG  B MG    1 
HETATM 814  MG MG    . MG  D 2 .  ? 2.63508   -9.51268  -0.80644  1.000 31.41359 ? 103 MG  B MG    1 
HETATM 815  MG MG    . MG  E 2 .  ? 11.92503  2.38742   -6.96415  1.000 41.66747 ? 104 MG  B MG    1 
HETATM 816  MG MG    . MG  F 2 .  ? -9.49895  10.11126  5.76565   0.50  20.43541 ? 105 MG  B MG    1 
HETATM 817  C  C10   . HZD G 3 .  ? -6.53852  -0.78402  10.79154  1.000 22.57913 ? 106 HZD B C10   1 
HETATM 818  C  C01   . HZD G 3 .  ? -2.70862  -9.39138  9.28082   1.000 20.35174 ? 106 HZD B C01   1 
HETATM 819  C  C03   . HZD G 3 .  ? -3.93571  -7.45747  8.16742   1.000 22.03676 ? 106 HZD B C03   1 
HETATM 820  C  C04   . HZD G 3 .  ? -4.36301  -6.03917  8.17117   1.000 19.10317 ? 106 HZD B C04   1 
HETATM 821  C  C05   . HZD G 3 .  ? -4.02421  -5.16046  9.29700   1.000 19.08512 ? 106 HZD B C05   1 
HETATM 822  C  C06   . HZD G 3 .  ? -4.35473  -3.84782  9.36480   1.000 19.53702 ? 106 HZD B C06   1 
HETATM 823  C  C07   . HZD G 3 .  ? -5.23546  -3.12936  8.32131   1.000 21.23353 ? 106 HZD B C07   1 
HETATM 824  C  C09   . HZD G 3 .  ? -5.44078  -1.04396  9.77399   1.000 22.01644 ? 106 HZD B C09   1 
HETATM 825  C  C13   . HZD G 3 .  ? -8.67518  -1.66594  11.85548  1.000 21.48588 ? 106 HZD B C13   1 
HETATM 826  C  C14   . HZD G 3 .  ? -9.95311  -1.32817  11.06573  1.000 24.50662 ? 106 HZD B C14   1 
HETATM 827  C  C16   . HZD G 3 .  ? -10.61119 0.13684   9.33024   1.000 32.46063 ? 106 HZD B C16   1 
HETATM 828  C  C17   . HZD G 3 .  ? -11.33694 1.48477   9.45957   1.000 34.75321 ? 106 HZD B C17   1 
HETATM 829  C  C19   . HZD G 3 .  ? -12.72910 2.04988   11.25979  1.000 31.74132 ? 106 HZD B C19   1 
HETATM 830  C  C20   . HZD G 3 .  ? -12.64251 2.71822   12.61470  1.000 31.01220 ? 106 HZD B C20   1 
HETATM 831  C  C22   . HZD G 3 .  ? -12.67387 4.84789   13.52159  1.000 37.22265 ? 106 HZD B C22   1 
HETATM 832  C  C23   . HZD G 3 .  ? -12.31582 6.28635   13.16915  1.000 36.14443 ? 106 HZD B C23   1 
HETATM 833  C  C25   . HZD G 3 .  ? -14.17970 7.86695   12.40410  1.000 36.95489 ? 106 HZD B C25   1 
HETATM 834  C  C27   . HZD G 3 .  ? -15.14066 8.27772   11.25367  1.000 33.88349 ? 106 HZD B C27   1 
HETATM 835  C  C28   . HZD G 3 .  ? -15.39040 9.81283   11.16346  1.000 31.85085 ? 106 HZD B C28   1 
HETATM 836  C  C29   . HZD G 3 .  ? -16.33355 10.04203  9.94859   1.000 34.31591 ? 106 HZD B C29   1 
HETATM 837  C  C30   . HZD G 3 .  ? -16.55552 11.53165  9.51883   1.000 38.18609 ? 106 HZD B C30   1 
HETATM 838  C  C31   . HZD G 3 .  ? -18.04461 12.13330  9.77107   1.000 51.15573 ? 106 HZD B C31   1 
HETATM 839  C  C33   . HZD G 3 .  ? -19.70308 13.72778  8.71056   1.000 61.37341 ? 106 HZD B C33   1 
HETATM 840  C  C34   . HZD G 3 .  ? -20.39024 12.24391  8.87694   1.000 65.72594 ? 106 HZD B C34   1 
HETATM 841  C  C36   . HZD G 3 .  ? -19.85972 10.54418  7.35648   1.000 73.30808 ? 106 HZD B C36   1 
HETATM 842  C  C39   . HZD G 3 .  ? -19.16482 11.24701  9.46124   1.000 57.87692 ? 106 HZD B C39   1 
HETATM 843  C  C40   . HZD G 3 .  ? -6.54390  -1.44035  7.46610   1.000 21.90035 ? 106 HZD B C40   1 
HETATM 844  C  C41   . HZD G 3 .  ? -6.64647  -2.34059  6.41293   1.000 19.36688 ? 106 HZD B C41   1 
HETATM 845  C  C43   . HZD G 3 .  ? -7.41191  -2.00387  5.28368   1.000 21.11615 ? 106 HZD B C43   1 
HETATM 846  C  C44   . HZD G 3 .  ? -8.08857  -0.77787  5.25435   1.000 21.50369 ? 106 HZD B C44   1 
HETATM 847  C  C45   . HZD G 3 .  ? -7.97223  0.12136   6.32624   1.000 20.70708 ? 106 HZD B C45   1 
HETATM 848  C  C46   . HZD G 3 .  ? -7.21193  -0.18773  7.45365   1.000 21.38842 ? 106 HZD B C46   1 
HETATM 849  C  C47   . HZD G 3 .  ? -3.21531  -5.72919  10.44870  1.000 19.69638 ? 106 HZD B C47   1 
HETATM 850  C  C48   . HZD G 3 .  ? -2.78852  -7.08643  10.43576  1.000 19.34872 ? 106 HZD B C48   1 
HETATM 851  C  C49   . HZD G 3 .  ? -2.03463  -7.59778  11.50000  1.000 19.29763 ? 106 HZD B C49   1 
HETATM 852  C  C50   . HZD G 3 .  ? -1.68727  -6.80079  12.60951  1.000 21.09251 ? 106 HZD B C50   1 
HETATM 853  C  C51   . HZD G 3 .  ? -2.11368  -5.43517  12.61915  1.000 21.48436 ? 106 HZD B C51   1 
HETATM 854  C  C52   . HZD G 3 .  ? -2.86626  -4.91661  11.53921  1.000 22.06044 ? 106 HZD B C52   1 
HETATM 855  N  N02   . HZD G 3 .  ? -3.15147  -7.96879  9.28008   1.000 21.52879 ? 106 HZD B N02   1 
HETATM 856  N  N08   . HZD G 3 .  ? -5.75527  -1.86251  8.58022   1.000 20.50580 ? 106 HZD B N08   1 
HETATM 857  N  N12   . HZD G 3 .  ? -7.56899  -1.79293  10.89396  1.000 21.16235 ? 106 HZD B N12   1 
HETATM 858  N  N24   . HZD G 3 .  ? -13.26558 6.74499   12.15529  1.000 31.97408 ? 106 HZD B N24   1 
HETATM 859  N  N35   . HZD G 3 .  ? -20.75729 11.81739  7.72110   1.000 66.25942 ? 106 HZD B N35   1 
HETATM 860  N  N38   . HZD G 3 .  ? -18.92423 10.31141  8.50780   1.000 63.95772 ? 106 HZD B N38   1 
HETATM 861  O  O11   . HZD G 3 .  ? -6.51677  0.21510   11.44496  1.000 25.57583 ? 106 HZD B O11   1 
HETATM 862  O  O15   . HZD G 3 .  ? -9.75084  -0.05767  10.46348  1.000 28.50015 ? 106 HZD B O15   1 
HETATM 863  O  O18   . HZD G 3 .  ? -11.41352 1.87709   10.81183  1.000 30.24556 ? 106 HZD B O18   1 
HETATM 864  O  O21   . HZD G 3 .  ? -12.49965 4.09167   12.36038  1.000 34.55108 ? 106 HZD B O21   1 
HETATM 865  O  O26   . HZD G 3 .  ? -14.19033 8.44570   13.44572  1.000 39.55455 ? 106 HZD B O26   1 
HETATM 866  O  O37   . HZD G 3 .  ? -19.91650 9.89964   6.36244   1.000 76.83243 ? 106 HZD B O37   1 
HETATM 867  S  S32   . HZD G 3 .  ? -18.23634 13.49218  8.75180   1.000 46.90999 ? 106 HZD B S32   1 
HETATM 868  S  S42   . HZD G 3 .  ? -5.69086  -3.67500  6.78473   1.000 20.98621 ? 106 HZD B S42   1 
HETATM 869  NA NA    . NA  H 4 .  ? -0.69279  -3.95516  19.85353  1.000 36.28948 ? 107 NA  B NA    1 
HETATM 870  NA NA    . NA  I 4 .  ? 3.79188   4.28731   -6.87663  1.000 43.83955 ? 108 NA  B NA    1 
HETATM 871  K  K     . K   J 5 .  ? -2.03153  -2.97472  4.57899   1.000 21.54944 ? 109 K   B K     1 
HETATM 872  O  O     . HOH K 6 .  ? -15.13191 3.13770   9.65799   1.000 57.86843 ? 201 HOH B O     1 
HETATM 873  O  O     . HOH K 6 .  ? 0.91702   -9.22388  10.04697  1.000 47.54693 ? 202 HOH B O     1 
HETATM 874  O  O     . HOH K 6 .  ? 1.05142   5.21166   14.68464  1.000 45.41791 ? 203 HOH B O     1 
HETATM 875  O  O     . HOH K 6 .  ? 1.59040   -12.82528 1.54367   1.000 37.91200 ? 204 HOH B O     1 
HETATM 876  O  O     . HOH K 6 .  ? -1.07526  0.27375   19.34854  1.000 52.68056 ? 205 HOH B O     1 
HETATM 877  O  O     . HOH K 6 .  ? -5.08917  3.87059   16.41586  1.000 50.06770 ? 206 HOH B O     1 
HETATM 878  O  O     . HOH K 6 .  ? -7.17415  5.85154   -8.18373  1.000 52.92087 ? 207 HOH B O     1 
HETATM 879  O  O     . HOH K 6 .  ? -3.13859  5.75995   -6.37367  1.000 49.12548 ? 208 HOH B O     1 
HETATM 880  O  O     . HOH K 6 .  ? -0.73810  12.86521  -0.88057  1.000 48.53792 ? 209 HOH B O     1 
HETATM 881  O  O     . HOH K 6 .  ? 12.77802  2.11024   -8.86692  1.000 37.94851 ? 210 HOH B O     1 
HETATM 882  O  O     . HOH K 6 .  ? 2.84160   -7.68028  0.08795   1.000 31.29455 ? 211 HOH B O     1 
HETATM 883  O  O     . HOH K 6 .  ? -6.91983  -13.15256 -0.41584  1.000 42.20721 ? 212 HOH B O     1 
HETATM 884  O  O     . HOH K 6 .  ? -6.20595  6.12022   13.16033  1.000 35.00422 ? 213 HOH B O     1 
HETATM 885  O  O     . HOH K 6 .  ? -3.84036  -7.93993  -7.92642  1.000 39.40607 ? 214 HOH B O     1 
HETATM 886  O  O     . HOH K 6 .  ? 9.15491   -3.60335  -15.15614 1.000 44.61477 ? 215 HOH B O     1 
HETATM 887  O  O     . HOH K 6 .  ? 1.83903   5.69939   -10.93254 1.000 43.12647 ? 216 HOH B O     1 
HETATM 888  O  O     . HOH K 6 .  ? -6.64033  -2.85899  17.03450  1.000 86.14966 ? 217 HOH B O     1 
HETATM 889  O  O     . HOH K 6 .  ? 5.89948   3.43869   -7.16711  1.000 47.81112 ? 218 HOH B O     1 
HETATM 890  O  O     . HOH K 6 .  ? 4.17082   7.96164   -9.28767  1.000 43.70160 ? 219 HOH B O     1 
HETATM 891  O  O     . HOH K 6 .  ? -13.70754 -2.97213  0.15006   1.000 37.14850 ? 220 HOH B O     1 
HETATM 892  O  O     . HOH K 6 .  ? -14.01180 -6.27518  1.80469   1.000 41.32179 ? 221 HOH B O     1 
HETATM 893  O  O     . HOH K 6 .  ? 2.36852   -0.34360  10.97117  1.000 36.94233 ? 222 HOH B O     1 
HETATM 894  O  O     . HOH K 6 .  ? -4.05423  -1.59570  -8.75952  1.000 40.56885 ? 223 HOH B O     1 
HETATM 895  O  O     . HOH K 6 .  ? -6.76646  -9.56210  0.55625   1.000 31.17335 ? 224 HOH B O     1 
HETATM 896  O  O     . HOH K 6 .  ? -3.75648  -6.09374  22.41908  1.000 39.66045 ? 225 HOH B O     1 
HETATM 897  O  O     . HOH K 6 .  ? 4.38950   -10.23405 0.20623   1.000 33.29698 ? 226 HOH B O     1 
HETATM 898  O  O     . HOH K 6 .  ? -1.36694  1.08229   -7.31947  1.000 41.07343 ? 227 HOH B O     1 
HETATM 899  O  O     . HOH K 6 .  ? -15.52323 10.20680  14.84462  1.000 41.19316 ? 228 HOH B O     1 
HETATM 900  O  O     . HOH K 6 .  ? -5.49030  -10.19490 -6.16148  1.000 31.96060 ? 229 HOH B O     1 
HETATM 901  O  O     . HOH K 6 .  ? 4.82235   -2.86864  10.18386  1.000 39.01861 ? 230 HOH B O     1 
HETATM 902  O  O     . HOH K 6 .  ? -8.12636  3.02330   3.64268   1.000 21.62969 ? 231 HOH B O     1 
HETATM 903  O  O     . HOH K 6 .  ? 10.04961  2.97820   -7.74864  1.000 38.66513 ? 232 HOH B O     1 
HETATM 904  O  O     . HOH K 6 .  ? -9.33807  0.58825   15.25829  1.000 29.87976 ? 233 HOH B O     1 
HETATM 905  O  O     . HOH K 6 .  ? -14.42953 3.72817   3.66999   1.000 29.91278 ? 234 HOH B O     1 
HETATM 906  O  O     . HOH K 6 .  ? 1.28594   -1.64602  17.08050  1.000 35.35302 ? 235 HOH B O     1 
HETATM 907  O  O     . HOH K 6 .  ? 3.21966   3.77559   -9.14058  1.000 35.73527 ? 236 HOH B O     1 
HETATM 908  O  O     . HOH K 6 .  ? 1.35445   -8.73576  16.18674  1.000 42.31721 ? 237 HOH B O     1 
HETATM 909  O  O     . HOH K 6 .  ? -0.54394  -17.17537 3.19803   1.000 42.43896 ? 238 HOH B O     1 
HETATM 910  O  O     . HOH K 6 .  ? 7.90563   -5.31936  6.69880   1.000 41.16073 ? 239 HOH B O     1 
HETATM 911  O  O     . HOH K 6 .  ? 3.82479   3.06908   0.97861   1.000 39.12376 ? 240 HOH B O     1 
HETATM 912  O  O     . HOH K 6 .  ? -6.07873  2.85319   11.60699  1.000 29.49279 ? 241 HOH B O     1 
HETATM 913  O  O     . HOH K 6 .  ? -0.83920  1.26987   -1.55162  1.000 31.58495 ? 242 HOH B O     1 
HETATM 914  O  O     . HOH K 6 .  ? -1.31193  -8.66934  -11.90525 1.000 37.62600 ? 243 HOH B O     1 
HETATM 915  O  O     . HOH K 6 .  ? -1.66548  -16.78990 9.14176   1.000 46.30950 ? 244 HOH B O     1 
HETATM 916  O  O     . HOH K 6 .  ? 7.56625   6.63155   -8.05316  1.000 44.00889 ? 245 HOH B O     1 
HETATM 917  O  O     . HOH K 6 .  ? -11.09891 -2.09748  -0.21522  1.000 25.78139 ? 246 HOH B O     1 
HETATM 918  O  O     . HOH K 6 .  ? 0.56332   -1.86753  -6.22104  1.000 38.85016 ? 247 HOH B O     1 
HETATM 919  O  O     . HOH K 6 .  ? -6.18540  -0.23269  -8.67822  1.000 36.99192 ? 248 HOH B O     1 
HETATM 920  O  O     . HOH K 6 .  ? -10.40990 9.06678   4.24404   1.000 23.02689 ? 249 HOH B O     1 
HETATM 921  O  O     . HOH K 6 .  ? 0.92110   -8.86994  -1.67156  1.000 28.93549 ? 250 HOH B O     1 
HETATM 922  O  O     . HOH K 6 .  ? -6.96035  5.96439   -4.76738  1.000 32.45809 ? 251 HOH B O     1 
HETATM 923  O  O     . HOH K 6 .  ? 5.16588   2.85658   -3.50389  1.000 44.18752 ? 252 HOH B O     1 
HETATM 924  O  O     . HOH K 6 .  ? -3.09885  4.40052   -2.52885  1.000 34.96733 ? 253 HOH B O     1 
HETATM 925  O  O     . HOH K 6 .  ? -6.14564  -12.16035 3.14763   1.000 32.95699 ? 254 HOH B O     1 
HETATM 926  O  O     . HOH K 6 .  ? -9.05622  -12.20831 2.12459   1.000 42.95570 ? 255 HOH B O     1 
HETATM 927  O  O     . HOH K 6 .  ? -8.92288  7.09309   11.74523  1.000 28.58948 ? 256 HOH B O     1 
HETATM 928  O  O     . HOH K 6 .  ? 9.02964   -4.59635  3.84965   1.000 42.51363 ? 257 HOH B O     1 
HETATM 929  O  O     . HOH K 6 .  ? 12.61318  4.38220   -7.06685  1.000 38.96251 ? 258 HOH B O     1 
HETATM 930  O  O     . HOH K 6 .  ? -1.76448  9.08073   8.35754   1.000 28.34044 ? 259 HOH B O     1 
HETATM 931  O  O     . HOH K 6 .  ? -7.61631  9.72536   4.83183   1.000 23.65778 ? 260 HOH B O     1 
HETATM 932  O  O     . HOH K 6 .  ? -5.80847  14.72341  -3.34890  1.000 37.56623 ? 261 HOH B O     1 
HETATM 933  O  O     . HOH K 6 .  ? 0.20652   1.92798   -10.72875 1.000 41.46654 ? 262 HOH B O     1 
HETATM 934  O  O     . HOH K 6 .  ? 3.24389   6.32211   8.69265   1.000 39.36553 ? 263 HOH B O     1 
HETATM 935  O  O     . HOH K 6 .  ? 3.75559   3.69511   9.54549   1.000 41.29146 ? 264 HOH B O     1 
HETATM 936  O  O     . HOH K 6 .  ? -9.06589  -10.00732 5.25785   1.000 23.54092 ? 265 HOH B O     1 
HETATM 937  O  O     . HOH K 6 .  ? -11.92347 6.68564   3.96400   1.000 24.21940 ? 266 HOH B O     1 
HETATM 938  O  O     . HOH K 6 .  ? -2.40827  -1.10307  -6.46592  1.000 33.60385 ? 267 HOH B O     1 
HETATM 939  O  O     . HOH K 6 .  ? -13.37267 -7.15223  -0.33794  1.000 49.41890 ? 268 HOH B O     1 
HETATM 940  O  O     . HOH K 6 .  ? 0.74694   -10.55175 7.68003   1.000 28.00468 ? 269 HOH B O     1 
HETATM 941  O  O     . HOH K 6 .  ? -2.72953  15.11851  -2.05638  1.000 38.55269 ? 270 HOH B O     1 
HETATM 942  O  O     . HOH K 6 .  ? -4.38190  12.30905  6.01301   1.000 24.70942 ? 271 HOH B O     1 
HETATM 943  O  O     . HOH K 6 .  ? 3.84409   -8.97592  -2.42482  1.000 35.98836 ? 272 HOH B O     1 
HETATM 944  O  O     . HOH K 6 .  ? -4.98559  6.72599   -2.83823  1.000 33.09335 ? 273 HOH B O     1 
HETATM 945  O  O     . HOH K 6 .  ? 11.28019  0.25348   -7.04278  1.000 39.73741 ? 274 HOH B O     1 
HETATM 946  O  O     . HOH K 6 .  ? -3.24010  7.77756   -4.68492  1.000 32.59942 ? 275 HOH B O     1 
HETATM 947  O  O     . HOH K 6 .  ? 1.79236   -3.82395  19.29612  1.000 60.43457 ? 276 HOH B O     1 
HETATM 948  O  O     . HOH K 6 .  ? -6.17355  -9.91137  8.98894   1.000 22.50636 ? 277 HOH B O     1 
HETATM 949  O  O     . HOH K 6 .  ? 5.82349   -2.93384  -13.86504 1.000 38.34879 ? 278 HOH B O     1 
HETATM 950  O  O     . HOH K 6 .  ? -9.00406  3.34295   10.69326  1.000 43.67228 ? 279 HOH B O     1 
HETATM 951  O  O     . HOH K 6 .  ? 2.08738   1.29055   -2.03984  1.000 36.16201 ? 280 HOH B O     1 
HETATM 952  O  O     . HOH K 6 .  ? -13.49186 -7.89300  4.36557   1.000 31.82907 ? 281 HOH B O     1 
HETATM 953  O  O     . HOH K 6 .  ? 0.84944   9.46401   8.02906   1.000 39.49139 ? 282 HOH B O     1 
HETATM 954  O  O     . HOH K 6 .  ? 1.39029   1.05433   -8.33658  1.000 39.45541 ? 283 HOH B O     1 
HETATM 955  O  O     . HOH K 6 .  ? -1.27955  2.67888   -5.68952  1.000 49.43859 ? 284 HOH B O     1 
HETATM 956  O  O     . HOH K 6 .  ? -2.92077  -13.27816 9.20005   1.000 37.76262 ? 285 HOH B O     1 
HETATM 957  O  O     . HOH K 6 .  ? -13.71864 4.11682   -4.84808  1.000 39.56741 ? 286 HOH B O     1 
HETATM 958  O  O     . HOH K 6 .  ? -12.02332 -4.80421  -0.56586  1.000 32.26444 ? 287 HOH B O     1 
HETATM 959  O  O     . HOH K 6 .  ? -2.47486  -8.40741  15.48464  1.000 27.81333 ? 288 HOH B O     1 
HETATM 960  O  O     . HOH K 6 .  ? 13.17383  -0.94593  -5.57393  1.000 37.17015 ? 289 HOH B O     1 
HETATM 961  O  O     . HOH K 6 .  ? -3.17554  -3.44304  -10.62382 1.000 44.65257 ? 290 HOH B O     1 
HETATM 962  O  O     . HOH K 6 .  ? 0.00772   -12.62311 9.11837   1.000 42.65025 ? 291 HOH B O     1 
HETATM 963  O  O     . HOH K 6 .  ? -0.96194  -1.33138  -9.04363  1.000 46.53123 ? 292 HOH B O     1 
HETATM 964  O  O     . HOH K 6 .  ? -0.45617  7.30292   -4.88878  1.000 36.84566 ? 293 HOH B O     1 
HETATM 965  O  O     . HOH K 6 .  ? -0.14842  9.58210   -2.82471  1.000 37.10695 ? 294 HOH B O     1 
HETATM 966  O  O     . HOH K 6 .  ? 2.04427   -10.58696 4.14283   1.000 24.40396 ? 295 HOH B O     1 
HETATM 967  O  O     . HOH K 6 .  ? -4.94026  -10.04067 6.39553   1.000 27.28125 ? 296 HOH B O     1 
HETATM 968  O  O     . HOH K 6 .  ? 7.57030   -11.69717 9.24213   1.000 52.99767 ? 297 HOH B O     1 
HETATM 969  O  O     . HOH K 6 .  ? 1.33218   12.23785  5.22547   1.000 44.36652 ? 298 HOH B O     1 
HETATM 970  O  O     . HOH K 6 .  ? 1.39946   -10.16563 0.79939   1.000 31.85139 ? 299 HOH B O     1 
HETATM 971  O  O     . HOH K 6 .  ? -0.68897  2.80322   0.73288   1.000 38.48600 ? 300 HOH B O     1 
HETATM 972  O  O     . HOH K 6 .  ? -0.92247  -0.87232  -4.12981  1.000 37.66308 ? 301 HOH B O     1 
HETATM 973  O  O     . HOH K 6 .  ? 3.35053   -0.77538  13.91460  1.000 43.87991 ? 302 HOH B O     1 
HETATM 974  O  O     . HOH K 6 .  ? -1.01015  -6.02174  20.59056  1.000 41.95319 ? 303 HOH B O     1 
HETATM 975  O  O     . HOH K 6 .  ? -12.91360 -10.81853 3.40381   1.000 45.11357 ? 304 HOH B O     1 
HETATM 976  O  O     . HOH K 6 .  ? 1.32457   10.39714  0.83722   1.000 46.75433 ? 305 HOH B O     1 
HETATM 977  O  O     . HOH K 6 .  ? -4.38892  -14.97385 6.74704   1.000 64.56720 ? 306 HOH B O     1 
HETATM 978  O  O     . HOH K 6 .  ? -2.96021  0.54223   -10.05683 1.000 51.55175 ? 307 HOH B O     1 
HETATM 979  O  O     . HOH K 6 .  ? -3.42713  4.62881   14.36025  1.000 45.33834 ? 308 HOH B O     1 
HETATM 980  O  O     . HOH K 6 .  ? -8.76885  1.62194   13.02707  1.000 34.56821 ? 309 HOH B O     1 
HETATM 981  O  O     . HOH K 6 .  ? 0.79010   6.43889   1.45974   1.000 42.96821 ? 310 HOH B O     1 
HETATM 982  O  O     . HOH K 6 .  ? 7.99478   -6.11581  1.93885   1.000 38.15453 ? 311 HOH B O     1 
HETATM 983  O  O     . HOH K 6 .  ? -1.66082  9.85523   -5.63691  1.000 34.07175 ? 312 HOH B O     1 
HETATM 984  O  O     . HOH K 6 .  ? -1.86314  2.95424   -9.22490  1.000 51.39627 ? 313 HOH B O     1 
HETATM 985  O  O     . HOH K 6 .  ? -0.46656  -1.88583  19.06746  1.000 39.28752 ? 314 HOH B O     1 
HETATM 986  O  O     . HOH K 6 .  ? -0.89130  -3.14141  21.87559  1.000 42.61190 ? 315 HOH B O     1 
HETATM 987  O  O     . HOH K 6 .  ? 1.00318   -14.88984 0.11182   1.000 42.17299 ? 316 HOH B O     1 
HETATM 988  O  O     . HOH K 6 .  ? -11.57610 -3.97322  -3.24405  1.000 49.21718 ? 317 HOH B O     1 
HETATM 989  O  O     . HOH K 6 .  ? -3.43683  -2.30311  22.89134  1.000 43.84365 ? 318 HOH B O     1 
HETATM 990  O  O     . HOH K 6 .  ? 0.03313   4.93265   -3.93296  1.000 48.06652 ? 319 HOH B O     1 
HETATM 991  O  O     . HOH K 6 .  ? 2.44694   2.42310   -6.59115  1.000 45.92486 ? 320 HOH B O     1 
HETATM 992  O  O     . HOH K 6 .  ? -4.34000  3.83654   -10.00560 1.000 46.16635 ? 321 HOH B O     1 
HETATM 993  O  O     . HOH K 6 .  ? -7.34325  5.32438   11.63924  1.000 41.63974 ? 322 HOH B O     1 
HETATM 994  O  O     . HOH K 6 .  ? -6.59531  -9.60142  4.15236   1.000 30.05246 ? 323 HOH B O     1 
HETATM 995  O  O     . HOH K 6 .  ? 4.84580   -10.06139 -6.88693  0.50  48.66840 ? 324 HOH B O     1 
HETATM 996  O  O     . HOH K 6 .  ? 4.98950   5.98283   -7.94088  1.000 45.70230 ? 325 HOH B O     1 
HETATM 997  O  O     . HOH K 6 .  ? -6.43411  4.79934   -10.05232 1.000 55.47257 ? 326 HOH B O     1 
HETATM 998  O  O     . HOH K 6 .  ? 2.65064   -11.42248 -1.46445  1.000 29.61265 ? 327 HOH B O     1 
HETATM 999  O  O     . HOH K 6 .  ? -6.10979  2.49079   -10.76673 1.000 49.37885 ? 328 HOH B O     1 
HETATM 1000 O  O     . HOH K 6 .  ? -6.25859  -14.01174 5.91649   0.50  53.22898 ? 329 HOH B O     1 
HETATM 1001 O  O     . HOH K 6 .  ? -7.90742  3.57157   12.62118  1.000 33.28460 ? 330 HOH B O     1 
HETATM 1002 O  O     . HOH K 6 .  ? 1.16837   3.77253   1.58608   1.000 38.21751 ? 331 HOH B O     1 
HETATM 1003 O  O     . HOH K 6 .  ? -12.68287 -2.95094  -1.61027  1.000 40.58513 ? 332 HOH B O     1 
HETATM 1004 O  O     . HOH K 6 .  ? -0.22207  -0.42140  21.12756  1.000 64.95794 ? 333 HOH B O     1 
HETATM 1005 O  O     . HOH K 6 .  ? 1.17998   -12.34673 10.97832  1.000 46.76984 ? 334 HOH B O     1 
HETATM 1006 O  O     . HOH K 6 .  ? -5.75419  5.48673   15.15396  1.000 40.13454 ? 335 HOH B O     1 
HETATM 1007 O  O     . HOH K 6 .  ? -2.29184  -0.19211  22.48569  1.000 56.34644 ? 336 HOH B O     1 
HETATM 1008 O  O     . HOH K 6 .  ? 7.57692   -8.53012  -4.43612  1.000 48.30437 ? 337 HOH B O     1 
HETATM 1009 O  O     . HOH K 6 .  ? -6.86457  3.75630   14.45212  1.000 36.41071 ? 338 HOH B O     1 
HETATM 1010 O  O     . HOH K 6 .  ? 11.22708  2.57760   -5.02366  1.000 42.49230 ? 339 HOH B O     1 
HETATM 1011 O  O     . HOH K 6 .  ? 1.60093   12.23294  7.74853   0.50  53.03800 ? 340 HOH B O     1 
HETATM 1012 O  O     . HOH K 6 .  ? 3.38911   4.54913   -4.53819  1.000 62.96462 ? 341 HOH B O     1 
HETATM 1013 O  O     . HOH K 6 .  ? 13.96896  1.99305   -6.22889  1.000 49.49481 ? 342 HOH B O     1 
HETATM 1014 O  O     . HOH K 6 .  ? 1.59121   5.24697   -7.00531  1.000 44.15766 ? 343 HOH B O     1 
# 
loop_
_pdbx_poly_seq_scheme.asym_id 
_pdbx_poly_seq_scheme.entity_id 
_pdbx_poly_seq_scheme.seq_id 
_pdbx_poly_seq_scheme.mon_id 
_pdbx_poly_seq_scheme.ndb_seq_num 
_pdbx_poly_seq_scheme.pdb_seq_num 
_pdbx_poly_seq_scheme.auth_seq_num 
_pdbx_poly_seq_scheme.pdb_mon_id 
_pdbx_poly_seq_scheme.auth_mon_id 
_pdbx_poly_seq_scheme.pdb_strand_id 
_pdbx_poly_seq_scheme.pdb_ins_code 
_pdbx_poly_seq_scheme.hetero 
A 1 1  G 1  1  1  G G B . n 
A 1 2  U 2  2  2  U U B . n 
A 1 3  A 3  3  3  A A B . n 
A 1 4  C 4  4  4  C C B . n 
A 1 5  G 5  5  5  G G B . n 
A 1 6  A 6  6  6  A A B . n 
A 1 7  A 7  7  7  A A B . n 
A 1 8  G 8  8  8  G G B . n 
A 1 9  G 9  9  9  G G B . n 
A 1 10 A 10 10 10 A A B . n 
A 1 11 A 11 11 11 A A B . n 
A 1 12 G 12 12 12 G G B . n 
A 1 13 G 13 13 13 G G B . n 
A 1 14 U 14 14 14 U U B . n 
A 1 15 U 15 15 15 U U B . n 
A 1 16 U 16 16 16 U U B . n 
A 1 17 G 17 17 17 G G B . n 
A 1 18 G 18 18 18 G G B . n 
A 1 19 U 19 19 19 U U B . n 
A 1 20 A 20 20 20 A A B . n 
A 1 21 U 21 21 21 U U B . n 
A 1 22 G 22 22 22 G G B . n 
A 1 23 G 23 23 23 G G B . n 
A 1 24 G 24 24 24 G G B . n 
A 1 25 G 25 25 25 G G B . n 
A 1 26 U 26 26 26 U U B . n 
A 1 27 A 27 27 27 A A B . n 
A 1 28 G 28 28 28 G G B . n 
A 1 29 U 29 29 29 U U B . n 
A 1 30 U 30 30 30 U U B . n 
A 1 31 G 31 31 31 G G B . n 
A 1 32 U 32 32 32 U U B . n 
A 1 33 C 33 33 33 C C B . n 
A 1 34 G 34 34 34 G G B . n 
A 1 35 U 35 35 35 U U B . n 
A 1 36 A 36 36 36 A A B . n 
A 1 37 C 37 37 37 C C B . n 
# 
loop_
_pdbx_nonpoly_scheme.asym_id 
_pdbx_nonpoly_scheme.entity_id 
_pdbx_nonpoly_scheme.mon_id 
_pdbx_nonpoly_scheme.ndb_seq_num 
_pdbx_nonpoly_scheme.pdb_seq_num 
_pdbx_nonpoly_scheme.auth_seq_num 
_pdbx_nonpoly_scheme.pdb_mon_id 
_pdbx_nonpoly_scheme.auth_mon_id 
_pdbx_nonpoly_scheme.pdb_strand_id 
_pdbx_nonpoly_scheme.pdb_ins_code 
B 2 MG  1   101 1   MG  MG  B . 
C 2 MG  1   102 2   MG  MG  B . 
D 2 MG  1   103 3   MG  MG  B . 
E 2 MG  1   104 4   MG  MG  B . 
F 2 MG  1   105 5   MG  MG  B . 
G 3 HZD 1   106 1   HZD TO1 B . 
H 4 NA  1   107 1   NA  NA  B . 
I 4 NA  1   108 2   NA  NA  B . 
J 5 K   1   109 1   K   K   B . 
K 6 HOH 1   201 7   HOH HOH B . 
K 6 HOH 2   202 31  HOH HOH B . 
K 6 HOH 3   203 79  HOH HOH B . 
K 6 HOH 4   204 43  HOH HOH B . 
K 6 HOH 5   205 26  HOH HOH B . 
K 6 HOH 6   206 45  HOH HOH B . 
K 6 HOH 7   207 17  HOH HOH B . 
K 6 HOH 8   208 138 HOH HOH B . 
K 6 HOH 9   209 28  HOH HOH B . 
K 6 HOH 10  210 52  HOH HOH B . 
K 6 HOH 11  211 46  HOH HOH B . 
K 6 HOH 12  212 108 HOH HOH B . 
K 6 HOH 13  213 116 HOH HOH B . 
K 6 HOH 14  214 134 HOH HOH B . 
K 6 HOH 15  215 120 HOH HOH B . 
K 6 HOH 16  216 20  HOH HOH B . 
K 6 HOH 17  217 1   HOH HOH B . 
K 6 HOH 18  218 69  HOH HOH B . 
K 6 HOH 19  219 33  HOH HOH B . 
K 6 HOH 20  220 99  HOH HOH B . 
K 6 HOH 21  221 19  HOH HOH B . 
K 6 HOH 22  222 112 HOH HOH B . 
K 6 HOH 23  223 75  HOH HOH B . 
K 6 HOH 24  224 102 HOH HOH B . 
K 6 HOH 25  225 113 HOH HOH B . 
K 6 HOH 26  226 126 HOH HOH B . 
K 6 HOH 27  227 56  HOH HOH B . 
K 6 HOH 28  228 135 HOH HOH B . 
K 6 HOH 29  229 100 HOH HOH B . 
K 6 HOH 30  230 130 HOH HOH B . 
K 6 HOH 31  231 86  HOH HOH B . 
K 6 HOH 32  232 53  HOH HOH B . 
K 6 HOH 33  233 132 HOH HOH B . 
K 6 HOH 34  234 101 HOH HOH B . 
K 6 HOH 35  235 22  HOH HOH B . 
K 6 HOH 36  236 142 HOH HOH B . 
K 6 HOH 37  237 78  HOH HOH B . 
K 6 HOH 38  238 81  HOH HOH B . 
K 6 HOH 39  239 42  HOH HOH B . 
K 6 HOH 40  240 68  HOH HOH B . 
K 6 HOH 41  241 109 HOH HOH B . 
K 6 HOH 42  242 96  HOH HOH B . 
K 6 HOH 43  243 122 HOH HOH B . 
K 6 HOH 44  244 82  HOH HOH B . 
K 6 HOH 45  245 44  HOH HOH B . 
K 6 HOH 46  246 90  HOH HOH B . 
K 6 HOH 47  247 5   HOH HOH B . 
K 6 HOH 48  248 18  HOH HOH B . 
K 6 HOH 49  249 143 HOH HOH B . 
K 6 HOH 50  250 98  HOH HOH B . 
K 6 HOH 51  251 105 HOH HOH B . 
K 6 HOH 52  252 36  HOH HOH B . 
K 6 HOH 53  253 107 HOH HOH B . 
K 6 HOH 54  254 121 HOH HOH B . 
K 6 HOH 55  255 30  HOH HOH B . 
K 6 HOH 56  256 92  HOH HOH B . 
K 6 HOH 57  257 76  HOH HOH B . 
K 6 HOH 58  258 125 HOH HOH B . 
K 6 HOH 59  259 94  HOH HOH B . 
K 6 HOH 60  260 84  HOH HOH B . 
K 6 HOH 61  261 114 HOH HOH B . 
K 6 HOH 62  262 64  HOH HOH B . 
K 6 HOH 63  263 72  HOH HOH B . 
K 6 HOH 64  264 67  HOH HOH B . 
K 6 HOH 65  265 87  HOH HOH B . 
K 6 HOH 66  266 89  HOH HOH B . 
K 6 HOH 67  267 118 HOH HOH B . 
K 6 HOH 68  268 55  HOH HOH B . 
K 6 HOH 69  269 95  HOH HOH B . 
K 6 HOH 70  270 4   HOH HOH B . 
K 6 HOH 71  271 88  HOH HOH B . 
K 6 HOH 72  272 47  HOH HOH B . 
K 6 HOH 73  273 104 HOH HOH B . 
K 6 HOH 74  274 131 HOH HOH B . 
K 6 HOH 75  275 139 HOH HOH B . 
K 6 HOH 76  276 24  HOH HOH B . 
K 6 HOH 77  277 85  HOH HOH B . 
K 6 HOH 78  278 6   HOH HOH B . 
K 6 HOH 79  279 21  HOH HOH B . 
K 6 HOH 80  280 29  HOH HOH B . 
K 6 HOH 81  281 117 HOH HOH B . 
K 6 HOH 82  282 50  HOH HOH B . 
K 6 HOH 83  283 77  HOH HOH B . 
K 6 HOH 84  284 38  HOH HOH B . 
K 6 HOH 85  285 136 HOH HOH B . 
K 6 HOH 86  286 80  HOH HOH B . 
K 6 HOH 87  287 103 HOH HOH B . 
K 6 HOH 88  288 97  HOH HOH B . 
K 6 HOH 89  289 49  HOH HOH B . 
K 6 HOH 90  290 27  HOH HOH B . 
K 6 HOH 91  291 74  HOH HOH B . 
K 6 HOH 92  292 71  HOH HOH B . 
K 6 HOH 93  293 110 HOH HOH B . 
K 6 HOH 94  294 141 HOH HOH B . 
K 6 HOH 95  295 93  HOH HOH B . 
K 6 HOH 96  296 91  HOH HOH B . 
K 6 HOH 97  297 3   HOH HOH B . 
K 6 HOH 98  298 137 HOH HOH B . 
K 6 HOH 99  299 14  HOH HOH B . 
K 6 HOH 100 300 41  HOH HOH B . 
K 6 HOH 101 301 63  HOH HOH B . 
K 6 HOH 102 302 10  HOH HOH B . 
K 6 HOH 103 303 59  HOH HOH B . 
K 6 HOH 104 304 32  HOH HOH B . 
K 6 HOH 105 305 13  HOH HOH B . 
K 6 HOH 106 306 37  HOH HOH B . 
K 6 HOH 107 307 2   HOH HOH B . 
K 6 HOH 108 308 12  HOH HOH B . 
K 6 HOH 109 309 115 HOH HOH B . 
K 6 HOH 110 310 9   HOH HOH B . 
K 6 HOH 111 311 119 HOH HOH B . 
K 6 HOH 112 312 140 HOH HOH B . 
K 6 HOH 113 313 70  HOH HOH B . 
K 6 HOH 114 314 57  HOH HOH B . 
K 6 HOH 115 315 54  HOH HOH B . 
K 6 HOH 116 316 11  HOH HOH B . 
K 6 HOH 117 317 8   HOH HOH B . 
K 6 HOH 118 318 128 HOH HOH B . 
K 6 HOH 119 319 65  HOH HOH B . 
K 6 HOH 120 320 15  HOH HOH B . 
K 6 HOH 121 321 58  HOH HOH B . 
K 6 HOH 122 322 34  HOH HOH B . 
K 6 HOH 123 323 124 HOH HOH B . 
K 6 HOH 124 324 106 HOH HOH B . 
K 6 HOH 125 325 133 HOH HOH B . 
K 6 HOH 126 326 62  HOH HOH B . 
K 6 HOH 127 327 48  HOH HOH B . 
K 6 HOH 128 328 129 HOH HOH B . 
K 6 HOH 129 329 123 HOH HOH B . 
K 6 HOH 130 330 66  HOH HOH B . 
K 6 HOH 131 331 39  HOH HOH B . 
K 6 HOH 132 332 51  HOH HOH B . 
K 6 HOH 133 333 111 HOH HOH B . 
K 6 HOH 134 334 35  HOH HOH B . 
K 6 HOH 135 335 16  HOH HOH B . 
K 6 HOH 136 336 83  HOH HOH B . 
K 6 HOH 137 337 40  HOH HOH B . 
K 6 HOH 138 338 60  HOH HOH B . 
K 6 HOH 139 339 73  HOH HOH B . 
K 6 HOH 140 340 127 HOH HOH B . 
K 6 HOH 141 341 25  HOH HOH B . 
K 6 HOH 142 342 61  HOH HOH B . 
K 6 HOH 143 343 23  HOH HOH B . 
# 
_pdbx_struct_assembly.id                   1 
_pdbx_struct_assembly.details              author_and_software_defined_assembly 
_pdbx_struct_assembly.method_details       PISA 
_pdbx_struct_assembly.oligomeric_details   monomeric 
_pdbx_struct_assembly.oligomeric_count     1 
# 
_pdbx_struct_assembly_gen.assembly_id       1 
_pdbx_struct_assembly_gen.oper_expression   1 
_pdbx_struct_assembly_gen.asym_id_list      A,B,C,D,E,F,G,H,I,J,K 
# 
_pdbx_struct_oper_list.id                   1 
_pdbx_struct_oper_list.type                 'identity operation' 
_pdbx_struct_oper_list.name                 1_555 
_pdbx_struct_oper_list.symmetry_operation   x,y,z 
_pdbx_struct_oper_list.matrix[1][1]         1.0000000000 
_pdbx_struct_oper_list.matrix[1][2]         0.0000000000 
_pdbx_struct_oper_list.matrix[1][3]         0.0000000000 
_pdbx_struct_oper_list.vector[1]            0.0000000000 
_pdbx_struct_oper_list.matrix[2][1]         0.0000000000 
_pdbx_struct_oper_list.matrix[2][2]         1.0000000000 
_pdbx_struct_oper_list.matrix[2][3]         0.0000000000 
_pdbx_struct_oper_list.vector[2]            0.0000000000 
_pdbx_struct_oper_list.matrix[3][1]         0.0000000000 
_pdbx_struct_oper_list.matrix[3][2]         0.0000000000 
_pdbx_struct_oper_list.matrix[3][3]         1.0000000000 
_pdbx_struct_oper_list.vector[3]            0.0000000000 
# 
loop_
_pdbx_struct_special_symmetry.id 
_pdbx_struct_special_symmetry.PDB_model_num 
_pdbx_struct_special_symmetry.auth_asym_id 
_pdbx_struct_special_symmetry.auth_comp_id 
_pdbx_struct_special_symmetry.auth_seq_id 
_pdbx_struct_special_symmetry.PDB_ins_code 
_pdbx_struct_special_symmetry.label_asym_id 
_pdbx_struct_special_symmetry.label_comp_id 
_pdbx_struct_special_symmetry.label_seq_id 
1 1 B MG  105 ? F MG  . 
2 1 B HOH 324 ? K HOH . 
3 1 B HOH 329 ? K HOH . 
4 1 B HOH 340 ? K HOH . 
# 
loop_
_pdbx_struct_conn_angle.id 
_pdbx_struct_conn_angle.ptnr1_label_atom_id 
_pdbx_struct_conn_angle.ptnr1_label_alt_id 
_pdbx_struct_conn_angle.ptnr1_label_asym_id 
_pdbx_struct_conn_angle.ptnr1_label_comp_id 
_pdbx_struct_conn_angle.ptnr1_label_seq_id 
_pdbx_struct_conn_angle.ptnr1_auth_atom_id 
_pdbx_struct_conn_angle.ptnr1_auth_asym_id 
_pdbx_struct_conn_angle.ptnr1_auth_comp_id 
_pdbx_struct_conn_angle.ptnr1_auth_seq_id 
_pdbx_struct_conn_angle.ptnr1_PDB_ins_code 
_pdbx_struct_conn_angle.ptnr1_symmetry 
_pdbx_struct_conn_angle.ptnr2_label_atom_id 
_pdbx_struct_conn_angle.ptnr2_label_alt_id 
_pdbx_struct_conn_angle.ptnr2_label_asym_id 
_pdbx_struct_conn_angle.ptnr2_label_comp_id 
_pdbx_struct_conn_angle.ptnr2_label_seq_id 
_pdbx_struct_conn_angle.ptnr2_auth_atom_id 
_pdbx_struct_conn_angle.ptnr2_auth_asym_id 
_pdbx_struct_conn_angle.ptnr2_auth_comp_id 
_pdbx_struct_conn_angle.ptnr2_auth_seq_id 
_pdbx_struct_conn_angle.ptnr2_PDB_ins_code 
_pdbx_struct_conn_angle.ptnr2_symmetry 
_pdbx_struct_conn_angle.ptnr3_label_atom_id 
_pdbx_struct_conn_angle.ptnr3_label_alt_id 
_pdbx_struct_conn_angle.ptnr3_label_asym_id 
_pdbx_struct_conn_angle.ptnr3_label_comp_id 
_pdbx_struct_conn_angle.ptnr3_label_seq_id 
_pdbx_struct_conn_angle.ptnr3_auth_atom_id 
_pdbx_struct_conn_angle.ptnr3_auth_asym_id 
_pdbx_struct_conn_angle.ptnr3_auth_comp_id 
_pdbx_struct_conn_angle.ptnr3_auth_seq_id 
_pdbx_struct_conn_angle.ptnr3_PDB_ins_code 
_pdbx_struct_conn_angle.ptnr3_symmetry 
_pdbx_struct_conn_angle.value 
_pdbx_struct_conn_angle.value_esd 
1   O6  ? A G   8  ? B G   8   ? 1_555  K  ? J K  . ? B K  109 ? 1_555 O6  ? A G   9  ? B G   9   ? 1_555  75.9  ? 
2   O6  ? A G   8  ? B G   8   ? 1_555  K  ? J K  . ? B K  109 ? 1_555 O6  ? A G   12 ? B G   12  ? 1_555  71.8  ? 
3   O6  ? A G   9  ? B G   9   ? 1_555  K  ? J K  . ? B K  109 ? 1_555 O6  ? A G   12 ? B G   12  ? 1_555  85.1  ? 
4   O6  ? A G   8  ? B G   8   ? 1_555  K  ? J K  . ? B K  109 ? 1_555 O6  ? A G   13 ? B G   13  ? 1_555  133.1 ? 
5   O6  ? A G   9  ? B G   9   ? 1_555  K  ? J K  . ? B K  109 ? 1_555 O6  ? A G   13 ? B G   13  ? 1_555  70.4  ? 
6   O6  ? A G   12 ? B G   12  ? 1_555  K  ? J K  . ? B K  109 ? 1_555 O6  ? A G   13 ? B G   13  ? 1_555  73.7  ? 
7   O6  ? A G   8  ? B G   8   ? 1_555  K  ? J K  . ? B K  109 ? 1_555 O6  ? A G   17 ? B G   17  ? 1_555  115.5 ? 
8   O6  ? A G   9  ? B G   9   ? 1_555  K  ? J K  . ? B K  109 ? 1_555 O6  ? A G   17 ? B G   17  ? 1_555  152.0 ? 
9   O6  ? A G   12 ? B G   12  ? 1_555  K  ? J K  . ? B K  109 ? 1_555 O6  ? A G   17 ? B G   17  ? 1_555  75.5  ? 
10  O6  ? A G   13 ? B G   13  ? 1_555  K  ? J K  . ? B K  109 ? 1_555 O6  ? A G   17 ? B G   17  ? 1_555  84.7  ? 
11  O6  ? A G   8  ? B G   8   ? 1_555  K  ? J K  . ? B K  109 ? 1_555 O6  ? A G   18 ? B G   18  ? 1_555  152.7 ? 
12  O6  ? A G   9  ? B G   9   ? 1_555  K  ? J K  . ? B K  109 ? 1_555 O6  ? A G   18 ? B G   18  ? 1_555  114.7 ? 
13  O6  ? A G   12 ? B G   12  ? 1_555  K  ? J K  . ? B K  109 ? 1_555 O6  ? A G   18 ? B G   18  ? 1_555  131.9 ? 
14  O6  ? A G   13 ? B G   13  ? 1_555  K  ? J K  . ? B K  109 ? 1_555 O6  ? A G   18 ? B G   18  ? 1_555  73.2  ? 
15  O6  ? A G   17 ? B G   17  ? 1_555  K  ? J K  . ? B K  109 ? 1_555 O6  ? A G   18 ? B G   18  ? 1_555  67.7  ? 
16  O6  ? A G   8  ? B G   8   ? 1_555  K  ? J K  . ? B K  109 ? 1_555 O6  ? A G   22 ? B G   22  ? 1_555  85.4  ? 
17  O6  ? A G   9  ? B G   9   ? 1_555  K  ? J K  . ? B K  109 ? 1_555 O6  ? A G   22 ? B G   22  ? 1_555  73.4  ? 
18  O6  ? A G   12 ? B G   12  ? 1_555  K  ? J K  . ? B K  109 ? 1_555 O6  ? A G   22 ? B G   22  ? 1_555  152.0 ? 
19  O6  ? A G   13 ? B G   13  ? 1_555  K  ? J K  . ? B K  109 ? 1_555 O6  ? A G   22 ? B G   22  ? 1_555  113.9 ? 
20  O6  ? A G   17 ? B G   17  ? 1_555  K  ? J K  . ? B K  109 ? 1_555 O6  ? A G   22 ? B G   22  ? 1_555  130.6 ? 
21  O6  ? A G   18 ? B G   18  ? 1_555  K  ? J K  . ? B K  109 ? 1_555 O6  ? A G   22 ? B G   22  ? 1_555  74.6  ? 
22  O6  ? A G   8  ? B G   8   ? 1_555  K  ? J K  . ? B K  109 ? 1_555 O6  ? A G   24 ? B G   24  ? 1_555  73.6  ? 
23  O6  ? A G   9  ? B G   9   ? 1_555  K  ? J K  . ? B K  109 ? 1_555 O6  ? A G   24 ? B G   24  ? 1_555  131.9 ? 
24  O6  ? A G   12 ? B G   12  ? 1_555  K  ? J K  . ? B K  109 ? 1_555 O6  ? A G   24 ? B G   24  ? 1_555  118.5 ? 
25  O6  ? A G   13 ? B G   13  ? 1_555  K  ? J K  . ? B K  109 ? 1_555 O6  ? A G   24 ? B G   24  ? 1_555  152.6 ? 
26  O6  ? A G   17 ? B G   17  ? 1_555  K  ? J K  . ? B K  109 ? 1_555 O6  ? A G   24 ? B G   24  ? 1_555  75.9  ? 
27  O6  ? A G   18 ? B G   18  ? 1_555  K  ? J K  . ? B K  109 ? 1_555 O6  ? A G   24 ? B G   24  ? 1_555  81.6  ? 
28  O6  ? A G   22 ? B G   22  ? 1_555  K  ? J K  . ? B K  109 ? 1_555 O6  ? A G   24 ? B G   24  ? 1_555  67.9  ? 
29  OP1 ? A U   14 ? B U   14  ? 1_555  NA ? H NA . ? B NA 107 ? 1_555 OP1 ? A U   15 ? B U   15  ? 1_555  90.0  ? 
30  OP1 ? A U   14 ? B U   14  ? 1_555  NA ? H NA . ? B NA 107 ? 1_555 O   ? K HOH .  ? B HOH 276 ? 1_555  71.9  ? 
31  OP1 ? A U   15 ? B U   15  ? 1_555  NA ? H NA . ? B NA 107 ? 1_555 O   ? K HOH .  ? B HOH 276 ? 1_555  157.7 ? 
32  OP1 ? A U   14 ? B U   14  ? 1_555  NA ? H NA . ? B NA 107 ? 1_555 O   ? K HOH .  ? B HOH 303 ? 1_555  85.2  ? 
33  OP1 ? A U   15 ? B U   15  ? 1_555  NA ? H NA . ? B NA 107 ? 1_555 O   ? K HOH .  ? B HOH 303 ? 1_555  85.8  ? 
34  O   ? K HOH .  ? B HOH 276 ? 1_555  NA ? H NA . ? B NA 107 ? 1_555 O   ? K HOH .  ? B HOH 303 ? 1_555  105.1 ? 
35  OP1 ? A U   14 ? B U   14  ? 1_555  NA ? H NA . ? B NA 107 ? 1_555 O   ? K HOH .  ? B HOH 314 ? 1_555  94.0  ? 
36  OP1 ? A U   15 ? B U   15  ? 1_555  NA ? H NA . ? B NA 107 ? 1_555 O   ? K HOH .  ? B HOH 314 ? 1_555  91.7  ? 
37  O   ? K HOH .  ? B HOH 276 ? 1_555  NA ? H NA . ? B NA 107 ? 1_555 O   ? K HOH .  ? B HOH 314 ? 1_555  77.0  ? 
38  O   ? K HOH .  ? B HOH 303 ? 1_555  NA ? H NA . ? B NA 107 ? 1_555 O   ? K HOH .  ? B HOH 314 ? 1_555  177.3 ? 
39  OP1 ? A U   14 ? B U   14  ? 1_555  NA ? H NA . ? B NA 107 ? 1_555 O   ? K HOH .  ? B HOH 315 ? 1_555  175.3 ? 
40  OP1 ? A U   15 ? B U   15  ? 1_555  NA ? H NA . ? B NA 107 ? 1_555 O   ? K HOH .  ? B HOH 315 ? 1_555  93.1  ? 
41  O   ? K HOH .  ? B HOH 276 ? 1_555  NA ? H NA . ? B NA 107 ? 1_555 O   ? K HOH .  ? B HOH 315 ? 1_555  105.7 ? 
42  O   ? K HOH .  ? B HOH 303 ? 1_555  NA ? H NA . ? B NA 107 ? 1_555 O   ? K HOH .  ? B HOH 315 ? 1_555  91.5  ? 
43  O   ? K HOH .  ? B HOH 314 ? 1_555  NA ? H NA . ? B NA 107 ? 1_555 O   ? K HOH .  ? B HOH 315 ? 1_555  89.4  ? 
44  OP1 ? A U   19 ? B U   19  ? 1_555  MG ? F MG . ? B MG 105 ? 1_555 OP1 ? A U   19 ? B U   19  ? 1_555  0.0   ? 
45  OP1 ? A U   19 ? B U   19  ? 1_555  MG ? F MG . ? B MG 105 ? 1_555 O   ? K HOH .  ? B HOH 249 ? 1_555  85.2  ? 
46  OP1 ? A U   19 ? B U   19  ? 1_555  MG ? F MG . ? B MG 105 ? 1_555 O   ? K HOH .  ? B HOH 249 ? 1_555  85.2  ? 
47  OP1 ? A U   19 ? B U   19  ? 1_555  MG ? F MG . ? B MG 105 ? 1_555 O   ? K HOH .  ? B HOH 249 ? 10_555 93.9  ? 
48  OP1 ? A U   19 ? B U   19  ? 1_555  MG ? F MG . ? B MG 105 ? 1_555 O   ? K HOH .  ? B HOH 249 ? 10_555 93.9  ? 
49  O   ? K HOH .  ? B HOH 249 ? 1_555  MG ? F MG . ? B MG 105 ? 1_555 O   ? K HOH .  ? B HOH 249 ? 10_555 98.9  ? 
50  OP1 ? A U   19 ? B U   19  ? 1_555  MG ? F MG . ? B MG 105 ? 1_555 O   ? K HOH .  ? B HOH 260 ? 1_555  88.2  ? 
51  OP1 ? A U   19 ? B U   19  ? 1_555  MG ? F MG . ? B MG 105 ? 1_555 O   ? K HOH .  ? B HOH 260 ? 1_555  88.2  ? 
52  O   ? K HOH .  ? B HOH 249 ? 1_555  MG ? F MG . ? B MG 105 ? 1_555 O   ? K HOH .  ? B HOH 260 ? 1_555  88.6  ? 
53  O   ? K HOH .  ? B HOH 249 ? 10_555 MG ? F MG . ? B MG 105 ? 1_555 O   ? K HOH .  ? B HOH 260 ? 1_555  172.3 ? 
54  OP1 ? A U   19 ? B U   19  ? 1_555  MG ? F MG . ? B MG 105 ? 1_555 O   ? K HOH .  ? B HOH 260 ? 10_555 92.9  ? 
55  OP1 ? A U   19 ? B U   19  ? 1_555  MG ? F MG . ? B MG 105 ? 1_555 O   ? K HOH .  ? B HOH 260 ? 10_555 92.9  ? 
56  O   ? K HOH .  ? B HOH 249 ? 1_555  MG ? F MG . ? B MG 105 ? 1_555 O   ? K HOH .  ? B HOH 260 ? 10_555 172.3 ? 
57  O   ? K HOH .  ? B HOH 249 ? 10_555 MG ? F MG . ? B MG 105 ? 1_555 O   ? K HOH .  ? B HOH 260 ? 10_555 88.6  ? 
58  O   ? K HOH .  ? B HOH 260 ? 1_555  MG ? F MG . ? B MG 105 ? 1_555 O   ? K HOH .  ? B HOH 260 ? 10_555 83.9  ? 
59  OP1 ? A G   25 ? B G   25  ? 1_555  MG ? B MG . ? B MG 101 ? 1_555 O   ? K HOH .  ? B HOH 223 ? 1_555  100.5 ? 
60  OP1 ? A G   25 ? B G   25  ? 1_555  MG ? B MG . ? B MG 101 ? 1_555 O   ? K HOH .  ? B HOH 227 ? 1_555  78.6  ? 
61  O   ? K HOH .  ? B HOH 223 ? 1_555  MG ? B MG . ? B MG 101 ? 1_555 O   ? K HOH .  ? B HOH 227 ? 1_555  166.8 ? 
62  OP1 ? A G   25 ? B G   25  ? 1_555  MG ? B MG . ? B MG 101 ? 1_555 O   ? K HOH .  ? B HOH 267 ? 1_555  94.9  ? 
63  O   ? K HOH .  ? B HOH 223 ? 1_555  MG ? B MG . ? B MG 101 ? 1_555 O   ? K HOH .  ? B HOH 267 ? 1_555  84.9  ? 
64  O   ? K HOH .  ? B HOH 227 ? 1_555  MG ? B MG . ? B MG 101 ? 1_555 O   ? K HOH .  ? B HOH 267 ? 1_555  82.1  ? 
65  OP1 ? A G   25 ? B G   25  ? 1_555  MG ? B MG . ? B MG 101 ? 1_555 O   ? K HOH .  ? B HOH 292 ? 1_555  170.6 ? 
66  O   ? K HOH .  ? B HOH 223 ? 1_555  MG ? B MG . ? B MG 101 ? 1_555 O   ? K HOH .  ? B HOH 292 ? 1_555  88.8  ? 
67  O   ? K HOH .  ? B HOH 227 ? 1_555  MG ? B MG . ? B MG 101 ? 1_555 O   ? K HOH .  ? B HOH 292 ? 1_555  92.8  ? 
68  O   ? K HOH .  ? B HOH 267 ? 1_555  MG ? B MG . ? B MG 101 ? 1_555 O   ? K HOH .  ? B HOH 292 ? 1_555  87.6  ? 
69  OP1 ? A G   25 ? B G   25  ? 1_555  MG ? B MG . ? B MG 101 ? 1_555 O   ? K HOH .  ? B HOH 307 ? 1_555  92.8  ? 
70  O   ? K HOH .  ? B HOH 223 ? 1_555  MG ? B MG . ? B MG 101 ? 1_555 O   ? K HOH .  ? B HOH 307 ? 1_555  80.8  ? 
71  O   ? K HOH .  ? B HOH 227 ? 1_555  MG ? B MG . ? B MG 101 ? 1_555 O   ? K HOH .  ? B HOH 307 ? 1_555  112.4 ? 
72  O   ? K HOH .  ? B HOH 267 ? 1_555  MG ? B MG . ? B MG 101 ? 1_555 O   ? K HOH .  ? B HOH 307 ? 1_555  164.8 ? 
73  O   ? K HOH .  ? B HOH 292 ? 1_555  MG ? B MG . ? B MG 101 ? 1_555 O   ? K HOH .  ? B HOH 307 ? 1_555  86.9  ? 
74  OP2 ? A G   28 ? B G   28  ? 1_555  MG ? C MG . ? B MG 102 ? 1_555 O4  ? A U   29 ? B U   29  ? 1_555  91.5  ? 
75  OP2 ? A G   28 ? B G   28  ? 1_555  MG ? C MG . ? B MG 102 ? 1_555 O   ? K HOH .  ? B HOH 275 ? 1_555  88.3  ? 
76  O4  ? A U   29 ? B U   29  ? 1_555  MG ? C MG . ? B MG 102 ? 1_555 O   ? K HOH .  ? B HOH 275 ? 1_555  86.0  ? 
77  OP2 ? A G   28 ? B G   28  ? 1_555  MG ? C MG . ? B MG 102 ? 1_555 O   ? K HOH .  ? B HOH 293 ? 1_555  171.8 ? 
78  O4  ? A U   29 ? B U   29  ? 1_555  MG ? C MG . ? B MG 102 ? 1_555 O   ? K HOH .  ? B HOH 293 ? 1_555  82.9  ? 
79  O   ? K HOH .  ? B HOH 275 ? 1_555  MG ? C MG . ? B MG 102 ? 1_555 O   ? K HOH .  ? B HOH 293 ? 1_555  85.4  ? 
80  OP2 ? A G   28 ? B G   28  ? 1_555  MG ? C MG . ? B MG 102 ? 1_555 O   ? K HOH .  ? B HOH 294 ? 1_555  91.3  ? 
81  O4  ? A U   29 ? B U   29  ? 1_555  MG ? C MG . ? B MG 102 ? 1_555 O   ? K HOH .  ? B HOH 294 ? 1_555  87.7  ? 
82  O   ? K HOH .  ? B HOH 275 ? 1_555  MG ? C MG . ? B MG 102 ? 1_555 O   ? K HOH .  ? B HOH 294 ? 1_555  173.7 ? 
83  O   ? K HOH .  ? B HOH 293 ? 1_555  MG ? C MG . ? B MG 102 ? 1_555 O   ? K HOH .  ? B HOH 294 ? 1_555  94.4  ? 
84  OP2 ? A G   28 ? B G   28  ? 1_555  MG ? C MG . ? B MG 102 ? 1_555 O   ? K HOH .  ? B HOH 312 ? 1_555  98.5  ? 
85  O4  ? A U   29 ? B U   29  ? 1_555  MG ? C MG . ? B MG 102 ? 1_555 O   ? K HOH .  ? B HOH 312 ? 1_555  166.3 ? 
86  O   ? K HOH .  ? B HOH 275 ? 1_555  MG ? C MG . ? B MG 102 ? 1_555 O   ? K HOH .  ? B HOH 312 ? 1_555  85.0  ? 
87  O   ? K HOH .  ? B HOH 293 ? 1_555  MG ? C MG . ? B MG 102 ? 1_555 O   ? K HOH .  ? B HOH 312 ? 1_555  86.1  ? 
88  O   ? K HOH .  ? B HOH 294 ? 1_555  MG ? C MG . ? B MG 102 ? 1_555 O   ? K HOH .  ? B HOH 312 ? 1_555  101.2 ? 
89  O   ? K HOH .  ? B HOH 211 ? 1_555  MG ? D MG . ? B MG 103 ? 1_555 O   ? K HOH .  ? B HOH 226 ? 1_555  90.7  ? 
90  O   ? K HOH .  ? B HOH 211 ? 1_555  MG ? D MG . ? B MG 103 ? 1_555 O   ? K HOH .  ? B HOH 250 ? 1_555  89.3  ? 
91  O   ? K HOH .  ? B HOH 226 ? 1_555  MG ? D MG . ? B MG 103 ? 1_555 O   ? K HOH .  ? B HOH 250 ? 1_555  176.8 ? 
92  O   ? K HOH .  ? B HOH 211 ? 1_555  MG ? D MG . ? B MG 103 ? 1_555 O   ? K HOH .  ? B HOH 272 ? 1_555  92.9  ? 
93  O   ? K HOH .  ? B HOH 226 ? 1_555  MG ? D MG . ? B MG 103 ? 1_555 O   ? K HOH .  ? B HOH 272 ? 1_555  88.8  ? 
94  O   ? K HOH .  ? B HOH 250 ? 1_555  MG ? D MG . ? B MG 103 ? 1_555 O   ? K HOH .  ? B HOH 272 ? 1_555  94.4  ? 
95  O   ? K HOH .  ? B HOH 211 ? 1_555  MG ? D MG . ? B MG 103 ? 1_555 O   ? K HOH .  ? B HOH 299 ? 1_555  90.2  ? 
96  O   ? K HOH .  ? B HOH 226 ? 1_555  MG ? D MG . ? B MG 103 ? 1_555 O   ? K HOH .  ? B HOH 299 ? 1_555  90.9  ? 
97  O   ? K HOH .  ? B HOH 250 ? 1_555  MG ? D MG . ? B MG 103 ? 1_555 O   ? K HOH .  ? B HOH 299 ? 1_555  85.9  ? 
98  O   ? K HOH .  ? B HOH 272 ? 1_555  MG ? D MG . ? B MG 103 ? 1_555 O   ? K HOH .  ? B HOH 299 ? 1_555  176.9 ? 
99  O   ? K HOH .  ? B HOH 211 ? 1_555  MG ? D MG . ? B MG 103 ? 1_555 O   ? K HOH .  ? B HOH 327 ? 1_555  170.6 ? 
100 O   ? K HOH .  ? B HOH 226 ? 1_555  MG ? D MG . ? B MG 103 ? 1_555 O   ? K HOH .  ? B HOH 327 ? 1_555  80.2  ? 
101 O   ? K HOH .  ? B HOH 250 ? 1_555  MG ? D MG . ? B MG 103 ? 1_555 O   ? K HOH .  ? B HOH 327 ? 1_555  99.6  ? 
102 O   ? K HOH .  ? B HOH 272 ? 1_555  MG ? D MG . ? B MG 103 ? 1_555 O   ? K HOH .  ? B HOH 327 ? 1_555  89.2  ? 
103 O   ? K HOH .  ? B HOH 299 ? 1_555  MG ? D MG . ? B MG 103 ? 1_555 O   ? K HOH .  ? B HOH 327 ? 1_555  87.7  ? 
104 O   ? K HOH .  ? B HOH 210 ? 1_555  MG ? E MG . ? B MG 104 ? 1_555 O   ? K HOH .  ? B HOH 232 ? 1_555  93.5  ? 
105 O   ? K HOH .  ? B HOH 210 ? 1_555  MG ? E MG . ? B MG 104 ? 1_555 O   ? K HOH .  ? B HOH 258 ? 1_555  87.0  ? 
106 O   ? K HOH .  ? B HOH 232 ? 1_555  MG ? E MG . ? B MG 104 ? 1_555 O   ? K HOH .  ? B HOH 258 ? 1_555  90.4  ? 
107 O   ? K HOH .  ? B HOH 210 ? 1_555  MG ? E MG . ? B MG 104 ? 1_555 O   ? K HOH .  ? B HOH 274 ? 1_555  87.7  ? 
108 O   ? K HOH .  ? B HOH 232 ? 1_555  MG ? E MG . ? B MG 104 ? 1_555 O   ? K HOH .  ? B HOH 274 ? 1_555  89.9  ? 
109 O   ? K HOH .  ? B HOH 258 ? 1_555  MG ? E MG . ? B MG 104 ? 1_555 O   ? K HOH .  ? B HOH 274 ? 1_555  174.7 ? 
110 O   ? K HOH .  ? B HOH 210 ? 1_555  MG ? E MG . ? B MG 104 ? 1_555 O   ? K HOH .  ? B HOH 339 ? 1_555  175.1 ? 
111 O   ? K HOH .  ? B HOH 232 ? 1_555  MG ? E MG . ? B MG 104 ? 1_555 O   ? K HOH .  ? B HOH 339 ? 1_555  91.3  ? 
112 O   ? K HOH .  ? B HOH 258 ? 1_555  MG ? E MG . ? B MG 104 ? 1_555 O   ? K HOH .  ? B HOH 339 ? 1_555  93.9  ? 
113 O   ? K HOH .  ? B HOH 274 ? 1_555  MG ? E MG . ? B MG 104 ? 1_555 O   ? K HOH .  ? B HOH 339 ? 1_555  91.3  ? 
114 O   ? K HOH .  ? B HOH 210 ? 1_555  MG ? E MG . ? B MG 104 ? 1_555 O   ? K HOH .  ? B HOH 342 ? 1_555  84.4  ? 
115 O   ? K HOH .  ? B HOH 232 ? 1_555  MG ? E MG . ? B MG 104 ? 1_555 O   ? K HOH .  ? B HOH 342 ? 1_555  173.4 ? 
116 O   ? K HOH .  ? B HOH 258 ? 1_555  MG ? E MG . ? B MG 104 ? 1_555 O   ? K HOH .  ? B HOH 342 ? 1_555  83.3  ? 
117 O   ? K HOH .  ? B HOH 274 ? 1_555  MG ? E MG . ? B MG 104 ? 1_555 O   ? K HOH .  ? B HOH 342 ? 1_555  96.2  ? 
118 O   ? K HOH .  ? B HOH 339 ? 1_555  MG ? E MG . ? B MG 104 ? 1_555 O   ? K HOH .  ? B HOH 342 ? 1_555  90.9  ? 
119 O   ? K HOH .  ? B HOH 218 ? 1_555  NA ? I NA . ? B NA 108 ? 1_555 O   ? K HOH .  ? B HOH 236 ? 1_555  91.2  ? 
120 O   ? K HOH .  ? B HOH 218 ? 1_555  NA ? I NA . ? B NA 108 ? 1_555 O   ? K HOH .  ? B HOH 320 ? 1_555  104.6 ? 
121 O   ? K HOH .  ? B HOH 236 ? 1_555  NA ? I NA . ? B NA 108 ? 1_555 O   ? K HOH .  ? B HOH 320 ? 1_555  78.8  ? 
122 O   ? K HOH .  ? B HOH 218 ? 1_555  NA ? I NA . ? B NA 108 ? 1_555 O   ? K HOH .  ? B HOH 325 ? 1_555  74.9  ? 
123 O   ? K HOH .  ? B HOH 236 ? 1_555  NA ? I NA . ? B NA 108 ? 1_555 O   ? K HOH .  ? B HOH 325 ? 1_555  81.2  ? 
124 O   ? K HOH .  ? B HOH 320 ? 1_555  NA ? I NA . ? B NA 108 ? 1_555 O   ? K HOH .  ? B HOH 325 ? 1_555  159.9 ? 
125 O   ? K HOH .  ? B HOH 218 ? 1_555  NA ? I NA . ? B NA 108 ? 1_555 O   ? K HOH .  ? B HOH 341 ? 1_555  108.7 ? 
126 O   ? K HOH .  ? B HOH 236 ? 1_555  NA ? I NA . ? B NA 108 ? 1_555 O   ? K HOH .  ? B HOH 341 ? 1_555  155.6 ? 
127 O   ? K HOH .  ? B HOH 320 ? 1_555  NA ? I NA . ? B NA 108 ? 1_555 O   ? K HOH .  ? B HOH 341 ? 1_555  82.5  ? 
128 O   ? K HOH .  ? B HOH 325 ? 1_555  NA ? I NA . ? B NA 108 ? 1_555 O   ? K HOH .  ? B HOH 341 ? 1_555  117.0 ? 
129 O   ? K HOH .  ? B HOH 218 ? 1_555  NA ? I NA . ? B NA 108 ? 1_555 O   ? K HOH .  ? B HOH 343 ? 1_555  169.5 ? 
130 O   ? K HOH .  ? B HOH 236 ? 1_555  NA ? I NA . ? B NA 108 ? 1_555 O   ? K HOH .  ? B HOH 343 ? 1_555  79.4  ? 
131 O   ? K HOH .  ? B HOH 320 ? 1_555  NA ? I NA . ? B NA 108 ? 1_555 O   ? K HOH .  ? B HOH 343 ? 1_555  78.3  ? 
132 O   ? K HOH .  ? B HOH 325 ? 1_555  NA ? I NA . ? B NA 108 ? 1_555 O   ? K HOH .  ? B HOH 343 ? 1_555  98.9  ? 
133 O   ? K HOH .  ? B HOH 341 ? 1_555  NA ? I NA . ? B NA 108 ? 1_555 O   ? K HOH .  ? B HOH 343 ? 1_555  81.6  ? 
# 
loop_
_pdbx_audit_revision_history.ordinal 
_pdbx_audit_revision_history.data_content_type 
_pdbx_audit_revision_history.major_revision 
_pdbx_audit_revision_history.minor_revision 
_pdbx_audit_revision_history.revision_date 
1 'Structure model' 1 0 2019-04-17 
2 'Structure model' 1 1 2019-04-24 
3 'Structure model' 1 2 2023-10-11 
# 
_pdbx_audit_revision_details.ordinal             1 
_pdbx_audit_revision_details.revision_ordinal    1 
_pdbx_audit_revision_details.data_content_type   'Structure model' 
_pdbx_audit_revision_details.provider            repository 
_pdbx_audit_revision_details.type                'Initial release' 
_pdbx_audit_revision_details.description         ? 
_pdbx_audit_revision_details.details             ? 
# 
loop_
_pdbx_audit_revision_group.ordinal 
_pdbx_audit_revision_group.revision_ordinal 
_pdbx_audit_revision_group.data_content_type 
_pdbx_audit_revision_group.group 
1 2 'Structure model' 'Data collection'        
2 2 'Structure model' 'Database references'    
3 3 'Structure model' 'Data collection'        
4 3 'Structure model' 'Database references'    
5 3 'Structure model' 'Derived calculations'   
6 3 'Structure model' 'Refinement description' 
# 
loop_
_pdbx_audit_revision_category.ordinal 
_pdbx_audit_revision_category.revision_ordinal 
_pdbx_audit_revision_category.data_content_type 
_pdbx_audit_revision_category.category 
1 2 'Structure model' citation                      
2 2 'Structure model' citation_author               
3 3 'Structure model' chem_comp_atom                
4 3 'Structure model' chem_comp_bond                
5 3 'Structure model' database_2                    
6 3 'Structure model' pdbx_initial_refinement_model 
7 3 'Structure model' pdbx_struct_conn_angle        
8 3 'Structure model' struct_conn                   
# 
loop_
_pdbx_audit_revision_item.ordinal 
_pdbx_audit_revision_item.revision_ordinal 
_pdbx_audit_revision_item.data_content_type 
_pdbx_audit_revision_item.item 
1  2 'Structure model' '_citation.journal_abbrev'                    
2  2 'Structure model' '_citation.journal_volume'                    
3  2 'Structure model' '_citation.page_first'                        
4  2 'Structure model' '_citation.page_last'                         
5  2 'Structure model' '_citation.pdbx_database_id_PubMed'           
6  2 'Structure model' '_citation.title'                             
7  2 'Structure model' '_citation_author.identifier_ORCID'           
8  2 'Structure model' '_citation_author.name'                       
9  3 'Structure model' '_database_2.pdbx_DOI'                        
10 3 'Structure model' '_database_2.pdbx_database_accession'         
11 3 'Structure model' '_pdbx_struct_conn_angle.ptnr1_auth_comp_id'  
12 3 'Structure model' '_pdbx_struct_conn_angle.ptnr1_auth_seq_id'   
13 3 'Structure model' '_pdbx_struct_conn_angle.ptnr1_label_asym_id' 
14 3 'Structure model' '_pdbx_struct_conn_angle.ptnr1_label_atom_id' 
15 3 'Structure model' '_pdbx_struct_conn_angle.ptnr1_label_comp_id' 
16 3 'Structure model' '_pdbx_struct_conn_angle.ptnr1_label_seq_id'  
17 3 'Structure model' '_pdbx_struct_conn_angle.ptnr1_symmetry'      
18 3 'Structure model' '_pdbx_struct_conn_angle.ptnr3_auth_comp_id'  
19 3 'Structure model' '_pdbx_struct_conn_angle.ptnr3_auth_seq_id'   
20 3 'Structure model' '_pdbx_struct_conn_angle.ptnr3_label_asym_id' 
21 3 'Structure model' '_pdbx_struct_conn_angle.ptnr3_label_atom_id' 
22 3 'Structure model' '_pdbx_struct_conn_angle.ptnr3_label_comp_id' 
23 3 'Structure model' '_pdbx_struct_conn_angle.ptnr3_label_seq_id'  
24 3 'Structure model' '_pdbx_struct_conn_angle.ptnr3_symmetry'      
25 3 'Structure model' '_pdbx_struct_conn_angle.value'               
26 3 'Structure model' '_struct_conn.pdbx_dist_value'                
27 3 'Structure model' '_struct_conn.ptnr1_auth_comp_id'             
28 3 'Structure model' '_struct_conn.ptnr1_auth_seq_id'              
29 3 'Structure model' '_struct_conn.ptnr1_label_asym_id'            
30 3 'Structure model' '_struct_conn.ptnr1_label_atom_id'            
31 3 'Structure model' '_struct_conn.ptnr1_label_comp_id'            
32 3 'Structure model' '_struct_conn.ptnr1_label_seq_id'             
33 3 'Structure model' '_struct_conn.ptnr2_auth_comp_id'             
34 3 'Structure model' '_struct_conn.ptnr2_auth_seq_id'              
35 3 'Structure model' '_struct_conn.ptnr2_label_asym_id'            
36 3 'Structure model' '_struct_conn.ptnr2_label_atom_id'            
37 3 'Structure model' '_struct_conn.ptnr2_label_comp_id'            
38 3 'Structure model' '_struct_conn.ptnr2_symmetry'                 
# 
loop_
_space_group_symop.id 
_space_group_symop.operation_xyz 
1  x,y,z                
2  -y+1/2,x,z+3/4       
3  y+1/2,-x,z+3/4       
4  x+1/2,-y,-z+3/4      
5  -x+1/2,y,-z+3/4      
6  -x,-y,z              
7  y,x,-z               
8  -y,-x,-z             
9  x+1/2,y+1/2,z+1/2    
10 -y+1,x+1/2,z+5/4     
11 y+1,-x+1/2,z+5/4     
12 x+1,-y+1/2,-z+5/4    
13 -x+1,y+1/2,-z+5/4    
14 -x+1/2,-y+1/2,z+1/2  
15 y+1/2,x+1/2,-z+1/2   
16 -y+1/2,-x+1/2,-z+1/2 
# 
loop_
_software.citation_id 
_software.classification 
_software.compiler_name 
_software.compiler_version 
_software.contact_author 
_software.contact_author_email 
_software.date 
_software.description 
_software.dependencies 
_software.hardware 
_software.language 
_software.location 
_software.mods 
_software.name 
_software.os 
_software.os_version 
_software.type 
_software.version 
_software.pdbx_ordinal 
? refinement       ? ? ? ? ? ? ? ? ? ? ? PHENIX   ? ? ? 1.13_2998 1 
? refinement       ? ? ? ? ? ? ? ? ? ? ? PHENIX   ? ? ? 1.13_2998 2 
? 'data reduction' ? ? ? ? ? ? ? ? ? ? ? HKL-2000 ? ? ? .         3 
? 'data scaling'   ? ? ? ? ? ? ? ? ? ? ? HKL-2000 ? ? ? .         4 
? phasing          ? ? ? ? ? ? ? ? ? ? ? PHASER   ? ? ? .         5 
# 
loop_
_pdbx_validate_close_contact.id 
_pdbx_validate_close_contact.PDB_model_num 
_pdbx_validate_close_contact.auth_atom_id_1 
_pdbx_validate_close_contact.auth_asym_id_1 
_pdbx_validate_close_contact.auth_comp_id_1 
_pdbx_validate_close_contact.auth_seq_id_1 
_pdbx_validate_close_contact.PDB_ins_code_1 
_pdbx_validate_close_contact.label_alt_id_1 
_pdbx_validate_close_contact.auth_atom_id_2 
_pdbx_validate_close_contact.auth_asym_id_2 
_pdbx_validate_close_contact.auth_comp_id_2 
_pdbx_validate_close_contact.auth_seq_id_2 
_pdbx_validate_close_contact.PDB_ins_code_2 
_pdbx_validate_close_contact.label_alt_id_2 
_pdbx_validate_close_contact.dist 
1  1 "O2'" B U   19  ? ? O B HOH 201 ? ? 2.03 
2  1 O     B HOH 220 ? ? O B HOH 332 ? ? 2.04 
3  1 O     B HOH 213 ? ? O B HOH 322 ? ? 2.06 
4  1 O     B HOH 322 ? ? O B HOH 330 ? ? 2.09 
5  1 O     B HOH 205 ? ? O B HOH 333 ? ? 2.09 
6  1 O     B HOH 330 ? ? O B HOH 338 ? ? 2.12 
7  1 O     B HOH 213 ? ? O B HOH 335 ? ? 2.14 
8  1 O     B HOH 206 ? ? O B HOH 335 ? ? 2.16 
9  1 OP2   B G   13  ? ? O B HOH 202 ? ? 2.16 
10 1 O     B HOH 309 ? ? O B HOH 330 ? ? 2.17 
11 1 O     B HOH 335 ? ? O B HOH 338 ? ? 2.17 
# 
_pdbx_validate_symm_contact.id                1 
_pdbx_validate_symm_contact.PDB_model_num     1 
_pdbx_validate_symm_contact.auth_atom_id_1    "O4'" 
_pdbx_validate_symm_contact.auth_asym_id_1    B 
_pdbx_validate_symm_contact.auth_comp_id_1    U 
_pdbx_validate_symm_contact.auth_seq_id_1     15 
_pdbx_validate_symm_contact.PDB_ins_code_1    ? 
_pdbx_validate_symm_contact.label_alt_id_1    ? 
_pdbx_validate_symm_contact.site_symmetry_1   1_555 
_pdbx_validate_symm_contact.auth_atom_id_2    O 
_pdbx_validate_symm_contact.auth_asym_id_2    B 
_pdbx_validate_symm_contact.auth_comp_id_2    HOH 
_pdbx_validate_symm_contact.auth_seq_id_2     201 
_pdbx_validate_symm_contact.PDB_ins_code_2    ? 
_pdbx_validate_symm_contact.label_alt_id_2    ? 
_pdbx_validate_symm_contact.site_symmetry_2   5_554 
_pdbx_validate_symm_contact.dist              2.10 
# 
loop_
_pdbx_unobs_or_zero_occ_atoms.id 
_pdbx_unobs_or_zero_occ_atoms.PDB_model_num 
_pdbx_unobs_or_zero_occ_atoms.polymer_flag 
_pdbx_unobs_or_zero_occ_atoms.occupancy_flag 
_pdbx_unobs_or_zero_occ_atoms.auth_asym_id 
_pdbx_unobs_or_zero_occ_atoms.auth_comp_id 
_pdbx_unobs_or_zero_occ_atoms.auth_seq_id 
_pdbx_unobs_or_zero_occ_atoms.PDB_ins_code 
_pdbx_unobs_or_zero_occ_atoms.auth_atom_id 
_pdbx_unobs_or_zero_occ_atoms.label_alt_id 
_pdbx_unobs_or_zero_occ_atoms.label_asym_id 
_pdbx_unobs_or_zero_occ_atoms.label_comp_id 
_pdbx_unobs_or_zero_occ_atoms.label_seq_id 
_pdbx_unobs_or_zero_occ_atoms.label_atom_id 
1  1 Y 1 B G 1  ? "O5'" ? A G 1  "O5'" 
2  1 Y 1 B G 1  ? "C5'" ? A G 1  "C5'" 
3  1 Y 1 B U 26 ? N1    ? A U 26 N1    
4  1 Y 1 B U 26 ? C2    ? A U 26 C2    
5  1 Y 1 B U 26 ? O2    ? A U 26 O2    
6  1 Y 1 B U 26 ? N3    ? A U 26 N3    
7  1 Y 1 B U 26 ? C4    ? A U 26 C4    
8  1 Y 1 B U 26 ? O4    ? A U 26 O4    
9  1 Y 1 B U 26 ? C5    ? A U 26 C5    
10 1 Y 1 B U 26 ? C6    ? A U 26 C6    
# 
loop_
_chem_comp_atom.comp_id 
_chem_comp_atom.atom_id 
_chem_comp_atom.type_symbol 
_chem_comp_atom.pdbx_aromatic_flag 
_chem_comp_atom.pdbx_stereo_config 
_chem_comp_atom.pdbx_ordinal 
A   OP3    O  N N 1   
A   P      P  N N 2   
A   OP1    O  N N 3   
A   OP2    O  N N 4   
A   "O5'"  O  N N 5   
A   "C5'"  C  N N 6   
A   "C4'"  C  N R 7   
A   "O4'"  O  N N 8   
A   "C3'"  C  N S 9   
A   "O3'"  O  N N 10  
A   "C2'"  C  N R 11  
A   "O2'"  O  N N 12  
A   "C1'"  C  N R 13  
A   N9     N  Y N 14  
A   C8     C  Y N 15  
A   N7     N  Y N 16  
A   C5     C  Y N 17  
A   C6     C  Y N 18  
A   N6     N  N N 19  
A   N1     N  Y N 20  
A   C2     C  Y N 21  
A   N3     N  Y N 22  
A   C4     C  Y N 23  
A   HOP3   H  N N 24  
A   HOP2   H  N N 25  
A   "H5'"  H  N N 26  
A   "H5''" H  N N 27  
A   "H4'"  H  N N 28  
A   "H3'"  H  N N 29  
A   "HO3'" H  N N 30  
A   "H2'"  H  N N 31  
A   "HO2'" H  N N 32  
A   "H1'"  H  N N 33  
A   H8     H  N N 34  
A   H61    H  N N 35  
A   H62    H  N N 36  
A   H2     H  N N 37  
C   OP3    O  N N 38  
C   P      P  N N 39  
C   OP1    O  N N 40  
C   OP2    O  N N 41  
C   "O5'"  O  N N 42  
C   "C5'"  C  N N 43  
C   "C4'"  C  N R 44  
C   "O4'"  O  N N 45  
C   "C3'"  C  N S 46  
C   "O3'"  O  N N 47  
C   "C2'"  C  N R 48  
C   "O2'"  O  N N 49  
C   "C1'"  C  N R 50  
C   N1     N  N N 51  
C   C2     C  N N 52  
C   O2     O  N N 53  
C   N3     N  N N 54  
C   C4     C  N N 55  
C   N4     N  N N 56  
C   C5     C  N N 57  
C   C6     C  N N 58  
C   HOP3   H  N N 59  
C   HOP2   H  N N 60  
C   "H5'"  H  N N 61  
C   "H5''" H  N N 62  
C   "H4'"  H  N N 63  
C   "H3'"  H  N N 64  
C   "HO3'" H  N N 65  
C   "H2'"  H  N N 66  
C   "HO2'" H  N N 67  
C   "H1'"  H  N N 68  
C   H41    H  N N 69  
C   H42    H  N N 70  
C   H5     H  N N 71  
C   H6     H  N N 72  
G   OP3    O  N N 73  
G   P      P  N N 74  
G   OP1    O  N N 75  
G   OP2    O  N N 76  
G   "O5'"  O  N N 77  
G   "C5'"  C  N N 78  
G   "C4'"  C  N R 79  
G   "O4'"  O  N N 80  
G   "C3'"  C  N S 81  
G   "O3'"  O  N N 82  
G   "C2'"  C  N R 83  
G   "O2'"  O  N N 84  
G   "C1'"  C  N R 85  
G   N9     N  Y N 86  
G   C8     C  Y N 87  
G   N7     N  Y N 88  
G   C5     C  Y N 89  
G   C6     C  N N 90  
G   O6     O  N N 91  
G   N1     N  N N 92  
G   C2     C  N N 93  
G   N2     N  N N 94  
G   N3     N  N N 95  
G   C4     C  Y N 96  
G   HOP3   H  N N 97  
G   HOP2   H  N N 98  
G   "H5'"  H  N N 99  
G   "H5''" H  N N 100 
G   "H4'"  H  N N 101 
G   "H3'"  H  N N 102 
G   "HO3'" H  N N 103 
G   "H2'"  H  N N 104 
G   "HO2'" H  N N 105 
G   "H1'"  H  N N 106 
G   H8     H  N N 107 
G   H1     H  N N 108 
G   H21    H  N N 109 
G   H22    H  N N 110 
HOH O      O  N N 111 
HOH H1     H  N N 112 
HOH H2     H  N N 113 
HZD C10    C  N N 114 
HZD C01    C  N N 115 
HZD C03    C  Y N 116 
HZD C04    C  Y N 117 
HZD C05    C  Y N 118 
HZD C06    C  N N 119 
HZD C07    C  Y N 120 
HZD C09    C  N N 121 
HZD C13    C  N N 122 
HZD C14    C  N N 123 
HZD C16    C  N N 124 
HZD C17    C  N N 125 
HZD C19    C  N N 126 
HZD C20    C  N N 127 
HZD C22    C  N N 128 
HZD C23    C  N N 129 
HZD C25    C  N N 130 
HZD C27    C  N N 131 
HZD C28    C  N N 132 
HZD C29    C  N N 133 
HZD C30    C  N N 134 
HZD C31    C  N R 135 
HZD C33    C  N N 136 
HZD C34    C  N S 137 
HZD C36    C  N N 138 
HZD C39    C  N R 139 
HZD C40    C  Y N 140 
HZD C41    C  Y N 141 
HZD C43    C  Y N 142 
HZD C44    C  Y N 143 
HZD C45    C  Y N 144 
HZD C46    C  Y N 145 
HZD C47    C  Y N 146 
HZD C48    C  Y N 147 
HZD C49    C  Y N 148 
HZD C50    C  Y N 149 
HZD C51    C  Y N 150 
HZD C52    C  Y N 151 
HZD N02    N  Y N 152 
HZD N08    N  Y N 153 
HZD N12    N  N N 154 
HZD N24    N  N N 155 
HZD N35    N  N N 156 
HZD N38    N  N N 157 
HZD O11    O  N N 158 
HZD O15    O  N N 159 
HZD O18    O  N N 160 
HZD O21    O  N N 161 
HZD O26    O  N N 162 
HZD O37    O  N N 163 
HZD S32    S  N N 164 
HZD S42    S  Y N 165 
HZD H1     H  N N 166 
HZD H2     H  N N 167 
HZD H3     H  N N 168 
HZD H4     H  N N 169 
HZD H5     H  N N 170 
HZD H6     H  N N 171 
HZD H7     H  N N 172 
HZD H8     H  N N 173 
HZD H9     H  N N 174 
HZD H10    H  N N 175 
HZD H11    H  N N 176 
HZD H12    H  N N 177 
HZD H13    H  N N 178 
HZD H14    H  N N 179 
HZD H15    H  N N 180 
HZD H16    H  N N 181 
HZD H17    H  N N 182 
HZD H18    H  N N 183 
HZD H19    H  N N 184 
HZD H20    H  N N 185 
HZD H21    H  N N 186 
HZD H22    H  N N 187 
HZD H23    H  N N 188 
HZD H24    H  N N 189 
HZD H25    H  N N 190 
HZD H26    H  N N 191 
HZD H27    H  N N 192 
HZD H28    H  N N 193 
HZD H29    H  N N 194 
HZD H30    H  N N 195 
HZD H31    H  N N 196 
HZD H32    H  N N 197 
HZD H33    H  N N 198 
HZD H34    H  N N 199 
HZD H35    H  N N 200 
HZD H36    H  N N 201 
HZD H37    H  N N 202 
HZD H38    H  N N 203 
HZD H39    H  N N 204 
HZD H40    H  N N 205 
HZD H41    H  N N 206 
HZD H42    H  N N 207 
HZD H43    H  N N 208 
HZD H44    H  N N 209 
HZD H45    H  N N 210 
HZD H46    H  N N 211 
HZD H47    H  N N 212 
HZD H48    H  N N 213 
HZD H49    H  N N 214 
HZD H50    H  N N 215 
K   K      K  N N 216 
MG  MG     MG N N 217 
NA  NA     NA N N 218 
U   OP3    O  N N 219 
U   P      P  N N 220 
U   OP1    O  N N 221 
U   OP2    O  N N 222 
U   "O5'"  O  N N 223 
U   "C5'"  C  N N 224 
U   "C4'"  C  N R 225 
U   "O4'"  O  N N 226 
U   "C3'"  C  N S 227 
U   "O3'"  O  N N 228 
U   "C2'"  C  N R 229 
U   "O2'"  O  N N 230 
U   "C1'"  C  N R 231 
U   N1     N  N N 232 
U   C2     C  N N 233 
U   O2     O  N N 234 
U   N3     N  N N 235 
U   C4     C  N N 236 
U   O4     O  N N 237 
U   C5     C  N N 238 
U   C6     C  N N 239 
U   HOP3   H  N N 240 
U   HOP2   H  N N 241 
U   "H5'"  H  N N 242 
U   "H5''" H  N N 243 
U   "H4'"  H  N N 244 
U   "H3'"  H  N N 245 
U   "HO3'" H  N N 246 
U   "H2'"  H  N N 247 
U   "HO2'" H  N N 248 
U   "H1'"  H  N N 249 
U   H3     H  N N 250 
U   H5     H  N N 251 
U   H6     H  N N 252 
# 
loop_
_chem_comp_bond.comp_id 
_chem_comp_bond.atom_id_1 
_chem_comp_bond.atom_id_2 
_chem_comp_bond.value_order 
_chem_comp_bond.pdbx_aromatic_flag 
_chem_comp_bond.pdbx_stereo_config 
_chem_comp_bond.pdbx_ordinal 
A   OP3   P      sing N N 1   
A   OP3   HOP3   sing N N 2   
A   P     OP1    doub N N 3   
A   P     OP2    sing N N 4   
A   P     "O5'"  sing N N 5   
A   OP2   HOP2   sing N N 6   
A   "O5'" "C5'"  sing N N 7   
A   "C5'" "C4'"  sing N N 8   
A   "C5'" "H5'"  sing N N 9   
A   "C5'" "H5''" sing N N 10  
A   "C4'" "O4'"  sing N N 11  
A   "C4'" "C3'"  sing N N 12  
A   "C4'" "H4'"  sing N N 13  
A   "O4'" "C1'"  sing N N 14  
A   "C3'" "O3'"  sing N N 15  
A   "C3'" "C2'"  sing N N 16  
A   "C3'" "H3'"  sing N N 17  
A   "O3'" "HO3'" sing N N 18  
A   "C2'" "O2'"  sing N N 19  
A   "C2'" "C1'"  sing N N 20  
A   "C2'" "H2'"  sing N N 21  
A   "O2'" "HO2'" sing N N 22  
A   "C1'" N9     sing N N 23  
A   "C1'" "H1'"  sing N N 24  
A   N9    C8     sing Y N 25  
A   N9    C4     sing Y N 26  
A   C8    N7     doub Y N 27  
A   C8    H8     sing N N 28  
A   N7    C5     sing Y N 29  
A   C5    C6     sing Y N 30  
A   C5    C4     doub Y N 31  
A   C6    N6     sing N N 32  
A   C6    N1     doub Y N 33  
A   N6    H61    sing N N 34  
A   N6    H62    sing N N 35  
A   N1    C2     sing Y N 36  
A   C2    N3     doub Y N 37  
A   C2    H2     sing N N 38  
A   N3    C4     sing Y N 39  
C   OP3   P      sing N N 40  
C   OP3   HOP3   sing N N 41  
C   P     OP1    doub N N 42  
C   P     OP2    sing N N 43  
C   P     "O5'"  sing N N 44  
C   OP2   HOP2   sing N N 45  
C   "O5'" "C5'"  sing N N 46  
C   "C5'" "C4'"  sing N N 47  
C   "C5'" "H5'"  sing N N 48  
C   "C5'" "H5''" sing N N 49  
C   "C4'" "O4'"  sing N N 50  
C   "C4'" "C3'"  sing N N 51  
C   "C4'" "H4'"  sing N N 52  
C   "O4'" "C1'"  sing N N 53  
C   "C3'" "O3'"  sing N N 54  
C   "C3'" "C2'"  sing N N 55  
C   "C3'" "H3'"  sing N N 56  
C   "O3'" "HO3'" sing N N 57  
C   "C2'" "O2'"  sing N N 58  
C   "C2'" "C1'"  sing N N 59  
C   "C2'" "H2'"  sing N N 60  
C   "O2'" "HO2'" sing N N 61  
C   "C1'" N1     sing N N 62  
C   "C1'" "H1'"  sing N N 63  
C   N1    C2     sing N N 64  
C   N1    C6     sing N N 65  
C   C2    O2     doub N N 66  
C   C2    N3     sing N N 67  
C   N3    C4     doub N N 68  
C   C4    N4     sing N N 69  
C   C4    C5     sing N N 70  
C   N4    H41    sing N N 71  
C   N4    H42    sing N N 72  
C   C5    C6     doub N N 73  
C   C5    H5     sing N N 74  
C   C6    H6     sing N N 75  
G   OP3   P      sing N N 76  
G   OP3   HOP3   sing N N 77  
G   P     OP1    doub N N 78  
G   P     OP2    sing N N 79  
G   P     "O5'"  sing N N 80  
G   OP2   HOP2   sing N N 81  
G   "O5'" "C5'"  sing N N 82  
G   "C5'" "C4'"  sing N N 83  
G   "C5'" "H5'"  sing N N 84  
G   "C5'" "H5''" sing N N 85  
G   "C4'" "O4'"  sing N N 86  
G   "C4'" "C3'"  sing N N 87  
G   "C4'" "H4'"  sing N N 88  
G   "O4'" "C1'"  sing N N 89  
G   "C3'" "O3'"  sing N N 90  
G   "C3'" "C2'"  sing N N 91  
G   "C3'" "H3'"  sing N N 92  
G   "O3'" "HO3'" sing N N 93  
G   "C2'" "O2'"  sing N N 94  
G   "C2'" "C1'"  sing N N 95  
G   "C2'" "H2'"  sing N N 96  
G   "O2'" "HO2'" sing N N 97  
G   "C1'" N9     sing N N 98  
G   "C1'" "H1'"  sing N N 99  
G   N9    C8     sing Y N 100 
G   N9    C4     sing Y N 101 
G   C8    N7     doub Y N 102 
G   C8    H8     sing N N 103 
G   N7    C5     sing Y N 104 
G   C5    C6     sing N N 105 
G   C5    C4     doub Y N 106 
G   C6    O6     doub N N 107 
G   C6    N1     sing N N 108 
G   N1    C2     sing N N 109 
G   N1    H1     sing N N 110 
G   C2    N2     sing N N 111 
G   C2    N3     doub N N 112 
G   N2    H21    sing N N 113 
G   N2    H22    sing N N 114 
G   N3    C4     sing N N 115 
HOH O     H1     sing N N 116 
HOH O     H2     sing N N 117 
HZD C50   C51    doub Y N 118 
HZD C50   C49    sing Y N 119 
HZD C51   C52    sing Y N 120 
HZD C49   C48    doub Y N 121 
HZD C52   C47    doub Y N 122 
HZD C48   C47    sing Y N 123 
HZD C48   N02    sing Y N 124 
HZD C47   C05    sing Y N 125 
HZD C01   N02    sing N N 126 
HZD N02   C03    doub Y N 127 
HZD C05   C06    sing N N 128 
HZD C05   C04    doub Y N 129 
HZD C06   C07    sing N N 130 
HZD C09   N08    sing N N 131 
HZD C09   C10    sing N N 132 
HZD C03   C04    sing Y N 133 
HZD C07   N08    doub Y N 134 
HZD C07   S42    sing Y N 135 
HZD O11   C10    doub N N 136 
HZD N08   C40    sing Y N 137 
HZD C10   N12    sing N N 138 
HZD S42   C41    sing Y N 139 
HZD C40   C46    doub Y N 140 
HZD C40   C41    sing Y N 141 
HZD C46   C45    sing Y N 142 
HZD C41   C43    doub Y N 143 
HZD N12   C13    sing N N 144 
HZD C45   C44    doub Y N 145 
HZD C43   C44    sing Y N 146 
HZD C13   C14    sing N N 147 
HZD O15   C14    sing N N 148 
HZD O15   C16    sing N N 149 
HZD C23   C22    sing N N 150 
HZD C23   N24    sing N N 151 
HZD C16   C17    sing N N 152 
HZD O18   C17    sing N N 153 
HZD O18   C19    sing N N 154 
HZD C22   O21    sing N N 155 
HZD O21   C20    sing N N 156 
HZD N24   C25    sing N N 157 
HZD C20   C19    sing N N 158 
HZD O26   C25    doub N N 159 
HZD C25   C27    sing N N 160 
HZD C28   C27    sing N N 161 
HZD C28   C29    sing N N 162 
HZD C29   C30    sing N N 163 
HZD C30   C31    sing N N 164 
HZD C31   S32    sing N N 165 
HZD C31   C39    sing N N 166 
HZD S32   C33    sing N N 167 
HZD C39   N38    sing N N 168 
HZD C39   C34    sing N N 169 
HZD N38   C36    sing N N 170 
HZD C33   C34    sing N N 171 
HZD C34   N35    sing N N 172 
HZD C36   O37    doub N N 173 
HZD C36   N35    sing N N 174 
HZD C01   H1     sing N N 175 
HZD C01   H2     sing N N 176 
HZD C01   H3     sing N N 177 
HZD C03   H4     sing N N 178 
HZD C04   H5     sing N N 179 
HZD C06   H6     sing N N 180 
HZD C06   H7     sing N N 181 
HZD C09   H8     sing N N 182 
HZD C09   H9     sing N N 183 
HZD C13   H10    sing N N 184 
HZD C13   H11    sing N N 185 
HZD C14   H12    sing N N 186 
HZD C14   H13    sing N N 187 
HZD C16   H14    sing N N 188 
HZD C16   H15    sing N N 189 
HZD C17   H16    sing N N 190 
HZD C17   H17    sing N N 191 
HZD C19   H18    sing N N 192 
HZD C19   H19    sing N N 193 
HZD C20   H20    sing N N 194 
HZD C20   H21    sing N N 195 
HZD C22   H22    sing N N 196 
HZD C22   H23    sing N N 197 
HZD C23   H24    sing N N 198 
HZD C23   H25    sing N N 199 
HZD C27   H26    sing N N 200 
HZD C27   H27    sing N N 201 
HZD C28   H28    sing N N 202 
HZD C28   H29    sing N N 203 
HZD C29   H30    sing N N 204 
HZD C29   H31    sing N N 205 
HZD C30   H32    sing N N 206 
HZD C30   H33    sing N N 207 
HZD C31   H34    sing N N 208 
HZD C33   H35    sing N N 209 
HZD C33   H36    sing N N 210 
HZD C34   H37    sing N N 211 
HZD C39   H38    sing N N 212 
HZD C43   H39    sing N N 213 
HZD C44   H40    sing N N 214 
HZD C45   H41    sing N N 215 
HZD C46   H42    sing N N 216 
HZD C49   H43    sing N N 217 
HZD C50   H44    sing N N 218 
HZD C51   H45    sing N N 219 
HZD C52   H46    sing N N 220 
HZD N12   H47    sing N N 221 
HZD N24   H48    sing N N 222 
HZD N35   H49    sing N N 223 
HZD N38   H50    sing N N 224 
U   OP3   P      sing N N 225 
U   OP3   HOP3   sing N N 226 
U   P     OP1    doub N N 227 
U   P     OP2    sing N N 228 
U   P     "O5'"  sing N N 229 
U   OP2   HOP2   sing N N 230 
U   "O5'" "C5'"  sing N N 231 
U   "C5'" "C4'"  sing N N 232 
U   "C5'" "H5'"  sing N N 233 
U   "C5'" "H5''" sing N N 234 
U   "C4'" "O4'"  sing N N 235 
U   "C4'" "C3'"  sing N N 236 
U   "C4'" "H4'"  sing N N 237 
U   "O4'" "C1'"  sing N N 238 
U   "C3'" "O3'"  sing N N 239 
U   "C3'" "C2'"  sing N N 240 
U   "C3'" "H3'"  sing N N 241 
U   "O3'" "HO3'" sing N N 242 
U   "C2'" "O2'"  sing N N 243 
U   "C2'" "C1'"  sing N N 244 
U   "C2'" "H2'"  sing N N 245 
U   "O2'" "HO2'" sing N N 246 
U   "C1'" N1     sing N N 247 
U   "C1'" "H1'"  sing N N 248 
U   N1    C2     sing N N 249 
U   N1    C6     sing N N 250 
U   C2    O2     doub N N 251 
U   C2    N3     sing N N 252 
U   N3    C4     sing N N 253 
U   N3    H3     sing N N 254 
U   C4    O4     doub N N 255 
U   C4    C5     sing N N 256 
U   C5    C6     doub N N 257 
U   C5    H5     sing N N 258 
U   C6    H6     sing N N 259 
# 
loop_
_ndb_struct_conf_na.entry_id 
_ndb_struct_conf_na.feature 
6E8U 'double helix'         
6E8U 'a-form double helix'  
6E8U 'bulge loop'           
6E8U 'mismatched base pair' 
6E8U 'triple helix'         
# 
loop_
_ndb_struct_na_base_pair.model_number 
_ndb_struct_na_base_pair.i_label_asym_id 
_ndb_struct_na_base_pair.i_label_comp_id 
_ndb_struct_na_base_pair.i_label_seq_id 
_ndb_struct_na_base_pair.i_symmetry 
_ndb_struct_na_base_pair.j_label_asym_id 
_ndb_struct_na_base_pair.j_label_comp_id 
_ndb_struct_na_base_pair.j_label_seq_id 
_ndb_struct_na_base_pair.j_symmetry 
_ndb_struct_na_base_pair.shear 
_ndb_struct_na_base_pair.stretch 
_ndb_struct_na_base_pair.stagger 
_ndb_struct_na_base_pair.buckle 
_ndb_struct_na_base_pair.propeller 
_ndb_struct_na_base_pair.opening 
_ndb_struct_na_base_pair.pair_number 
_ndb_struct_na_base_pair.pair_name 
_ndb_struct_na_base_pair.i_auth_asym_id 
_ndb_struct_na_base_pair.i_auth_seq_id 
_ndb_struct_na_base_pair.i_PDB_ins_code 
_ndb_struct_na_base_pair.j_auth_asym_id 
_ndb_struct_na_base_pair.j_auth_seq_id 
_ndb_struct_na_base_pair.j_PDB_ins_code 
_ndb_struct_na_base_pair.hbond_type_28 
_ndb_struct_na_base_pair.hbond_type_12 
1 A G 1  1_555 A C 37 1_555 -0.306 -0.238 0.255  -1.459  -13.868 -1.581   1  B_G1:C37_B  B 1  ? B 37 ? 19 1 
1 A U 2  1_555 A A 36 1_555 0.035  -0.107 0.249  0.823   -16.922 2.239    2  B_U2:A36_B  B 2  ? B 36 ? 20 1 
1 A A 3  1_555 A U 35 1_555 0.025  -0.107 0.247  2.762   -12.109 -1.961   3  B_A3:U35_B  B 3  ? B 35 ? 20 1 
1 A C 4  1_555 A G 34 1_555 0.274  -0.147 -0.035 6.055   -12.605 0.005    4  B_C4:G34_B  B 4  ? B 34 ? 19 1 
1 A G 5  1_555 A C 33 1_555 -0.131 -0.141 -0.114 -7.112  -13.665 1.773    5  B_G5:C33_B  B 5  ? B 33 ? 19 1 
1 A A 6  1_555 A U 32 1_555 0.143  -0.016 -0.113 -13.097 -3.106  -2.406   6  B_A6:U32_B  B 6  ? B 32 ? 20 1 
1 A A 7  1_555 A G 31 1_555 0.092  1.451  -0.311 -1.813  -0.233  -17.119  7  B_A7:G31_B  B 7  ? B 31 ? 8  1 
1 A A 11 1_555 A U 30 1_555 -0.279 -0.031 0.123  -10.360 -7.467  -3.641   8  B_A11:U30_B B 11 ? B 30 ? 20 1 
1 A G 12 1_555 A G 17 1_555 1.839  3.247  0.116  -6.835  4.489   -89.955  9  B_G12:G17_B B 12 ? B 17 ? 6  3 
1 A U 14 1_555 A U 21 1_555 -1.670 1.285  0.210  -5.233  2.219   -177.464 10 B_U14:U21_B B 14 ? B 21 ? 12 2 
1 A G 9  1_555 A G 22 1_555 -1.676 -3.445 -0.134 -3.704  -6.164  88.858   11 B_G9:G22_B  B 9  ? B 22 ? 6  3 
1 A G 13 1_555 A G 18 1_555 1.618  3.491  0.321  -3.423  -8.557  -89.880  12 B_G13:G18_B B 13 ? B 18 ? 6  3 
1 A A 20 1_555 A A 27 1_555 -5.361 4.874  -0.317 -25.813 -40.994 -177.548 13 B_A20:A27_B B 20 ? B 27 ? 2  8 
1 A G 25 1_555 A G 28 1_555 2.283  1.907  0.010  -38.962 24.828  -114.314 14 B_G25:G28_B B 25 ? B 28 ? ?  1 
# 
loop_
_ndb_struct_na_base_pair_step.model_number 
_ndb_struct_na_base_pair_step.i_label_asym_id_1 
_ndb_struct_na_base_pair_step.i_label_comp_id_1 
_ndb_struct_na_base_pair_step.i_label_seq_id_1 
_ndb_struct_na_base_pair_step.i_symmetry_1 
_ndb_struct_na_base_pair_step.j_label_asym_id_1 
_ndb_struct_na_base_pair_step.j_label_comp_id_1 
_ndb_struct_na_base_pair_step.j_label_seq_id_1 
_ndb_struct_na_base_pair_step.j_symmetry_1 
_ndb_struct_na_base_pair_step.i_label_asym_id_2 
_ndb_struct_na_base_pair_step.i_label_comp_id_2 
_ndb_struct_na_base_pair_step.i_label_seq_id_2 
_ndb_struct_na_base_pair_step.i_symmetry_2 
_ndb_struct_na_base_pair_step.j_label_asym_id_2 
_ndb_struct_na_base_pair_step.j_label_comp_id_2 
_ndb_struct_na_base_pair_step.j_label_seq_id_2 
_ndb_struct_na_base_pair_step.j_symmetry_2 
_ndb_struct_na_base_pair_step.shift 
_ndb_struct_na_base_pair_step.slide 
_ndb_struct_na_base_pair_step.rise 
_ndb_struct_na_base_pair_step.tilt 
_ndb_struct_na_base_pair_step.roll 
_ndb_struct_na_base_pair_step.twist 
_ndb_struct_na_base_pair_step.x_displacement 
_ndb_struct_na_base_pair_step.y_displacement 
_ndb_struct_na_base_pair_step.helical_rise 
_ndb_struct_na_base_pair_step.inclination 
_ndb_struct_na_base_pair_step.tip 
_ndb_struct_na_base_pair_step.helical_twist 
_ndb_struct_na_base_pair_step.step_number 
_ndb_struct_na_base_pair_step.step_name 
_ndb_struct_na_base_pair_step.i_auth_asym_id_1 
_ndb_struct_na_base_pair_step.i_auth_seq_id_1 
_ndb_struct_na_base_pair_step.i_PDB_ins_code_1 
_ndb_struct_na_base_pair_step.j_auth_asym_id_1 
_ndb_struct_na_base_pair_step.j_auth_seq_id_1 
_ndb_struct_na_base_pair_step.j_PDB_ins_code_1 
_ndb_struct_na_base_pair_step.i_auth_asym_id_2 
_ndb_struct_na_base_pair_step.i_auth_seq_id_2 
_ndb_struct_na_base_pair_step.i_PDB_ins_code_2 
_ndb_struct_na_base_pair_step.j_auth_asym_id_2 
_ndb_struct_na_base_pair_step.j_auth_seq_id_2 
_ndb_struct_na_base_pair_step.j_PDB_ins_code_2 
1 A G 1  1_555 A C 37 1_555 A U 2  1_555 A A 36 1_555 0.035  -1.201 3.132  -0.740  8.048  35.524  -2.951 -0.151 2.802  12.984 
1.193   36.403  1  BB_G1U2:A36C37_BB   B 1  ? B 37 ? B 2  ? B 36 ? 
1 A U 2  1_555 A A 36 1_555 A A 3  1_555 A U 35 1_555 -0.368 -1.345 2.933  -1.222  13.354 32.671  -3.854 0.459  2.242  22.590 
2.067   35.246  2  BB_U2A3:U35A36_BB   B 2  ? B 36 ? B 3  ? B 35 ? 
1 A A 3  1_555 A U 35 1_555 A C 4  1_555 A G 34 1_555 0.372  -1.310 3.137  2.862   7.375  33.133  -3.321 -0.215 2.810  12.708 
-4.931  34.038  3  BB_A3C4:G34U35_BB   B 3  ? B 35 ? B 4  ? B 34 ? 
1 A C 4  1_555 A G 34 1_555 A G 5  1_555 A C 33 1_555 0.722  -1.990 3.530  2.112   12.670 28.701  -5.974 -0.952 2.495  24.094 
-4.017  31.389  4  BB_C4G5:C33G34_BB   B 4  ? B 34 ? B 5  ? B 33 ? 
1 A G 5  1_555 A C 33 1_555 A A 6  1_555 A U 32 1_555 0.093  -2.170 3.360  1.261   6.868  33.646  -4.710 0.033  2.876  11.709 
-2.150  34.342  5  BB_G5A6:U32C33_BB   B 5  ? B 33 ? B 6  ? B 32 ? 
1 A A 6  1_555 A U 32 1_555 A A 7  1_555 A G 31 1_555 -1.063 -1.889 3.122  4.847   -0.100 27.353  -3.913 3.298  2.901  -0.210 
-10.149 27.772  6  BB_A6A7:G31U32_BB   B 6  ? B 32 ? B 7  ? B 31 ? 
1 A A 7  1_555 A G 31 1_555 A A 11 1_555 A U 30 1_555 -3.352 -2.046 3.464  -3.749  -3.306 61.600  -1.823 3.073  3.737  -3.223 
3.654   61.782  7  BB_A7A11:U30G31_BB  B 7  ? B 31 ? B 11 ? B 30 ? 
1 A A 11 1_555 A U 30 1_555 A G 12 1_555 A G 17 1_555 -1.203 -3.251 2.968  4.710   0.065  66.676  -2.954 1.259  2.885  0.059  
-4.280  66.823  8  BB_A11G12:G17U30_BB B 11 ? B 30 ? B 12 ? B 17 ? 
1 A U 14 1_555 A U 21 1_555 A G 9  1_555 A G 22 1_555 -2.546 0.579  -6.098 -6.122  24.042 125.298 0.685  1.517  -5.929 13.478 
3.432   126.678 9  BB_U14G9:G22U21_BB  B 14 ? B 21 ? B 9  ? B 22 ? 
1 A G 9  1_555 A G 22 1_555 A G 13 1_555 A G 18 1_555 -1.627 -3.416 -0.221 -12.531 10.658 179.348 -1.708 0.813  -0.221 5.329  
6.266   179.355 10 BB_G9G13:G18G22_BB  B 9  ? B 22 ? B 13 ? B 18 ? 
1 A A 20 1_555 A A 27 1_555 A G 25 1_555 A G 28 1_555 1.744  -0.011 4.501  2.798   5.034  98.651  -0.119 -1.086 4.533  3.317  
-1.844  98.775  11 BB_A20G25:G28A27_BB B 20 ? B 27 ? B 25 ? B 28 ? 
# 
loop_
_pdbx_entity_nonpoly.entity_id 
_pdbx_entity_nonpoly.name 
_pdbx_entity_nonpoly.comp_id 
2 'MAGNESIUM ION' MG  
3 
;4-[(3-{2,16-dioxo-20-[(3aR,4R,6aS)-2-oxohexahydro-1H-thieno[3,4-d]imidazol-4-yl]-6,9,12-trioxa-3,15-diazaicosan-1-yl}-1,3-benzothiazol-3-ium-2-yl)methyl]-1-methylquinolin-1-ium
;
HZD 
4 'SODIUM ION' NA  
5 'POTASSIUM ION' K   
6 water HOH 
# 
_pdbx_initial_refinement_model.id               1 
_pdbx_initial_refinement_model.entity_id_list   ? 
_pdbx_initial_refinement_model.type             'experimental model' 
_pdbx_initial_refinement_model.source_name      PDB 
_pdbx_initial_refinement_model.accession_code   6E8S 
_pdbx_initial_refinement_model.details          ? 
# 
_pdbx_struct_assembly_auth_evidence.id                     1 
_pdbx_struct_assembly_auth_evidence.assembly_id            1 
_pdbx_struct_assembly_auth_evidence.experimental_support   'light scattering' 
_pdbx_struct_assembly_auth_evidence.details                ? 
# 
_space_group.name_H-M_alt     'I 41 2 2' 
_space_group.name_Hall        'I 4bw 2bw' 
_space_group.IT_number        98 
_space_group.crystal_system   tetragonal 
_space_group.id               1 
# 
